data_5HRJ
# 
_entry.id   5HRJ 
# 
_audit_conform.dict_name       mmcif_pdbx.dic 
_audit_conform.dict_version    5.398 
_audit_conform.dict_location   http://mmcif.pdb.org/dictionaries/ascii/mmcif_pdbx.dic 
# 
loop_
_database_2.database_id 
_database_2.database_code 
_database_2.pdbx_database_accession 
_database_2.pdbx_DOI 
PDB   5HRJ         pdb_00005hrj 10.2210/pdb5hrj/pdb 
WWPDB D_1000217608 ?            ?                   
# 
loop_
_pdbx_audit_revision_history.ordinal 
_pdbx_audit_revision_history.data_content_type 
_pdbx_audit_revision_history.major_revision 
_pdbx_audit_revision_history.minor_revision 
_pdbx_audit_revision_history.revision_date 
1 'Structure model' 1 0 2017-07-19 
2 'Structure model' 1 1 2017-10-04 
3 'Structure model' 1 2 2023-11-08 
4 'Structure model' 1 3 2024-11-13 
# 
_pdbx_audit_revision_details.ordinal             1 
_pdbx_audit_revision_details.revision_ordinal    1 
_pdbx_audit_revision_details.data_content_type   'Structure model' 
_pdbx_audit_revision_details.provider            repository 
_pdbx_audit_revision_details.type                'Initial release' 
_pdbx_audit_revision_details.description         ? 
_pdbx_audit_revision_details.details             ? 
# 
loop_
_pdbx_audit_revision_group.ordinal 
_pdbx_audit_revision_group.revision_ordinal 
_pdbx_audit_revision_group.data_content_type 
_pdbx_audit_revision_group.group 
1 2 'Structure model' 'Data collection'        
2 3 'Structure model' 'Data collection'        
3 3 'Structure model' 'Database references'    
4 3 'Structure model' 'Refinement description' 
5 4 'Structure model' 'Structure summary'      
# 
loop_
_pdbx_audit_revision_category.ordinal 
_pdbx_audit_revision_category.revision_ordinal 
_pdbx_audit_revision_category.data_content_type 
_pdbx_audit_revision_category.category 
1 2 'Structure model' diffrn_detector               
2 3 'Structure model' chem_comp_atom                
3 3 'Structure model' chem_comp_bond                
4 3 'Structure model' database_2                    
5 3 'Structure model' pdbx_initial_refinement_model 
6 4 'Structure model' pdbx_entry_details            
7 4 'Structure model' pdbx_modification_feature     
# 
loop_
_pdbx_audit_revision_item.ordinal 
_pdbx_audit_revision_item.revision_ordinal 
_pdbx_audit_revision_item.data_content_type 
_pdbx_audit_revision_item.item 
1 2 'Structure model' '_diffrn_detector.detector'           
2 3 'Structure model' '_database_2.pdbx_DOI'                
3 3 'Structure model' '_database_2.pdbx_database_accession' 
# 
_pdbx_database_status.status_code                     REL 
_pdbx_database_status.status_code_sf                  REL 
_pdbx_database_status.status_code_mr                  ? 
_pdbx_database_status.entry_id                        5HRJ 
_pdbx_database_status.recvd_initial_deposition_date   2016-01-23 
_pdbx_database_status.SG_entry                        N 
_pdbx_database_status.deposit_site                    RCSB 
_pdbx_database_status.process_site                    PDBJ 
_pdbx_database_status.status_code_cs                  ? 
_pdbx_database_status.methods_development_category    ? 
_pdbx_database_status.pdb_format_compatible           Y 
_pdbx_database_status.status_code_nmr_data            ? 
# 
loop_
_audit_author.name 
_audit_author.pdbx_ordinal 
'Ma, H.'    1 
'Jiang, L.' 2 
'Qiao, S.'  3 
'Zhang, G.' 4 
'Li, R.'    5 
# 
_citation.abstract                  ? 
_citation.abstract_id_CAS           ? 
_citation.book_id_ISBN              ? 
_citation.book_publisher            ? 
_citation.book_publisher_city       ? 
_citation.book_title                ? 
_citation.coordinate_linkage        ? 
_citation.country                   ? 
_citation.database_id_Medline       ? 
_citation.details                   ? 
_citation.id                        primary 
_citation.journal_abbrev            'To Be Published' 
_citation.journal_id_ASTM           ? 
_citation.journal_id_CSD            0353 
_citation.journal_id_ISSN           ? 
_citation.journal_full              ? 
_citation.journal_issue             ? 
_citation.journal_volume            ? 
_citation.language                  ? 
_citation.page_first                ? 
_citation.page_last                 ? 
_citation.title                     'Crystal structure of the scavenger receptor cysteine-rich domain 5 (SRCR5) from porcine CD163' 
_citation.year                      ? 
_citation.database_id_CSD           ? 
_citation.pdbx_database_id_DOI      ? 
_citation.pdbx_database_id_PubMed   ? 
_citation.unpublished_flag          ? 
# 
loop_
_citation_author.citation_id 
_citation_author.name 
_citation_author.ordinal 
_citation_author.identifier_ORCID 
primary 'Ma, H.'    1 ? 
primary 'Jiang, L.' 2 ? 
primary 'Qiao, S.'  3 ? 
primary 'Zhang, G.' 4 ? 
primary 'Li, R.'    5 ? 
# 
loop_
_entity.id 
_entity.type 
_entity.src_method 
_entity.pdbx_description 
_entity.formula_weight 
_entity.pdbx_number_of_molecules 
_entity.pdbx_ec 
_entity.pdbx_mutation 
_entity.pdbx_fragment 
_entity.details 
1 polymer man 'Scavenger receptor cysteine-rich type 1 protein M130' 11636.828 1  ? ? 
'scavenger receptor cysteine-rich domain 5 (SRCR5), UNP residues 477-577' ? 
2 water   nat water                                                  18.015    72 ? ? ? ? 
# 
_entity_poly.entity_id                      1 
_entity_poly.type                           'polypeptide(L)' 
_entity_poly.nstd_linkage                   no 
_entity_poly.nstd_monomer                   no 
_entity_poly.pdbx_seq_one_letter_code       
;PRLVGGDIPCSGRVEVQHGDTWGTVCDSDFSLEAASVLCRELQCGTVVSLLGGAHFGEGSGQIWAEEFQCEGHESHLSLC
PVAPRPDGTCSHSRDVGVVCSVDHHHHHH
;
_entity_poly.pdbx_seq_one_letter_code_can   
;PRLVGGDIPCSGRVEVQHGDTWGTVCDSDFSLEAASVLCRELQCGTVVSLLGGAHFGEGSGQIWAEEFQCEGHESHLSLC
PVAPRPDGTCSHSRDVGVVCSVDHHHHHH
;
_entity_poly.pdbx_strand_id                 A 
_entity_poly.pdbx_target_identifier         ? 
# 
_pdbx_entity_nonpoly.entity_id   2 
_pdbx_entity_nonpoly.name        water 
_pdbx_entity_nonpoly.comp_id     HOH 
# 
loop_
_entity_poly_seq.entity_id 
_entity_poly_seq.num 
_entity_poly_seq.mon_id 
_entity_poly_seq.hetero 
1 1   PRO n 
1 2   ARG n 
1 3   LEU n 
1 4   VAL n 
1 5   GLY n 
1 6   GLY n 
1 7   ASP n 
1 8   ILE n 
1 9   PRO n 
1 10  CYS n 
1 11  SER n 
1 12  GLY n 
1 13  ARG n 
1 14  VAL n 
1 15  GLU n 
1 16  VAL n 
1 17  GLN n 
1 18  HIS n 
1 19  GLY n 
1 20  ASP n 
1 21  THR n 
1 22  TRP n 
1 23  GLY n 
1 24  THR n 
1 25  VAL n 
1 26  CYS n 
1 27  ASP n 
1 28  SER n 
1 29  ASP n 
1 30  PHE n 
1 31  SER n 
1 32  LEU n 
1 33  GLU n 
1 34  ALA n 
1 35  ALA n 
1 36  SER n 
1 37  VAL n 
1 38  LEU n 
1 39  CYS n 
1 40  ARG n 
1 41  GLU n 
1 42  LEU n 
1 43  GLN n 
1 44  CYS n 
1 45  GLY n 
1 46  THR n 
1 47  VAL n 
1 48  VAL n 
1 49  SER n 
1 50  LEU n 
1 51  LEU n 
1 52  GLY n 
1 53  GLY n 
1 54  ALA n 
1 55  HIS n 
1 56  PHE n 
1 57  GLY n 
1 58  GLU n 
1 59  GLY n 
1 60  SER n 
1 61  GLY n 
1 62  GLN n 
1 63  ILE n 
1 64  TRP n 
1 65  ALA n 
1 66  GLU n 
1 67  GLU n 
1 68  PHE n 
1 69  GLN n 
1 70  CYS n 
1 71  GLU n 
1 72  GLY n 
1 73  HIS n 
1 74  GLU n 
1 75  SER n 
1 76  HIS n 
1 77  LEU n 
1 78  SER n 
1 79  LEU n 
1 80  CYS n 
1 81  PRO n 
1 82  VAL n 
1 83  ALA n 
1 84  PRO n 
1 85  ARG n 
1 86  PRO n 
1 87  ASP n 
1 88  GLY n 
1 89  THR n 
1 90  CYS n 
1 91  SER n 
1 92  HIS n 
1 93  SER n 
1 94  ARG n 
1 95  ASP n 
1 96  VAL n 
1 97  GLY n 
1 98  VAL n 
1 99  VAL n 
1 100 CYS n 
1 101 SER n 
1 102 VAL n 
1 103 ASP n 
1 104 HIS n 
1 105 HIS n 
1 106 HIS n 
1 107 HIS n 
1 108 HIS n 
1 109 HIS n 
# 
_entity_src_gen.entity_id                          1 
_entity_src_gen.pdbx_src_id                        1 
_entity_src_gen.pdbx_alt_source_flag               sample 
_entity_src_gen.pdbx_seq_type                      'Biological sequence' 
_entity_src_gen.pdbx_beg_seq_num                   1 
_entity_src_gen.pdbx_end_seq_num                   109 
_entity_src_gen.gene_src_common_name               Pig 
_entity_src_gen.gene_src_genus                     ? 
_entity_src_gen.pdbx_gene_src_gene                 'CD163, M130' 
_entity_src_gen.gene_src_species                   ? 
_entity_src_gen.gene_src_strain                    ? 
_entity_src_gen.gene_src_tissue                    ? 
_entity_src_gen.gene_src_tissue_fraction           ? 
_entity_src_gen.gene_src_details                   ? 
_entity_src_gen.pdbx_gene_src_fragment             ? 
_entity_src_gen.pdbx_gene_src_scientific_name      'Sus scrofa' 
_entity_src_gen.pdbx_gene_src_ncbi_taxonomy_id     9823 
_entity_src_gen.pdbx_gene_src_variant              ? 
_entity_src_gen.pdbx_gene_src_cell_line            ? 
_entity_src_gen.pdbx_gene_src_atcc                 ? 
_entity_src_gen.pdbx_gene_src_organ                ? 
_entity_src_gen.pdbx_gene_src_organelle            ? 
_entity_src_gen.pdbx_gene_src_cell                 ? 
_entity_src_gen.pdbx_gene_src_cellular_location    ? 
_entity_src_gen.host_org_common_name               ? 
_entity_src_gen.pdbx_host_org_scientific_name      'Pichia pastoris' 
_entity_src_gen.pdbx_host_org_ncbi_taxonomy_id     4922 
_entity_src_gen.host_org_genus                     ? 
_entity_src_gen.pdbx_host_org_gene                 ? 
_entity_src_gen.pdbx_host_org_organ                ? 
_entity_src_gen.host_org_species                   ? 
_entity_src_gen.pdbx_host_org_tissue               ? 
_entity_src_gen.pdbx_host_org_tissue_fraction      ? 
_entity_src_gen.pdbx_host_org_strain               X-33 
_entity_src_gen.pdbx_host_org_variant              ? 
_entity_src_gen.pdbx_host_org_cell_line            ? 
_entity_src_gen.pdbx_host_org_atcc                 ? 
_entity_src_gen.pdbx_host_org_culture_collection   ? 
_entity_src_gen.pdbx_host_org_cell                 ? 
_entity_src_gen.pdbx_host_org_organelle            ? 
_entity_src_gen.pdbx_host_org_cellular_location    ? 
_entity_src_gen.pdbx_host_org_vector_type          plasmid 
_entity_src_gen.pdbx_host_org_vector               ? 
_entity_src_gen.host_org_details                   ? 
_entity_src_gen.expression_system_id               ? 
_entity_src_gen.plasmid_name                       pPICZ-alpha-A 
_entity_src_gen.plasmid_details                    ? 
_entity_src_gen.pdbx_description                   ? 
# 
loop_
_chem_comp.id 
_chem_comp.type 
_chem_comp.mon_nstd_flag 
_chem_comp.name 
_chem_comp.pdbx_synonyms 
_chem_comp.formula 
_chem_comp.formula_weight 
ALA 'L-peptide linking' y ALANINE         ? 'C3 H7 N O2'     89.093  
ARG 'L-peptide linking' y ARGININE        ? 'C6 H15 N4 O2 1' 175.209 
ASP 'L-peptide linking' y 'ASPARTIC ACID' ? 'C4 H7 N O4'     133.103 
CYS 'L-peptide linking' y CYSTEINE        ? 'C3 H7 N O2 S'   121.158 
GLN 'L-peptide linking' y GLUTAMINE       ? 'C5 H10 N2 O3'   146.144 
GLU 'L-peptide linking' y 'GLUTAMIC ACID' ? 'C5 H9 N O4'     147.129 
GLY 'peptide linking'   y GLYCINE         ? 'C2 H5 N O2'     75.067  
HIS 'L-peptide linking' y HISTIDINE       ? 'C6 H10 N3 O2 1' 156.162 
HOH non-polymer         . WATER           ? 'H2 O'           18.015  
ILE 'L-peptide linking' y ISOLEUCINE      ? 'C6 H13 N O2'    131.173 
LEU 'L-peptide linking' y LEUCINE         ? 'C6 H13 N O2'    131.173 
PHE 'L-peptide linking' y PHENYLALANINE   ? 'C9 H11 N O2'    165.189 
PRO 'L-peptide linking' y PROLINE         ? 'C5 H9 N O2'     115.130 
SER 'L-peptide linking' y SERINE          ? 'C3 H7 N O3'     105.093 
THR 'L-peptide linking' y THREONINE       ? 'C4 H9 N O3'     119.119 
TRP 'L-peptide linking' y TRYPTOPHAN      ? 'C11 H12 N2 O2'  204.225 
VAL 'L-peptide linking' y VALINE          ? 'C5 H11 N O2'    117.146 
# 
loop_
_pdbx_poly_seq_scheme.asym_id 
_pdbx_poly_seq_scheme.entity_id 
_pdbx_poly_seq_scheme.seq_id 
_pdbx_poly_seq_scheme.mon_id 
_pdbx_poly_seq_scheme.ndb_seq_num 
_pdbx_poly_seq_scheme.pdb_seq_num 
_pdbx_poly_seq_scheme.auth_seq_num 
_pdbx_poly_seq_scheme.pdb_mon_id 
_pdbx_poly_seq_scheme.auth_mon_id 
_pdbx_poly_seq_scheme.pdb_strand_id 
_pdbx_poly_seq_scheme.pdb_ins_code 
_pdbx_poly_seq_scheme.hetero 
A 1 1   PRO 1   477 477 PRO PRO A . n 
A 1 2   ARG 2   478 478 ARG ARG A . n 
A 1 3   LEU 3   479 479 LEU LEU A . n 
A 1 4   VAL 4   480 480 VAL VAL A . n 
A 1 5   GLY 5   481 481 GLY GLY A . n 
A 1 6   GLY 6   482 482 GLY GLY A . n 
A 1 7   ASP 7   483 483 ASP ASP A . n 
A 1 8   ILE 8   484 484 ILE ILE A . n 
A 1 9   PRO 9   485 485 PRO PRO A . n 
A 1 10  CYS 10  486 486 CYS CYS A . n 
A 1 11  SER 11  487 487 SER SER A . n 
A 1 12  GLY 12  488 488 GLY GLY A . n 
A 1 13  ARG 13  489 489 ARG ARG A . n 
A 1 14  VAL 14  490 490 VAL VAL A . n 
A 1 15  GLU 15  491 491 GLU GLU A . n 
A 1 16  VAL 16  492 492 VAL VAL A . n 
A 1 17  GLN 17  493 493 GLN GLN A . n 
A 1 18  HIS 18  494 494 HIS HIS A . n 
A 1 19  GLY 19  495 495 GLY GLY A . n 
A 1 20  ASP 20  496 496 ASP ASP A . n 
A 1 21  THR 21  497 497 THR THR A . n 
A 1 22  TRP 22  498 498 TRP TRP A . n 
A 1 23  GLY 23  499 499 GLY GLY A . n 
A 1 24  THR 24  500 500 THR THR A . n 
A 1 25  VAL 25  501 501 VAL VAL A . n 
A 1 26  CYS 26  502 502 CYS CYS A . n 
A 1 27  ASP 27  503 503 ASP ASP A . n 
A 1 28  SER 28  504 504 SER SER A . n 
A 1 29  ASP 29  505 505 ASP ASP A . n 
A 1 30  PHE 30  506 506 PHE PHE A . n 
A 1 31  SER 31  507 507 SER SER A . n 
A 1 32  LEU 32  508 508 LEU LEU A . n 
A 1 33  GLU 33  509 509 GLU GLU A . n 
A 1 34  ALA 34  510 510 ALA ALA A . n 
A 1 35  ALA 35  511 511 ALA ALA A . n 
A 1 36  SER 36  512 512 SER SER A . n 
A 1 37  VAL 37  513 513 VAL VAL A . n 
A 1 38  LEU 38  514 514 LEU LEU A . n 
A 1 39  CYS 39  515 515 CYS CYS A . n 
A 1 40  ARG 40  516 516 ARG ARG A . n 
A 1 41  GLU 41  517 517 GLU GLU A . n 
A 1 42  LEU 42  518 518 LEU LEU A . n 
A 1 43  GLN 43  519 519 GLN GLN A . n 
A 1 44  CYS 44  520 520 CYS CYS A . n 
A 1 45  GLY 45  521 521 GLY GLY A . n 
A 1 46  THR 46  522 522 THR THR A . n 
A 1 47  VAL 47  523 523 VAL VAL A . n 
A 1 48  VAL 48  524 524 VAL VAL A . n 
A 1 49  SER 49  525 525 SER SER A . n 
A 1 50  LEU 50  526 526 LEU LEU A . n 
A 1 51  LEU 51  527 527 LEU LEU A . n 
A 1 52  GLY 52  528 528 GLY GLY A . n 
A 1 53  GLY 53  529 529 GLY GLY A . n 
A 1 54  ALA 54  530 530 ALA ALA A . n 
A 1 55  HIS 55  531 531 HIS HIS A . n 
A 1 56  PHE 56  532 532 PHE PHE A . n 
A 1 57  GLY 57  533 533 GLY GLY A . n 
A 1 58  GLU 58  534 534 GLU GLU A . n 
A 1 59  GLY 59  535 535 GLY GLY A . n 
A 1 60  SER 60  536 536 SER SER A . n 
A 1 61  GLY 61  537 537 GLY GLY A . n 
A 1 62  GLN 62  538 538 GLN GLN A . n 
A 1 63  ILE 63  539 539 ILE ILE A . n 
A 1 64  TRP 64  540 540 TRP TRP A . n 
A 1 65  ALA 65  541 541 ALA ALA A . n 
A 1 66  GLU 66  542 542 GLU GLU A . n 
A 1 67  GLU 67  543 543 GLU GLU A . n 
A 1 68  PHE 68  544 544 PHE PHE A . n 
A 1 69  GLN 69  545 545 GLN GLN A . n 
A 1 70  CYS 70  546 546 CYS CYS A . n 
A 1 71  GLU 71  547 547 GLU GLU A . n 
A 1 72  GLY 72  548 548 GLY GLY A . n 
A 1 73  HIS 73  549 549 HIS HIS A . n 
A 1 74  GLU 74  550 550 GLU GLU A . n 
A 1 75  SER 75  551 551 SER SER A . n 
A 1 76  HIS 76  552 552 HIS HIS A . n 
A 1 77  LEU 77  553 553 LEU LEU A . n 
A 1 78  SER 78  554 554 SER SER A . n 
A 1 79  LEU 79  555 555 LEU LEU A . n 
A 1 80  CYS 80  556 556 CYS CYS A . n 
A 1 81  PRO 81  557 557 PRO PRO A . n 
A 1 82  VAL 82  558 558 VAL VAL A . n 
A 1 83  ALA 83  559 559 ALA ALA A . n 
A 1 84  PRO 84  560 560 PRO PRO A . n 
A 1 85  ARG 85  561 561 ARG ARG A . n 
A 1 86  PRO 86  562 562 PRO PRO A . n 
A 1 87  ASP 87  563 563 ASP ASP A . n 
A 1 88  GLY 88  564 564 GLY GLY A . n 
A 1 89  THR 89  565 565 THR THR A . n 
A 1 90  CYS 90  566 566 CYS CYS A . n 
A 1 91  SER 91  567 567 SER SER A . n 
A 1 92  HIS 92  568 568 HIS HIS A . n 
A 1 93  SER 93  569 569 SER SER A . n 
A 1 94  ARG 94  570 570 ARG ARG A . n 
A 1 95  ASP 95  571 571 ASP ASP A . n 
A 1 96  VAL 96  572 572 VAL VAL A . n 
A 1 97  GLY 97  573 573 GLY GLY A . n 
A 1 98  VAL 98  574 574 VAL VAL A . n 
A 1 99  VAL 99  575 575 VAL VAL A . n 
A 1 100 CYS 100 576 576 CYS CYS A . n 
A 1 101 SER 101 577 577 SER SER A . n 
A 1 102 VAL 102 578 ?   ?   ?   A . n 
A 1 103 ASP 103 579 ?   ?   ?   A . n 
A 1 104 HIS 104 580 ?   ?   ?   A . n 
A 1 105 HIS 105 581 ?   ?   ?   A . n 
A 1 106 HIS 106 582 ?   ?   ?   A . n 
A 1 107 HIS 107 583 ?   ?   ?   A . n 
A 1 108 HIS 108 584 ?   ?   ?   A . n 
A 1 109 HIS 109 585 ?   ?   ?   A . n 
# 
loop_
_pdbx_nonpoly_scheme.asym_id 
_pdbx_nonpoly_scheme.entity_id 
_pdbx_nonpoly_scheme.mon_id 
_pdbx_nonpoly_scheme.ndb_seq_num 
_pdbx_nonpoly_scheme.pdb_seq_num 
_pdbx_nonpoly_scheme.auth_seq_num 
_pdbx_nonpoly_scheme.pdb_mon_id 
_pdbx_nonpoly_scheme.auth_mon_id 
_pdbx_nonpoly_scheme.pdb_strand_id 
_pdbx_nonpoly_scheme.pdb_ins_code 
B 2 HOH 1  601 5  HOH HOH A . 
B 2 HOH 2  602 25 HOH HOH A . 
B 2 HOH 3  603 72 HOH HOH A . 
B 2 HOH 4  604 24 HOH HOH A . 
B 2 HOH 5  605 3  HOH HOH A . 
B 2 HOH 6  606 8  HOH HOH A . 
B 2 HOH 7  607 55 HOH HOH A . 
B 2 HOH 8  608 28 HOH HOH A . 
B 2 HOH 9  609 35 HOH HOH A . 
B 2 HOH 10 610 19 HOH HOH A . 
B 2 HOH 11 611 20 HOH HOH A . 
B 2 HOH 12 612 15 HOH HOH A . 
B 2 HOH 13 613 12 HOH HOH A . 
B 2 HOH 14 614 9  HOH HOH A . 
B 2 HOH 15 615 11 HOH HOH A . 
B 2 HOH 16 616 14 HOH HOH A . 
B 2 HOH 17 617 27 HOH HOH A . 
B 2 HOH 18 618 46 HOH HOH A . 
B 2 HOH 19 619 26 HOH HOH A . 
B 2 HOH 20 620 44 HOH HOH A . 
B 2 HOH 21 621 22 HOH HOH A . 
B 2 HOH 22 622 30 HOH HOH A . 
B 2 HOH 23 623 21 HOH HOH A . 
B 2 HOH 24 624 33 HOH HOH A . 
B 2 HOH 25 625 1  HOH HOH A . 
B 2 HOH 26 626 4  HOH HOH A . 
B 2 HOH 27 627 56 HOH HOH A . 
B 2 HOH 28 628 34 HOH HOH A . 
B 2 HOH 29 629 54 HOH HOH A . 
B 2 HOH 30 630 48 HOH HOH A . 
B 2 HOH 31 631 13 HOH HOH A . 
B 2 HOH 32 632 2  HOH HOH A . 
B 2 HOH 33 633 10 HOH HOH A . 
B 2 HOH 34 634 60 HOH HOH A . 
B 2 HOH 35 635 17 HOH HOH A . 
B 2 HOH 36 636 41 HOH HOH A . 
B 2 HOH 37 637 7  HOH HOH A . 
B 2 HOH 38 638 62 HOH HOH A . 
B 2 HOH 39 639 6  HOH HOH A . 
B 2 HOH 40 640 45 HOH HOH A . 
B 2 HOH 41 641 23 HOH HOH A . 
B 2 HOH 42 642 36 HOH HOH A . 
B 2 HOH 43 643 18 HOH HOH A . 
B 2 HOH 44 644 47 HOH HOH A . 
B 2 HOH 45 645 40 HOH HOH A . 
B 2 HOH 46 646 43 HOH HOH A . 
B 2 HOH 47 647 57 HOH HOH A . 
B 2 HOH 48 648 31 HOH HOH A . 
B 2 HOH 49 649 52 HOH HOH A . 
B 2 HOH 50 650 29 HOH HOH A . 
B 2 HOH 51 651 61 HOH HOH A . 
B 2 HOH 52 652 70 HOH HOH A . 
B 2 HOH 53 653 63 HOH HOH A . 
B 2 HOH 54 654 42 HOH HOH A . 
B 2 HOH 55 655 16 HOH HOH A . 
B 2 HOH 56 656 64 HOH HOH A . 
B 2 HOH 57 657 39 HOH HOH A . 
B 2 HOH 58 658 50 HOH HOH A . 
B 2 HOH 59 659 65 HOH HOH A . 
B 2 HOH 60 660 49 HOH HOH A . 
B 2 HOH 61 661 66 HOH HOH A . 
B 2 HOH 62 662 58 HOH HOH A . 
B 2 HOH 63 663 68 HOH HOH A . 
B 2 HOH 64 664 37 HOH HOH A . 
B 2 HOH 65 665 67 HOH HOH A . 
B 2 HOH 66 666 59 HOH HOH A . 
B 2 HOH 67 667 69 HOH HOH A . 
B 2 HOH 68 668 38 HOH HOH A . 
B 2 HOH 69 669 32 HOH HOH A . 
B 2 HOH 70 670 53 HOH HOH A . 
B 2 HOH 71 671 51 HOH HOH A . 
B 2 HOH 72 672 71 HOH HOH A . 
# 
loop_
_software.citation_id 
_software.classification 
_software.compiler_name 
_software.compiler_version 
_software.contact_author 
_software.contact_author_email 
_software.date 
_software.description 
_software.dependencies 
_software.hardware 
_software.language 
_software.location 
_software.mods 
_software.name 
_software.os 
_software.os_version 
_software.type 
_software.version 
_software.pdbx_ordinal 
? refinement        ? ? ? ? ? ? ? ? ? ? ? REFMAC   ? ? ? 5.8.0103 1 
? 'data collection' ? ? ? ? ? ? ? ? ? ? ? HKL-3000 ? ? ? .        2 
? 'data scaling'    ? ? ? ? ? ? ? ? ? ? ? XDS      ? ? ? .        3 
# 
_cell.angle_alpha                  90.00 
_cell.angle_alpha_esd              ? 
_cell.angle_beta                   90.00 
_cell.angle_beta_esd               ? 
_cell.angle_gamma                  90.00 
_cell.angle_gamma_esd              ? 
_cell.entry_id                     5HRJ 
_cell.details                      ? 
_cell.formula_units_Z              ? 
_cell.length_a                     29.720 
_cell.length_a_esd                 ? 
_cell.length_b                     73.010 
_cell.length_b_esd                 ? 
_cell.length_c                     87.400 
_cell.length_c_esd                 ? 
_cell.volume                       ? 
_cell.volume_esd                   ? 
_cell.Z_PDB                        8 
_cell.reciprocal_angle_alpha       ? 
_cell.reciprocal_angle_beta        ? 
_cell.reciprocal_angle_gamma       ? 
_cell.reciprocal_angle_alpha_esd   ? 
_cell.reciprocal_angle_beta_esd    ? 
_cell.reciprocal_angle_gamma_esd   ? 
_cell.reciprocal_length_a          ? 
_cell.reciprocal_length_b          ? 
_cell.reciprocal_length_c          ? 
_cell.reciprocal_length_a_esd      ? 
_cell.reciprocal_length_b_esd      ? 
_cell.reciprocal_length_c_esd      ? 
_cell.pdbx_unique_axis             ? 
# 
_symmetry.entry_id                         5HRJ 
_symmetry.cell_setting                     ? 
_symmetry.Int_Tables_number                20 
_symmetry.space_group_name_Hall            ? 
_symmetry.space_group_name_H-M             'C 2 2 21' 
_symmetry.pdbx_full_space_group_name_H-M   ? 
# 
_exptl.absorpt_coefficient_mu     ? 
_exptl.absorpt_correction_T_max   ? 
_exptl.absorpt_correction_T_min   ? 
_exptl.absorpt_correction_type    ? 
_exptl.absorpt_process_details    ? 
_exptl.entry_id                   5HRJ 
_exptl.crystals_number            1 
_exptl.details                    ? 
_exptl.method                     'X-RAY DIFFRACTION' 
_exptl.method_details             ? 
# 
_exptl_crystal.colour                      ? 
_exptl_crystal.density_diffrn              ? 
_exptl_crystal.density_Matthews            1.96 
_exptl_crystal.density_method              ? 
_exptl_crystal.density_percent_sol         37.30 
_exptl_crystal.description                 ? 
_exptl_crystal.F_000                       ? 
_exptl_crystal.id                          1 
_exptl_crystal.preparation                 ? 
_exptl_crystal.size_max                    ? 
_exptl_crystal.size_mid                    ? 
_exptl_crystal.size_min                    ? 
_exptl_crystal.size_rad                    ? 
_exptl_crystal.colour_lustre               ? 
_exptl_crystal.colour_modifier             ? 
_exptl_crystal.colour_primary              ? 
_exptl_crystal.density_meas                ? 
_exptl_crystal.density_meas_esd            ? 
_exptl_crystal.density_meas_gt             ? 
_exptl_crystal.density_meas_lt             ? 
_exptl_crystal.density_meas_temp           ? 
_exptl_crystal.density_meas_temp_esd       ? 
_exptl_crystal.density_meas_temp_gt        ? 
_exptl_crystal.density_meas_temp_lt        ? 
_exptl_crystal.pdbx_crystal_image_url      ? 
_exptl_crystal.pdbx_crystal_image_format   ? 
_exptl_crystal.pdbx_mosaicity              ? 
_exptl_crystal.pdbx_mosaicity_esd          ? 
# 
_exptl_crystal_grow.apparatus       ? 
_exptl_crystal_grow.atmosphere      ? 
_exptl_crystal_grow.crystal_id      1 
_exptl_crystal_grow.details         ? 
_exptl_crystal_grow.method          'VAPOR DIFFUSION, SITTING DROP' 
_exptl_crystal_grow.method_ref      ? 
_exptl_crystal_grow.pH              4.6 
_exptl_crystal_grow.pressure        ? 
_exptl_crystal_grow.pressure_esd    ? 
_exptl_crystal_grow.seeding         ? 
_exptl_crystal_grow.seeding_ref     ? 
_exptl_crystal_grow.temp            298 
_exptl_crystal_grow.temp_details    ? 
_exptl_crystal_grow.temp_esd        ? 
_exptl_crystal_grow.time            ? 
_exptl_crystal_grow.pdbx_details    '25% (w/v) PEG 4000, 200mM (NH4)2SO4, 100mM sodium acetate, pH 4.6' 
_exptl_crystal_grow.pdbx_pH_range   ? 
# 
_diffrn.ambient_environment    ? 
_diffrn.ambient_temp           100 
_diffrn.ambient_temp_details   ? 
_diffrn.ambient_temp_esd       ? 
_diffrn.crystal_id             1 
_diffrn.crystal_support        ? 
_diffrn.crystal_treatment      ? 
_diffrn.details                ? 
_diffrn.id                     1 
_diffrn.ambient_pressure       ? 
_diffrn.ambient_pressure_esd   ? 
_diffrn.ambient_pressure_gt    ? 
_diffrn.ambient_pressure_lt    ? 
_diffrn.ambient_temp_gt        ? 
_diffrn.ambient_temp_lt        ? 
# 
_diffrn_detector.details                      ? 
_diffrn_detector.detector                     PIXEL 
_diffrn_detector.diffrn_id                    1 
_diffrn_detector.type                         'DECTRIS PILATUS3 6M' 
_diffrn_detector.area_resol_mean              ? 
_diffrn_detector.dtime                        ? 
_diffrn_detector.pdbx_frames_total            ? 
_diffrn_detector.pdbx_collection_time_total   ? 
_diffrn_detector.pdbx_collection_date         2015-10-14 
# 
_diffrn_radiation.collimation                      ? 
_diffrn_radiation.diffrn_id                        1 
_diffrn_radiation.filter_edge                      ? 
_diffrn_radiation.inhomogeneity                    ? 
_diffrn_radiation.monochromator                    ? 
_diffrn_radiation.polarisn_norm                    ? 
_diffrn_radiation.polarisn_ratio                   ? 
_diffrn_radiation.probe                            ? 
_diffrn_radiation.type                             ? 
_diffrn_radiation.xray_symbol                      ? 
_diffrn_radiation.wavelength_id                    1 
_diffrn_radiation.pdbx_monochromatic_or_laue_m_l   M 
_diffrn_radiation.pdbx_wavelength_list             ? 
_diffrn_radiation.pdbx_wavelength                  ? 
_diffrn_radiation.pdbx_diffrn_protocol             'SINGLE WAVELENGTH' 
_diffrn_radiation.pdbx_analyzer                    ? 
_diffrn_radiation.pdbx_scattering_type             x-ray 
# 
_diffrn_radiation_wavelength.id           1 
_diffrn_radiation_wavelength.wavelength   0.979 
_diffrn_radiation_wavelength.wt           1.0 
# 
_diffrn_source.current                     ? 
_diffrn_source.details                     ? 
_diffrn_source.diffrn_id                   1 
_diffrn_source.power                       ? 
_diffrn_source.size                        ? 
_diffrn_source.source                      SYNCHROTRON 
_diffrn_source.target                      ? 
_diffrn_source.type                        'NFPSS BEAMLINE BL19U1' 
_diffrn_source.voltage                     ? 
_diffrn_source.take-off_angle              ? 
_diffrn_source.pdbx_wavelength_list        0.979 
_diffrn_source.pdbx_wavelength             ? 
_diffrn_source.pdbx_synchrotron_beamline   BL19U1 
_diffrn_source.pdbx_synchrotron_site       NFPSS 
# 
_reflns.B_iso_Wilson_estimate            ? 
_reflns.entry_id                         5HRJ 
_reflns.data_reduction_details           ? 
_reflns.data_reduction_method            ? 
_reflns.d_resolution_high                1.80 
_reflns.d_resolution_low                 29.1 
_reflns.details                          ? 
_reflns.limit_h_max                      ? 
_reflns.limit_h_min                      ? 
_reflns.limit_k_max                      ? 
_reflns.limit_k_min                      ? 
_reflns.limit_l_max                      ? 
_reflns.limit_l_min                      ? 
_reflns.number_all                       ? 
_reflns.number_obs                       8953 
_reflns.observed_criterion               ? 
_reflns.observed_criterion_F_max         ? 
_reflns.observed_criterion_F_min         ? 
_reflns.observed_criterion_I_max         ? 
_reflns.observed_criterion_I_min         ? 
_reflns.observed_criterion_sigma_F       ? 
_reflns.observed_criterion_sigma_I       ? 
_reflns.percent_possible_obs             97.7 
_reflns.R_free_details                   ? 
_reflns.Rmerge_F_all                     ? 
_reflns.Rmerge_F_obs                     ? 
_reflns.Friedel_coverage                 ? 
_reflns.number_gt                        ? 
_reflns.threshold_expression             ? 
_reflns.pdbx_redundancy                  13.1 
_reflns.pdbx_Rmerge_I_obs                ? 
_reflns.pdbx_Rmerge_I_all                ? 
_reflns.pdbx_Rsym_value                  ? 
_reflns.pdbx_netI_over_av_sigmaI         ? 
_reflns.pdbx_netI_over_sigmaI            29.1 
_reflns.pdbx_res_netI_over_av_sigmaI_2   ? 
_reflns.pdbx_res_netI_over_sigmaI_2      ? 
_reflns.pdbx_chi_squared                 ? 
_reflns.pdbx_scaling_rejects             ? 
_reflns.pdbx_d_res_high_opt              ? 
_reflns.pdbx_d_res_low_opt               ? 
_reflns.pdbx_d_res_opt_method            ? 
_reflns.phase_calculation_details        ? 
_reflns.pdbx_Rrim_I_all                  ? 
_reflns.pdbx_Rpim_I_all                  ? 
_reflns.pdbx_d_opt                       ? 
_reflns.pdbx_number_measured_all         ? 
_reflns.pdbx_diffrn_id                   1 
_reflns.pdbx_ordinal                     1 
_reflns.pdbx_CC_half                     ? 
_reflns.pdbx_R_split                     ? 
# 
_reflns_shell.d_res_high                  . 
_reflns_shell.d_res_low                   ? 
_reflns_shell.meanI_over_sigI_all         ? 
_reflns_shell.meanI_over_sigI_obs         ? 
_reflns_shell.number_measured_all         ? 
_reflns_shell.number_measured_obs         ? 
_reflns_shell.number_possible             ? 
_reflns_shell.number_unique_all           ? 
_reflns_shell.number_unique_obs           ? 
_reflns_shell.percent_possible_all        ? 
_reflns_shell.percent_possible_obs        ? 
_reflns_shell.Rmerge_F_all                ? 
_reflns_shell.Rmerge_F_obs                ? 
_reflns_shell.Rmerge_I_all                ? 
_reflns_shell.Rmerge_I_obs                ? 
_reflns_shell.meanI_over_sigI_gt          ? 
_reflns_shell.meanI_over_uI_all           ? 
_reflns_shell.meanI_over_uI_gt            ? 
_reflns_shell.number_measured_gt          ? 
_reflns_shell.number_unique_gt            ? 
_reflns_shell.percent_possible_gt         ? 
_reflns_shell.Rmerge_F_gt                 ? 
_reflns_shell.Rmerge_I_gt                 ? 
_reflns_shell.pdbx_redundancy             ? 
_reflns_shell.pdbx_Rsym_value             ? 
_reflns_shell.pdbx_chi_squared            ? 
_reflns_shell.pdbx_netI_over_sigmaI_all   ? 
_reflns_shell.pdbx_netI_over_sigmaI_obs   ? 
_reflns_shell.pdbx_Rrim_I_all             ? 
_reflns_shell.pdbx_Rpim_I_all             ? 
_reflns_shell.pdbx_rejects                ? 
_reflns_shell.pdbx_ordinal                1 
_reflns_shell.pdbx_diffrn_id              1 
_reflns_shell.pdbx_CC_half                ? 
_reflns_shell.pdbx_R_split                ? 
# 
_refine.aniso_B[1][1]                            -0.57 
_refine.aniso_B[1][2]                            0.00 
_refine.aniso_B[1][3]                            -0.00 
_refine.aniso_B[2][2]                            -0.95 
_refine.aniso_B[2][3]                            0.00 
_refine.aniso_B[3][3]                            1.52 
_refine.B_iso_max                                ? 
_refine.B_iso_mean                               16.370 
_refine.B_iso_min                                ? 
_refine.correlation_coeff_Fo_to_Fc               0.917 
_refine.correlation_coeff_Fo_to_Fc_free          0.873 
_refine.details                                  'HYDROGENS HAVE BEEN ADDED IN THE RIDING POSITIONS' 
_refine.diff_density_max                         ? 
_refine.diff_density_max_esd                     ? 
_refine.diff_density_min                         ? 
_refine.diff_density_min_esd                     ? 
_refine.diff_density_rms                         ? 
_refine.diff_density_rms_esd                     ? 
_refine.entry_id                                 5HRJ 
_refine.pdbx_refine_id                           'X-RAY DIFFRACTION' 
_refine.ls_abs_structure_details                 ? 
_refine.ls_abs_structure_Flack                   ? 
_refine.ls_abs_structure_Flack_esd               ? 
_refine.ls_abs_structure_Rogers                  ? 
_refine.ls_abs_structure_Rogers_esd              ? 
_refine.ls_d_res_high                            1.80 
_refine.ls_d_res_low                             29.1 
_refine.ls_extinction_coef                       ? 
_refine.ls_extinction_coef_esd                   ? 
_refine.ls_extinction_expression                 ? 
_refine.ls_extinction_method                     ? 
_refine.ls_goodness_of_fit_all                   ? 
_refine.ls_goodness_of_fit_all_esd               ? 
_refine.ls_goodness_of_fit_obs                   ? 
_refine.ls_goodness_of_fit_obs_esd               ? 
_refine.ls_hydrogen_treatment                    ? 
_refine.ls_matrix_type                           ? 
_refine.ls_number_constraints                    ? 
_refine.ls_number_parameters                     ? 
_refine.ls_number_reflns_all                     ? 
_refine.ls_number_reflns_obs                     8487 
_refine.ls_number_reflns_R_free                  443 
_refine.ls_number_reflns_R_work                  ? 
_refine.ls_number_restraints                     ? 
_refine.ls_percent_reflns_obs                    97.24 
_refine.ls_percent_reflns_R_free                 5.0 
_refine.ls_R_factor_all                          ? 
_refine.ls_R_factor_obs                          0.21495 
_refine.ls_R_factor_R_free                       0.25341 
_refine.ls_R_factor_R_free_error                 ? 
_refine.ls_R_factor_R_free_error_details         ? 
_refine.ls_R_factor_R_work                       0.21300 
_refine.ls_R_Fsqd_factor_obs                     ? 
_refine.ls_R_I_factor_obs                        ? 
_refine.ls_redundancy_reflns_all                 ? 
_refine.ls_redundancy_reflns_obs                 ? 
_refine.ls_restrained_S_all                      ? 
_refine.ls_restrained_S_obs                      ? 
_refine.ls_shift_over_esd_max                    ? 
_refine.ls_shift_over_esd_mean                   ? 
_refine.ls_structure_factor_coef                 ? 
_refine.ls_weighting_details                     ? 
_refine.ls_weighting_scheme                      ? 
_refine.ls_wR_factor_all                         ? 
_refine.ls_wR_factor_obs                         ? 
_refine.ls_wR_factor_R_free                      ? 
_refine.ls_wR_factor_R_work                      ? 
_refine.occupancy_max                            ? 
_refine.occupancy_min                            ? 
_refine.solvent_model_details                    ? 
_refine.solvent_model_param_bsol                 ? 
_refine.solvent_model_param_ksol                 ? 
_refine.ls_R_factor_gt                           ? 
_refine.ls_goodness_of_fit_gt                    ? 
_refine.ls_goodness_of_fit_ref                   ? 
_refine.ls_shift_over_su_max                     ? 
_refine.ls_shift_over_su_max_lt                  ? 
_refine.ls_shift_over_su_mean                    ? 
_refine.ls_shift_over_su_mean_lt                 ? 
_refine.pdbx_ls_sigma_I                          ? 
_refine.pdbx_ls_sigma_F                          ? 
_refine.pdbx_ls_sigma_Fsqd                       ? 
_refine.pdbx_data_cutoff_high_absF               ? 
_refine.pdbx_data_cutoff_high_rms_absF           ? 
_refine.pdbx_data_cutoff_low_absF                ? 
_refine.pdbx_isotropic_thermal_model             ? 
_refine.pdbx_ls_cross_valid_method               THROUGHOUT 
_refine.pdbx_method_to_determine_struct          'MOLECULAR REPLACEMENT' 
_refine.pdbx_starting_model                      1BY2 
_refine.pdbx_stereochemistry_target_values       ? 
_refine.pdbx_R_Free_selection_details            RANDOM 
_refine.pdbx_stereochem_target_val_spec_case     ? 
_refine.pdbx_overall_ESU_R                       0.156 
_refine.pdbx_overall_ESU_R_Free                  0.145 
_refine.pdbx_solvent_vdw_probe_radii             1.20 
_refine.pdbx_solvent_ion_probe_radii             0.80 
_refine.pdbx_solvent_shrinkage_radii             0.80 
_refine.pdbx_real_space_R                        ? 
_refine.pdbx_density_correlation                 ? 
_refine.pdbx_pd_number_of_powder_patterns        ? 
_refine.pdbx_pd_number_of_points                 ? 
_refine.pdbx_pd_meas_number_of_points            ? 
_refine.pdbx_pd_proc_ls_prof_R_factor            ? 
_refine.pdbx_pd_proc_ls_prof_wR_factor           ? 
_refine.pdbx_pd_Marquardt_correlation_coeff      ? 
_refine.pdbx_pd_Fsqrd_R_factor                   ? 
_refine.pdbx_pd_ls_matrix_band_width             ? 
_refine.pdbx_overall_phase_error                 ? 
_refine.pdbx_overall_SU_R_free_Cruickshank_DPI   ? 
_refine.pdbx_overall_SU_R_free_Blow_DPI          ? 
_refine.pdbx_overall_SU_R_Blow_DPI               ? 
_refine.pdbx_TLS_residual_ADP_flag               ? 
_refine.pdbx_diffrn_id                           1 
_refine.overall_SU_B                             2.888 
_refine.overall_SU_ML                            0.093 
_refine.overall_SU_R_Cruickshank_DPI             ? 
_refine.overall_SU_R_free                        ? 
_refine.overall_FOM_free_R_set                   ? 
_refine.overall_FOM_work_R_set                   ? 
_refine.pdbx_average_fsc_overall                 ? 
_refine.pdbx_average_fsc_work                    ? 
_refine.pdbx_average_fsc_free                    ? 
# 
_refine_hist.pdbx_refine_id                   'X-RAY DIFFRACTION' 
_refine_hist.cycle_id                         1 
_refine_hist.pdbx_number_atoms_protein        737 
_refine_hist.pdbx_number_atoms_nucleic_acid   0 
_refine_hist.pdbx_number_atoms_ligand         0 
_refine_hist.number_atoms_solvent             72 
_refine_hist.number_atoms_total               809 
_refine_hist.d_res_high                       1.80 
_refine_hist.d_res_low                        29.1 
# 
loop_
_refine_ls_restr.pdbx_refine_id 
_refine_ls_restr.criterion 
_refine_ls_restr.dev_ideal 
_refine_ls_restr.dev_ideal_target 
_refine_ls_restr.number 
_refine_ls_restr.rejects 
_refine_ls_restr.type 
_refine_ls_restr.weight 
_refine_ls_restr.pdbx_restraint_function 
'X-RAY DIFFRACTION' ? 0.008  0.019  757  ? r_bond_refined_d             ? ? 
'X-RAY DIFFRACTION' ? 0.003  0.020  669  ? r_bond_other_d               ? ? 
'X-RAY DIFFRACTION' ? 1.333  1.933  1030 ? r_angle_refined_deg          ? ? 
'X-RAY DIFFRACTION' ? 0.925  3.000  1548 ? r_angle_other_deg            ? ? 
'X-RAY DIFFRACTION' ? 7.579  5.000  100  ? r_dihedral_angle_1_deg       ? ? 
'X-RAY DIFFRACTION' ? 26.722 23.939 33   ? r_dihedral_angle_2_deg       ? ? 
'X-RAY DIFFRACTION' ? 12.782 15.000 109  ? r_dihedral_angle_3_deg       ? ? 
'X-RAY DIFFRACTION' ? 17.037 15.000 5    ? r_dihedral_angle_4_deg       ? ? 
'X-RAY DIFFRACTION' ? 0.080  0.200  112  ? r_chiral_restr               ? ? 
'X-RAY DIFFRACTION' ? 0.005  0.021  880  ? r_gen_planes_refined         ? ? 
'X-RAY DIFFRACTION' ? 0.001  0.020  171  ? r_gen_planes_other           ? ? 
'X-RAY DIFFRACTION' ? ?      ?      ?    ? r_nbd_refined                ? ? 
'X-RAY DIFFRACTION' ? ?      ?      ?    ? r_nbd_other                  ? ? 
'X-RAY DIFFRACTION' ? ?      ?      ?    ? r_nbtor_refined              ? ? 
'X-RAY DIFFRACTION' ? ?      ?      ?    ? r_nbtor_other                ? ? 
'X-RAY DIFFRACTION' ? ?      ?      ?    ? r_xyhbond_nbd_refined        ? ? 
'X-RAY DIFFRACTION' ? ?      ?      ?    ? r_xyhbond_nbd_other          ? ? 
'X-RAY DIFFRACTION' ? ?      ?      ?    ? r_metal_ion_refined          ? ? 
'X-RAY DIFFRACTION' ? ?      ?      ?    ? r_metal_ion_other            ? ? 
'X-RAY DIFFRACTION' ? ?      ?      ?    ? r_symmetry_vdw_refined       ? ? 
'X-RAY DIFFRACTION' ? ?      ?      ?    ? r_symmetry_vdw_other         ? ? 
'X-RAY DIFFRACTION' ? ?      ?      ?    ? r_symmetry_hbond_refined     ? ? 
'X-RAY DIFFRACTION' ? ?      ?      ?    ? r_symmetry_hbond_other       ? ? 
'X-RAY DIFFRACTION' ? ?      ?      ?    ? r_symmetry_metal_ion_refined ? ? 
'X-RAY DIFFRACTION' ? ?      ?      ?    ? r_symmetry_metal_ion_other   ? ? 
'X-RAY DIFFRACTION' ? 1.080  1.494  403  ? r_mcbond_it                  ? ? 
'X-RAY DIFFRACTION' ? 1.075  1.492  402  ? r_mcbond_other               ? ? 
'X-RAY DIFFRACTION' ? 1.876  2.236  502  ? r_mcangle_it                 ? ? 
'X-RAY DIFFRACTION' ? 1.876  2.238  503  ? r_mcangle_other              ? ? 
'X-RAY DIFFRACTION' ? 1.105  1.637  354  ? r_scbond_it                  ? ? 
'X-RAY DIFFRACTION' ? 1.104  1.637  354  ? r_scbond_other               ? ? 
'X-RAY DIFFRACTION' ? ?      ?      ?    ? r_scangle_it                 ? ? 
'X-RAY DIFFRACTION' ? 1.814  2.415  529  ? r_scangle_other              ? ? 
'X-RAY DIFFRACTION' ? 5.114  12.915 864  ? r_long_range_B_refined       ? ? 
'X-RAY DIFFRACTION' ? 4.349  12.185 831  ? r_long_range_B_other         ? ? 
'X-RAY DIFFRACTION' ? ?      ?      ?    ? r_rigid_bond_restr           ? ? 
'X-RAY DIFFRACTION' ? ?      ?      ?    ? r_sphericity_free            ? ? 
'X-RAY DIFFRACTION' ? ?      ?      ?    ? r_sphericity_bonded          ? ? 
# 
_refine_ls_shell.pdbx_refine_id                   'X-RAY DIFFRACTION' 
_refine_ls_shell.d_res_high                       1.800 
_refine_ls_shell.d_res_low                        1.847 
_refine_ls_shell.number_reflns_all                ? 
_refine_ls_shell.number_reflns_obs                ? 
_refine_ls_shell.number_reflns_R_free             34 
_refine_ls_shell.number_reflns_R_work             597 
_refine_ls_shell.percent_reflns_obs               95.61 
_refine_ls_shell.percent_reflns_R_free            ? 
_refine_ls_shell.R_factor_all                     ? 
_refine_ls_shell.R_factor_obs                     ? 
_refine_ls_shell.R_factor_R_free                  0.211 
_refine_ls_shell.R_factor_R_free_error            ? 
_refine_ls_shell.R_factor_R_work                  0.194 
_refine_ls_shell.redundancy_reflns_all            ? 
_refine_ls_shell.redundancy_reflns_obs            ? 
_refine_ls_shell.wR_factor_all                    ? 
_refine_ls_shell.wR_factor_obs                    ? 
_refine_ls_shell.wR_factor_R_free                 ? 
_refine_ls_shell.wR_factor_R_work                 ? 
_refine_ls_shell.pdbx_total_number_of_bins_used   20 
_refine_ls_shell.pdbx_phase_error                 ? 
_refine_ls_shell.pdbx_fsc_work                    ? 
_refine_ls_shell.pdbx_fsc_free                    ? 
# 
_struct.entry_id                     5HRJ 
_struct.title                        
'Crystal structure of the scavenger receptor cysteine-rich domain 5 (SRCR5) from porcine CD163' 
_struct.pdbx_model_details           ? 
_struct.pdbx_formula_weight          ? 
_struct.pdbx_formula_weight_method   ? 
_struct.pdbx_model_type_details      ? 
_struct.pdbx_CASP_flag               ? 
# 
_struct_keywords.entry_id        5HRJ 
_struct_keywords.text            'CD163, SRCR, PRRSV, BALBES NMR, ENDOCYTOSIS' 
_struct_keywords.pdbx_keywords   ENDOCYTOSIS 
# 
loop_
_struct_asym.id 
_struct_asym.pdbx_blank_PDB_chainid_flag 
_struct_asym.pdbx_modified 
_struct_asym.entity_id 
_struct_asym.details 
A N N 1 ? 
B N N 2 ? 
# 
_struct_ref.id                         1 
_struct_ref.db_name                    UNP 
_struct_ref.db_code                    C163A_PIG 
_struct_ref.pdbx_db_accession          Q2VL90 
_struct_ref.pdbx_db_isoform            ? 
_struct_ref.entity_id                  1 
_struct_ref.pdbx_seq_one_letter_code   
;PRLVGGDIPCSGRVEVQHGDTWGTVCDSDFSLEAASVLCRELQCGTVVSLLGGAHFGEGSGQIWAEEFQCEGHESHLSLC
PVAPRPDGTCSHSRDVGVVCS
;
_struct_ref.pdbx_align_begin           477 
# 
_struct_ref_seq.align_id                      1 
_struct_ref_seq.ref_id                        1 
_struct_ref_seq.pdbx_PDB_id_code              5HRJ 
_struct_ref_seq.pdbx_strand_id                A 
_struct_ref_seq.seq_align_beg                 1 
_struct_ref_seq.pdbx_seq_align_beg_ins_code   ? 
_struct_ref_seq.seq_align_end                 101 
_struct_ref_seq.pdbx_seq_align_end_ins_code   ? 
_struct_ref_seq.pdbx_db_accession             Q2VL90 
_struct_ref_seq.db_align_beg                  477 
_struct_ref_seq.pdbx_db_align_beg_ins_code    ? 
_struct_ref_seq.db_align_end                  577 
_struct_ref_seq.pdbx_db_align_end_ins_code    ? 
_struct_ref_seq.pdbx_auth_seq_align_beg       477 
_struct_ref_seq.pdbx_auth_seq_align_end       577 
# 
loop_
_struct_ref_seq_dif.align_id 
_struct_ref_seq_dif.pdbx_pdb_id_code 
_struct_ref_seq_dif.mon_id 
_struct_ref_seq_dif.pdbx_pdb_strand_id 
_struct_ref_seq_dif.seq_num 
_struct_ref_seq_dif.pdbx_pdb_ins_code 
_struct_ref_seq_dif.pdbx_seq_db_name 
_struct_ref_seq_dif.pdbx_seq_db_accession_code 
_struct_ref_seq_dif.db_mon_id 
_struct_ref_seq_dif.pdbx_seq_db_seq_num 
_struct_ref_seq_dif.details 
_struct_ref_seq_dif.pdbx_auth_seq_num 
_struct_ref_seq_dif.pdbx_ordinal 
1 5HRJ VAL A 102 ? UNP Q2VL90 ? ? 'expression tag' 578 1 
1 5HRJ ASP A 103 ? UNP Q2VL90 ? ? 'expression tag' 579 2 
1 5HRJ HIS A 104 ? UNP Q2VL90 ? ? 'expression tag' 580 3 
1 5HRJ HIS A 105 ? UNP Q2VL90 ? ? 'expression tag' 581 4 
1 5HRJ HIS A 106 ? UNP Q2VL90 ? ? 'expression tag' 582 5 
1 5HRJ HIS A 107 ? UNP Q2VL90 ? ? 'expression tag' 583 6 
1 5HRJ HIS A 108 ? UNP Q2VL90 ? ? 'expression tag' 584 7 
1 5HRJ HIS A 109 ? UNP Q2VL90 ? ? 'expression tag' 585 8 
# 
_pdbx_struct_assembly.id                   1 
_pdbx_struct_assembly.details              author_and_software_defined_assembly 
_pdbx_struct_assembly.method_details       PISA 
_pdbx_struct_assembly.oligomeric_details   monomeric 
_pdbx_struct_assembly.oligomeric_count     1 
# 
loop_
_pdbx_struct_assembly_prop.biol_id 
_pdbx_struct_assembly_prop.type 
_pdbx_struct_assembly_prop.value 
_pdbx_struct_assembly_prop.details 
1 'ABSA (A^2)' 0    ? 
1 MORE         0    ? 
1 'SSA (A^2)'  5200 ? 
# 
_pdbx_struct_assembly_gen.assembly_id       1 
_pdbx_struct_assembly_gen.oper_expression   1 
_pdbx_struct_assembly_gen.asym_id_list      A,B 
# 
_pdbx_struct_oper_list.id                   1 
_pdbx_struct_oper_list.type                 'identity operation' 
_pdbx_struct_oper_list.name                 1_555 
_pdbx_struct_oper_list.symmetry_operation   x,y,z 
_pdbx_struct_oper_list.matrix[1][1]         1.0000000000 
_pdbx_struct_oper_list.matrix[1][2]         0.0000000000 
_pdbx_struct_oper_list.matrix[1][3]         0.0000000000 
_pdbx_struct_oper_list.vector[1]            0.0000000000 
_pdbx_struct_oper_list.matrix[2][1]         0.0000000000 
_pdbx_struct_oper_list.matrix[2][2]         1.0000000000 
_pdbx_struct_oper_list.matrix[2][3]         0.0000000000 
_pdbx_struct_oper_list.vector[2]            0.0000000000 
_pdbx_struct_oper_list.matrix[3][1]         0.0000000000 
_pdbx_struct_oper_list.matrix[3][2]         0.0000000000 
_pdbx_struct_oper_list.matrix[3][3]         1.0000000000 
_pdbx_struct_oper_list.vector[3]            0.0000000000 
# 
loop_
_struct_conf.conf_type_id 
_struct_conf.id 
_struct_conf.pdbx_PDB_helix_id 
_struct_conf.beg_label_comp_id 
_struct_conf.beg_label_asym_id 
_struct_conf.beg_label_seq_id 
_struct_conf.pdbx_beg_PDB_ins_code 
_struct_conf.end_label_comp_id 
_struct_conf.end_label_asym_id 
_struct_conf.end_label_seq_id 
_struct_conf.pdbx_end_PDB_ins_code 
_struct_conf.beg_auth_comp_id 
_struct_conf.beg_auth_asym_id 
_struct_conf.beg_auth_seq_id 
_struct_conf.end_auth_comp_id 
_struct_conf.end_auth_asym_id 
_struct_conf.end_auth_seq_id 
_struct_conf.pdbx_PDB_helix_class 
_struct_conf.details 
_struct_conf.pdbx_PDB_helix_length 
HELX_P HELX_P1 AA1 SER A 31 ? LEU A 42 ? SER A 507 LEU A 518 1 ? 12 
HELX_P HELX_P2 AA2 HIS A 76 ? CYS A 80 ? HIS A 552 CYS A 556 5 ? 5  
HELX_P HELX_P3 AA3 SER A 91 ? ASP A 95 ? SER A 567 ASP A 571 5 ? 5  
# 
_struct_conf_type.id          HELX_P 
_struct_conf_type.criteria    ? 
_struct_conf_type.reference   ? 
# 
loop_
_struct_conn.id 
_struct_conn.conn_type_id 
_struct_conn.pdbx_leaving_atom_flag 
_struct_conn.pdbx_PDB_id 
_struct_conn.ptnr1_label_asym_id 
_struct_conn.ptnr1_label_comp_id 
_struct_conn.ptnr1_label_seq_id 
_struct_conn.ptnr1_label_atom_id 
_struct_conn.pdbx_ptnr1_label_alt_id 
_struct_conn.pdbx_ptnr1_PDB_ins_code 
_struct_conn.pdbx_ptnr1_standard_comp_id 
_struct_conn.ptnr1_symmetry 
_struct_conn.ptnr2_label_asym_id 
_struct_conn.ptnr2_label_comp_id 
_struct_conn.ptnr2_label_seq_id 
_struct_conn.ptnr2_label_atom_id 
_struct_conn.pdbx_ptnr2_label_alt_id 
_struct_conn.pdbx_ptnr2_PDB_ins_code 
_struct_conn.ptnr1_auth_asym_id 
_struct_conn.ptnr1_auth_comp_id 
_struct_conn.ptnr1_auth_seq_id 
_struct_conn.ptnr2_auth_asym_id 
_struct_conn.ptnr2_auth_comp_id 
_struct_conn.ptnr2_auth_seq_id 
_struct_conn.ptnr2_symmetry 
_struct_conn.pdbx_ptnr3_label_atom_id 
_struct_conn.pdbx_ptnr3_label_seq_id 
_struct_conn.pdbx_ptnr3_label_comp_id 
_struct_conn.pdbx_ptnr3_label_asym_id 
_struct_conn.pdbx_ptnr3_label_alt_id 
_struct_conn.pdbx_ptnr3_PDB_ins_code 
_struct_conn.details 
_struct_conn.pdbx_dist_value 
_struct_conn.pdbx_value_order 
_struct_conn.pdbx_role 
disulf1 disulf ? ? A CYS 10 SG ? ? ? 1_555 A CYS 44  SG ? ? A CYS 486 A CYS 520 1_555 ? ? ? ? ? ? ? 2.085 ? ? 
disulf2 disulf ? ? A CYS 26 SG ? ? ? 1_555 A CYS 90  SG ? ? A CYS 502 A CYS 566 1_555 ? ? ? ? ? ? ? 2.039 ? ? 
disulf3 disulf ? ? A CYS 39 SG ? ? ? 1_555 A CYS 100 SG ? ? A CYS 515 A CYS 576 1_555 ? ? ? ? ? ? ? 1.976 ? ? 
disulf4 disulf ? ? A CYS 70 SG ? ? ? 1_555 A CYS 80  SG ? ? A CYS 546 A CYS 556 1_555 ? ? ? ? ? ? ? 2.126 ? ? 
# 
_struct_conn_type.id          disulf 
_struct_conn_type.criteria    ? 
_struct_conn_type.reference   ? 
# 
loop_
_pdbx_modification_feature.ordinal 
_pdbx_modification_feature.label_comp_id 
_pdbx_modification_feature.label_asym_id 
_pdbx_modification_feature.label_seq_id 
_pdbx_modification_feature.label_alt_id 
_pdbx_modification_feature.modified_residue_label_comp_id 
_pdbx_modification_feature.modified_residue_label_asym_id 
_pdbx_modification_feature.modified_residue_label_seq_id 
_pdbx_modification_feature.modified_residue_label_alt_id 
_pdbx_modification_feature.auth_comp_id 
_pdbx_modification_feature.auth_asym_id 
_pdbx_modification_feature.auth_seq_id 
_pdbx_modification_feature.PDB_ins_code 
_pdbx_modification_feature.symmetry 
_pdbx_modification_feature.modified_residue_auth_comp_id 
_pdbx_modification_feature.modified_residue_auth_asym_id 
_pdbx_modification_feature.modified_residue_auth_seq_id 
_pdbx_modification_feature.modified_residue_PDB_ins_code 
_pdbx_modification_feature.modified_residue_symmetry 
_pdbx_modification_feature.comp_id_linking_atom 
_pdbx_modification_feature.modified_residue_id_linking_atom 
_pdbx_modification_feature.modified_residue_id 
_pdbx_modification_feature.ref_pcm_id 
_pdbx_modification_feature.ref_comp_id 
_pdbx_modification_feature.type 
_pdbx_modification_feature.category 
1 CYS A 10 ? CYS A 44  ? CYS A 486 ? 1_555 CYS A 520 ? 1_555 SG SG . . . None 'Disulfide bridge' 
2 CYS A 26 ? CYS A 90  ? CYS A 502 ? 1_555 CYS A 566 ? 1_555 SG SG . . . None 'Disulfide bridge' 
3 CYS A 39 ? CYS A 100 ? CYS A 515 ? 1_555 CYS A 576 ? 1_555 SG SG . . . None 'Disulfide bridge' 
4 CYS A 70 ? CYS A 80  ? CYS A 546 ? 1_555 CYS A 556 ? 1_555 SG SG . . . None 'Disulfide bridge' 
# 
loop_
_struct_sheet.id 
_struct_sheet.type 
_struct_sheet.number_strands 
_struct_sheet.details 
AA1 ? 4 ? 
AA2 ? 4 ? 
AA3 ? 2 ? 
# 
loop_
_struct_sheet_order.sheet_id 
_struct_sheet_order.range_id_1 
_struct_sheet_order.range_id_2 
_struct_sheet_order.offset 
_struct_sheet_order.sense 
AA1 1 2 ? anti-parallel 
AA1 2 3 ? anti-parallel 
AA1 3 4 ? anti-parallel 
AA2 1 2 ? anti-parallel 
AA2 2 3 ? anti-parallel 
AA2 3 4 ? parallel      
AA3 1 2 ? anti-parallel 
# 
loop_
_struct_sheet_range.sheet_id 
_struct_sheet_range.id 
_struct_sheet_range.beg_label_comp_id 
_struct_sheet_range.beg_label_asym_id 
_struct_sheet_range.beg_label_seq_id 
_struct_sheet_range.pdbx_beg_PDB_ins_code 
_struct_sheet_range.end_label_comp_id 
_struct_sheet_range.end_label_asym_id 
_struct_sheet_range.end_label_seq_id 
_struct_sheet_range.pdbx_end_PDB_ins_code 
_struct_sheet_range.beg_auth_comp_id 
_struct_sheet_range.beg_auth_asym_id 
_struct_sheet_range.beg_auth_seq_id 
_struct_sheet_range.end_auth_comp_id 
_struct_sheet_range.end_auth_asym_id 
_struct_sheet_range.end_auth_seq_id 
AA1 1 ARG A 2  ? GLY A 5   ? ARG A 478 GLY A 481 
AA1 2 SER A 11 ? HIS A 18  ? SER A 487 HIS A 494 
AA1 3 GLY A 97 ? CYS A 100 ? GLY A 573 CYS A 576 
AA1 4 VAL A 47 ? LEU A 51  ? VAL A 523 LEU A 527 
AA2 1 ARG A 2  ? GLY A 5   ? ARG A 478 GLY A 481 
AA2 2 SER A 11 ? HIS A 18  ? SER A 487 HIS A 494 
AA2 3 THR A 21 ? THR A 24  ? THR A 497 THR A 500 
AA2 4 GLN A 62 ? ILE A 63  ? GLN A 538 ILE A 539 
AA3 1 GLU A 66 ? PHE A 68  ? GLU A 542 PHE A 544 
AA3 2 VAL A 82 ? PRO A 84  ? VAL A 558 PRO A 560 
# 
loop_
_pdbx_struct_sheet_hbond.sheet_id 
_pdbx_struct_sheet_hbond.range_id_1 
_pdbx_struct_sheet_hbond.range_id_2 
_pdbx_struct_sheet_hbond.range_1_label_atom_id 
_pdbx_struct_sheet_hbond.range_1_label_comp_id 
_pdbx_struct_sheet_hbond.range_1_label_asym_id 
_pdbx_struct_sheet_hbond.range_1_label_seq_id 
_pdbx_struct_sheet_hbond.range_1_PDB_ins_code 
_pdbx_struct_sheet_hbond.range_1_auth_atom_id 
_pdbx_struct_sheet_hbond.range_1_auth_comp_id 
_pdbx_struct_sheet_hbond.range_1_auth_asym_id 
_pdbx_struct_sheet_hbond.range_1_auth_seq_id 
_pdbx_struct_sheet_hbond.range_2_label_atom_id 
_pdbx_struct_sheet_hbond.range_2_label_comp_id 
_pdbx_struct_sheet_hbond.range_2_label_asym_id 
_pdbx_struct_sheet_hbond.range_2_label_seq_id 
_pdbx_struct_sheet_hbond.range_2_PDB_ins_code 
_pdbx_struct_sheet_hbond.range_2_auth_atom_id 
_pdbx_struct_sheet_hbond.range_2_auth_comp_id 
_pdbx_struct_sheet_hbond.range_2_auth_asym_id 
_pdbx_struct_sheet_hbond.range_2_auth_seq_id 
AA1 1 2 N VAL A 4  ? N VAL A 480 O ARG A 13 ? O ARG A 489 
AA1 2 3 N GLY A 12 ? N GLY A 488 O VAL A 98 ? O VAL A 574 
AA1 3 4 O GLY A 97 ? O GLY A 573 N LEU A 51 ? N LEU A 527 
AA2 1 2 N VAL A 4  ? N VAL A 480 O ARG A 13 ? O ARG A 489 
AA2 2 3 N HIS A 18 ? N HIS A 494 O THR A 21 ? O THR A 497 
AA2 3 4 N THR A 24 ? N THR A 500 O GLN A 62 ? O GLN A 538 
AA3 1 2 N GLU A 67 ? N GLU A 543 O ALA A 83 ? O ALA A 559 
# 
_pdbx_entry_details.entry_id                   5HRJ 
_pdbx_entry_details.compound_details           ? 
_pdbx_entry_details.source_details             ? 
_pdbx_entry_details.nonpolymer_details         ? 
_pdbx_entry_details.sequence_details           ? 
_pdbx_entry_details.has_ligand_of_interest     ? 
_pdbx_entry_details.has_protein_modification   Y 
# 
_pdbx_validate_close_contact.id               1 
_pdbx_validate_close_contact.PDB_model_num    1 
_pdbx_validate_close_contact.auth_atom_id_1   OG 
_pdbx_validate_close_contact.auth_asym_id_1   A 
_pdbx_validate_close_contact.auth_comp_id_1   SER 
_pdbx_validate_close_contact.auth_seq_id_1    504 
_pdbx_validate_close_contact.PDB_ins_code_1   ? 
_pdbx_validate_close_contact.label_alt_id_1   ? 
_pdbx_validate_close_contact.auth_atom_id_2   NH2 
_pdbx_validate_close_contact.auth_asym_id_2   A 
_pdbx_validate_close_contact.auth_comp_id_2   ARG 
_pdbx_validate_close_contact.auth_seq_id_2    570 
_pdbx_validate_close_contact.PDB_ins_code_2   ? 
_pdbx_validate_close_contact.label_alt_id_2   ? 
_pdbx_validate_close_contact.dist             2.08 
# 
loop_
_pdbx_struct_special_symmetry.id 
_pdbx_struct_special_symmetry.PDB_model_num 
_pdbx_struct_special_symmetry.auth_asym_id 
_pdbx_struct_special_symmetry.auth_comp_id 
_pdbx_struct_special_symmetry.auth_seq_id 
_pdbx_struct_special_symmetry.PDB_ins_code 
_pdbx_struct_special_symmetry.label_asym_id 
_pdbx_struct_special_symmetry.label_comp_id 
_pdbx_struct_special_symmetry.label_seq_id 
1 1 A HOH 636 ? B HOH . 
2 1 A HOH 663 ? B HOH . 
# 
loop_
_pdbx_unobs_or_zero_occ_residues.id 
_pdbx_unobs_or_zero_occ_residues.PDB_model_num 
_pdbx_unobs_or_zero_occ_residues.polymer_flag 
_pdbx_unobs_or_zero_occ_residues.occupancy_flag 
_pdbx_unobs_or_zero_occ_residues.auth_asym_id 
_pdbx_unobs_or_zero_occ_residues.auth_comp_id 
_pdbx_unobs_or_zero_occ_residues.auth_seq_id 
_pdbx_unobs_or_zero_occ_residues.PDB_ins_code 
_pdbx_unobs_or_zero_occ_residues.label_asym_id 
_pdbx_unobs_or_zero_occ_residues.label_comp_id 
_pdbx_unobs_or_zero_occ_residues.label_seq_id 
1 1 Y 1 A VAL 578 ? A VAL 102 
2 1 Y 1 A ASP 579 ? A ASP 103 
3 1 Y 1 A HIS 580 ? A HIS 104 
4 1 Y 1 A HIS 581 ? A HIS 105 
5 1 Y 1 A HIS 582 ? A HIS 106 
6 1 Y 1 A HIS 583 ? A HIS 107 
7 1 Y 1 A HIS 584 ? A HIS 108 
8 1 Y 1 A HIS 585 ? A HIS 109 
# 
loop_
_chem_comp_atom.comp_id 
_chem_comp_atom.atom_id 
_chem_comp_atom.type_symbol 
_chem_comp_atom.pdbx_aromatic_flag 
_chem_comp_atom.pdbx_stereo_config 
_chem_comp_atom.pdbx_ordinal 
ALA N    N N N 1   
ALA CA   C N S 2   
ALA C    C N N 3   
ALA O    O N N 4   
ALA CB   C N N 5   
ALA OXT  O N N 6   
ALA H    H N N 7   
ALA H2   H N N 8   
ALA HA   H N N 9   
ALA HB1  H N N 10  
ALA HB2  H N N 11  
ALA HB3  H N N 12  
ALA HXT  H N N 13  
ARG N    N N N 14  
ARG CA   C N S 15  
ARG C    C N N 16  
ARG O    O N N 17  
ARG CB   C N N 18  
ARG CG   C N N 19  
ARG CD   C N N 20  
ARG NE   N N N 21  
ARG CZ   C N N 22  
ARG NH1  N N N 23  
ARG NH2  N N N 24  
ARG OXT  O N N 25  
ARG H    H N N 26  
ARG H2   H N N 27  
ARG HA   H N N 28  
ARG HB2  H N N 29  
ARG HB3  H N N 30  
ARG HG2  H N N 31  
ARG HG3  H N N 32  
ARG HD2  H N N 33  
ARG HD3  H N N 34  
ARG HE   H N N 35  
ARG HH11 H N N 36  
ARG HH12 H N N 37  
ARG HH21 H N N 38  
ARG HH22 H N N 39  
ARG HXT  H N N 40  
ASP N    N N N 41  
ASP CA   C N S 42  
ASP C    C N N 43  
ASP O    O N N 44  
ASP CB   C N N 45  
ASP CG   C N N 46  
ASP OD1  O N N 47  
ASP OD2  O N N 48  
ASP OXT  O N N 49  
ASP H    H N N 50  
ASP H2   H N N 51  
ASP HA   H N N 52  
ASP HB2  H N N 53  
ASP HB3  H N N 54  
ASP HD2  H N N 55  
ASP HXT  H N N 56  
CYS N    N N N 57  
CYS CA   C N R 58  
CYS C    C N N 59  
CYS O    O N N 60  
CYS CB   C N N 61  
CYS SG   S N N 62  
CYS OXT  O N N 63  
CYS H    H N N 64  
CYS H2   H N N 65  
CYS HA   H N N 66  
CYS HB2  H N N 67  
CYS HB3  H N N 68  
CYS HG   H N N 69  
CYS HXT  H N N 70  
GLN N    N N N 71  
GLN CA   C N S 72  
GLN C    C N N 73  
GLN O    O N N 74  
GLN CB   C N N 75  
GLN CG   C N N 76  
GLN CD   C N N 77  
GLN OE1  O N N 78  
GLN NE2  N N N 79  
GLN OXT  O N N 80  
GLN H    H N N 81  
GLN H2   H N N 82  
GLN HA   H N N 83  
GLN HB2  H N N 84  
GLN HB3  H N N 85  
GLN HG2  H N N 86  
GLN HG3  H N N 87  
GLN HE21 H N N 88  
GLN HE22 H N N 89  
GLN HXT  H N N 90  
GLU N    N N N 91  
GLU CA   C N S 92  
GLU C    C N N 93  
GLU O    O N N 94  
GLU CB   C N N 95  
GLU CG   C N N 96  
GLU CD   C N N 97  
GLU OE1  O N N 98  
GLU OE2  O N N 99  
GLU OXT  O N N 100 
GLU H    H N N 101 
GLU H2   H N N 102 
GLU HA   H N N 103 
GLU HB2  H N N 104 
GLU HB3  H N N 105 
GLU HG2  H N N 106 
GLU HG3  H N N 107 
GLU HE2  H N N 108 
GLU HXT  H N N 109 
GLY N    N N N 110 
GLY CA   C N N 111 
GLY C    C N N 112 
GLY O    O N N 113 
GLY OXT  O N N 114 
GLY H    H N N 115 
GLY H2   H N N 116 
GLY HA2  H N N 117 
GLY HA3  H N N 118 
GLY HXT  H N N 119 
HIS N    N N N 120 
HIS CA   C N S 121 
HIS C    C N N 122 
HIS O    O N N 123 
HIS CB   C N N 124 
HIS CG   C Y N 125 
HIS ND1  N Y N 126 
HIS CD2  C Y N 127 
HIS CE1  C Y N 128 
HIS NE2  N Y N 129 
HIS OXT  O N N 130 
HIS H    H N N 131 
HIS H2   H N N 132 
HIS HA   H N N 133 
HIS HB2  H N N 134 
HIS HB3  H N N 135 
HIS HD1  H N N 136 
HIS HD2  H N N 137 
HIS HE1  H N N 138 
HIS HE2  H N N 139 
HIS HXT  H N N 140 
HOH O    O N N 141 
HOH H1   H N N 142 
HOH H2   H N N 143 
ILE N    N N N 144 
ILE CA   C N S 145 
ILE C    C N N 146 
ILE O    O N N 147 
ILE CB   C N S 148 
ILE CG1  C N N 149 
ILE CG2  C N N 150 
ILE CD1  C N N 151 
ILE OXT  O N N 152 
ILE H    H N N 153 
ILE H2   H N N 154 
ILE HA   H N N 155 
ILE HB   H N N 156 
ILE HG12 H N N 157 
ILE HG13 H N N 158 
ILE HG21 H N N 159 
ILE HG22 H N N 160 
ILE HG23 H N N 161 
ILE HD11 H N N 162 
ILE HD12 H N N 163 
ILE HD13 H N N 164 
ILE HXT  H N N 165 
LEU N    N N N 166 
LEU CA   C N S 167 
LEU C    C N N 168 
LEU O    O N N 169 
LEU CB   C N N 170 
LEU CG   C N N 171 
LEU CD1  C N N 172 
LEU CD2  C N N 173 
LEU OXT  O N N 174 
LEU H    H N N 175 
LEU H2   H N N 176 
LEU HA   H N N 177 
LEU HB2  H N N 178 
LEU HB3  H N N 179 
LEU HG   H N N 180 
LEU HD11 H N N 181 
LEU HD12 H N N 182 
LEU HD13 H N N 183 
LEU HD21 H N N 184 
LEU HD22 H N N 185 
LEU HD23 H N N 186 
LEU HXT  H N N 187 
PHE N    N N N 188 
PHE CA   C N S 189 
PHE C    C N N 190 
PHE O    O N N 191 
PHE CB   C N N 192 
PHE CG   C Y N 193 
PHE CD1  C Y N 194 
PHE CD2  C Y N 195 
PHE CE1  C Y N 196 
PHE CE2  C Y N 197 
PHE CZ   C Y N 198 
PHE OXT  O N N 199 
PHE H    H N N 200 
PHE H2   H N N 201 
PHE HA   H N N 202 
PHE HB2  H N N 203 
PHE HB3  H N N 204 
PHE HD1  H N N 205 
PHE HD2  H N N 206 
PHE HE1  H N N 207 
PHE HE2  H N N 208 
PHE HZ   H N N 209 
PHE HXT  H N N 210 
PRO N    N N N 211 
PRO CA   C N S 212 
PRO C    C N N 213 
PRO O    O N N 214 
PRO CB   C N N 215 
PRO CG   C N N 216 
PRO CD   C N N 217 
PRO OXT  O N N 218 
PRO H    H N N 219 
PRO HA   H N N 220 
PRO HB2  H N N 221 
PRO HB3  H N N 222 
PRO HG2  H N N 223 
PRO HG3  H N N 224 
PRO HD2  H N N 225 
PRO HD3  H N N 226 
PRO HXT  H N N 227 
SER N    N N N 228 
SER CA   C N S 229 
SER C    C N N 230 
SER O    O N N 231 
SER CB   C N N 232 
SER OG   O N N 233 
SER OXT  O N N 234 
SER H    H N N 235 
SER H2   H N N 236 
SER HA   H N N 237 
SER HB2  H N N 238 
SER HB3  H N N 239 
SER HG   H N N 240 
SER HXT  H N N 241 
THR N    N N N 242 
THR CA   C N S 243 
THR C    C N N 244 
THR O    O N N 245 
THR CB   C N R 246 
THR OG1  O N N 247 
THR CG2  C N N 248 
THR OXT  O N N 249 
THR H    H N N 250 
THR H2   H N N 251 
THR HA   H N N 252 
THR HB   H N N 253 
THR HG1  H N N 254 
THR HG21 H N N 255 
THR HG22 H N N 256 
THR HG23 H N N 257 
THR HXT  H N N 258 
TRP N    N N N 259 
TRP CA   C N S 260 
TRP C    C N N 261 
TRP O    O N N 262 
TRP CB   C N N 263 
TRP CG   C Y N 264 
TRP CD1  C Y N 265 
TRP CD2  C Y N 266 
TRP NE1  N Y N 267 
TRP CE2  C Y N 268 
TRP CE3  C Y N 269 
TRP CZ2  C Y N 270 
TRP CZ3  C Y N 271 
TRP CH2  C Y N 272 
TRP OXT  O N N 273 
TRP H    H N N 274 
TRP H2   H N N 275 
TRP HA   H N N 276 
TRP HB2  H N N 277 
TRP HB3  H N N 278 
TRP HD1  H N N 279 
TRP HE1  H N N 280 
TRP HE3  H N N 281 
TRP HZ2  H N N 282 
TRP HZ3  H N N 283 
TRP HH2  H N N 284 
TRP HXT  H N N 285 
VAL N    N N N 286 
VAL CA   C N S 287 
VAL C    C N N 288 
VAL O    O N N 289 
VAL CB   C N N 290 
VAL CG1  C N N 291 
VAL CG2  C N N 292 
VAL OXT  O N N 293 
VAL H    H N N 294 
VAL H2   H N N 295 
VAL HA   H N N 296 
VAL HB   H N N 297 
VAL HG11 H N N 298 
VAL HG12 H N N 299 
VAL HG13 H N N 300 
VAL HG21 H N N 301 
VAL HG22 H N N 302 
VAL HG23 H N N 303 
VAL HXT  H N N 304 
# 
loop_
_chem_comp_bond.comp_id 
_chem_comp_bond.atom_id_1 
_chem_comp_bond.atom_id_2 
_chem_comp_bond.value_order 
_chem_comp_bond.pdbx_aromatic_flag 
_chem_comp_bond.pdbx_stereo_config 
_chem_comp_bond.pdbx_ordinal 
ALA N   CA   sing N N 1   
ALA N   H    sing N N 2   
ALA N   H2   sing N N 3   
ALA CA  C    sing N N 4   
ALA CA  CB   sing N N 5   
ALA CA  HA   sing N N 6   
ALA C   O    doub N N 7   
ALA C   OXT  sing N N 8   
ALA CB  HB1  sing N N 9   
ALA CB  HB2  sing N N 10  
ALA CB  HB3  sing N N 11  
ALA OXT HXT  sing N N 12  
ARG N   CA   sing N N 13  
ARG N   H    sing N N 14  
ARG N   H2   sing N N 15  
ARG CA  C    sing N N 16  
ARG CA  CB   sing N N 17  
ARG CA  HA   sing N N 18  
ARG C   O    doub N N 19  
ARG C   OXT  sing N N 20  
ARG CB  CG   sing N N 21  
ARG CB  HB2  sing N N 22  
ARG CB  HB3  sing N N 23  
ARG CG  CD   sing N N 24  
ARG CG  HG2  sing N N 25  
ARG CG  HG3  sing N N 26  
ARG CD  NE   sing N N 27  
ARG CD  HD2  sing N N 28  
ARG CD  HD3  sing N N 29  
ARG NE  CZ   sing N N 30  
ARG NE  HE   sing N N 31  
ARG CZ  NH1  sing N N 32  
ARG CZ  NH2  doub N N 33  
ARG NH1 HH11 sing N N 34  
ARG NH1 HH12 sing N N 35  
ARG NH2 HH21 sing N N 36  
ARG NH2 HH22 sing N N 37  
ARG OXT HXT  sing N N 38  
ASP N   CA   sing N N 39  
ASP N   H    sing N N 40  
ASP N   H2   sing N N 41  
ASP CA  C    sing N N 42  
ASP CA  CB   sing N N 43  
ASP CA  HA   sing N N 44  
ASP C   O    doub N N 45  
ASP C   OXT  sing N N 46  
ASP CB  CG   sing N N 47  
ASP CB  HB2  sing N N 48  
ASP CB  HB3  sing N N 49  
ASP CG  OD1  doub N N 50  
ASP CG  OD2  sing N N 51  
ASP OD2 HD2  sing N N 52  
ASP OXT HXT  sing N N 53  
CYS N   CA   sing N N 54  
CYS N   H    sing N N 55  
CYS N   H2   sing N N 56  
CYS CA  C    sing N N 57  
CYS CA  CB   sing N N 58  
CYS CA  HA   sing N N 59  
CYS C   O    doub N N 60  
CYS C   OXT  sing N N 61  
CYS CB  SG   sing N N 62  
CYS CB  HB2  sing N N 63  
CYS CB  HB3  sing N N 64  
CYS SG  HG   sing N N 65  
CYS OXT HXT  sing N N 66  
GLN N   CA   sing N N 67  
GLN N   H    sing N N 68  
GLN N   H2   sing N N 69  
GLN CA  C    sing N N 70  
GLN CA  CB   sing N N 71  
GLN CA  HA   sing N N 72  
GLN C   O    doub N N 73  
GLN C   OXT  sing N N 74  
GLN CB  CG   sing N N 75  
GLN CB  HB2  sing N N 76  
GLN CB  HB3  sing N N 77  
GLN CG  CD   sing N N 78  
GLN CG  HG2  sing N N 79  
GLN CG  HG3  sing N N 80  
GLN CD  OE1  doub N N 81  
GLN CD  NE2  sing N N 82  
GLN NE2 HE21 sing N N 83  
GLN NE2 HE22 sing N N 84  
GLN OXT HXT  sing N N 85  
GLU N   CA   sing N N 86  
GLU N   H    sing N N 87  
GLU N   H2   sing N N 88  
GLU CA  C    sing N N 89  
GLU CA  CB   sing N N 90  
GLU CA  HA   sing N N 91  
GLU C   O    doub N N 92  
GLU C   OXT  sing N N 93  
GLU CB  CG   sing N N 94  
GLU CB  HB2  sing N N 95  
GLU CB  HB3  sing N N 96  
GLU CG  CD   sing N N 97  
GLU CG  HG2  sing N N 98  
GLU CG  HG3  sing N N 99  
GLU CD  OE1  doub N N 100 
GLU CD  OE2  sing N N 101 
GLU OE2 HE2  sing N N 102 
GLU OXT HXT  sing N N 103 
GLY N   CA   sing N N 104 
GLY N   H    sing N N 105 
GLY N   H2   sing N N 106 
GLY CA  C    sing N N 107 
GLY CA  HA2  sing N N 108 
GLY CA  HA3  sing N N 109 
GLY C   O    doub N N 110 
GLY C   OXT  sing N N 111 
GLY OXT HXT  sing N N 112 
HIS N   CA   sing N N 113 
HIS N   H    sing N N 114 
HIS N   H2   sing N N 115 
HIS CA  C    sing N N 116 
HIS CA  CB   sing N N 117 
HIS CA  HA   sing N N 118 
HIS C   O    doub N N 119 
HIS C   OXT  sing N N 120 
HIS CB  CG   sing N N 121 
HIS CB  HB2  sing N N 122 
HIS CB  HB3  sing N N 123 
HIS CG  ND1  sing Y N 124 
HIS CG  CD2  doub Y N 125 
HIS ND1 CE1  doub Y N 126 
HIS ND1 HD1  sing N N 127 
HIS CD2 NE2  sing Y N 128 
HIS CD2 HD2  sing N N 129 
HIS CE1 NE2  sing Y N 130 
HIS CE1 HE1  sing N N 131 
HIS NE2 HE2  sing N N 132 
HIS OXT HXT  sing N N 133 
HOH O   H1   sing N N 134 
HOH O   H2   sing N N 135 
ILE N   CA   sing N N 136 
ILE N   H    sing N N 137 
ILE N   H2   sing N N 138 
ILE CA  C    sing N N 139 
ILE CA  CB   sing N N 140 
ILE CA  HA   sing N N 141 
ILE C   O    doub N N 142 
ILE C   OXT  sing N N 143 
ILE CB  CG1  sing N N 144 
ILE CB  CG2  sing N N 145 
ILE CB  HB   sing N N 146 
ILE CG1 CD1  sing N N 147 
ILE CG1 HG12 sing N N 148 
ILE CG1 HG13 sing N N 149 
ILE CG2 HG21 sing N N 150 
ILE CG2 HG22 sing N N 151 
ILE CG2 HG23 sing N N 152 
ILE CD1 HD11 sing N N 153 
ILE CD1 HD12 sing N N 154 
ILE CD1 HD13 sing N N 155 
ILE OXT HXT  sing N N 156 
LEU N   CA   sing N N 157 
LEU N   H    sing N N 158 
LEU N   H2   sing N N 159 
LEU CA  C    sing N N 160 
LEU CA  CB   sing N N 161 
LEU CA  HA   sing N N 162 
LEU C   O    doub N N 163 
LEU C   OXT  sing N N 164 
LEU CB  CG   sing N N 165 
LEU CB  HB2  sing N N 166 
LEU CB  HB3  sing N N 167 
LEU CG  CD1  sing N N 168 
LEU CG  CD2  sing N N 169 
LEU CG  HG   sing N N 170 
LEU CD1 HD11 sing N N 171 
LEU CD1 HD12 sing N N 172 
LEU CD1 HD13 sing N N 173 
LEU CD2 HD21 sing N N 174 
LEU CD2 HD22 sing N N 175 
LEU CD2 HD23 sing N N 176 
LEU OXT HXT  sing N N 177 
PHE N   CA   sing N N 178 
PHE N   H    sing N N 179 
PHE N   H2   sing N N 180 
PHE CA  C    sing N N 181 
PHE CA  CB   sing N N 182 
PHE CA  HA   sing N N 183 
PHE C   O    doub N N 184 
PHE C   OXT  sing N N 185 
PHE CB  CG   sing N N 186 
PHE CB  HB2  sing N N 187 
PHE CB  HB3  sing N N 188 
PHE CG  CD1  doub Y N 189 
PHE CG  CD2  sing Y N 190 
PHE CD1 CE1  sing Y N 191 
PHE CD1 HD1  sing N N 192 
PHE CD2 CE2  doub Y N 193 
PHE CD2 HD2  sing N N 194 
PHE CE1 CZ   doub Y N 195 
PHE CE1 HE1  sing N N 196 
PHE CE2 CZ   sing Y N 197 
PHE CE2 HE2  sing N N 198 
PHE CZ  HZ   sing N N 199 
PHE OXT HXT  sing N N 200 
PRO N   CA   sing N N 201 
PRO N   CD   sing N N 202 
PRO N   H    sing N N 203 
PRO CA  C    sing N N 204 
PRO CA  CB   sing N N 205 
PRO CA  HA   sing N N 206 
PRO C   O    doub N N 207 
PRO C   OXT  sing N N 208 
PRO CB  CG   sing N N 209 
PRO CB  HB2  sing N N 210 
PRO CB  HB3  sing N N 211 
PRO CG  CD   sing N N 212 
PRO CG  HG2  sing N N 213 
PRO CG  HG3  sing N N 214 
PRO CD  HD2  sing N N 215 
PRO CD  HD3  sing N N 216 
PRO OXT HXT  sing N N 217 
SER N   CA   sing N N 218 
SER N   H    sing N N 219 
SER N   H2   sing N N 220 
SER CA  C    sing N N 221 
SER CA  CB   sing N N 222 
SER CA  HA   sing N N 223 
SER C   O    doub N N 224 
SER C   OXT  sing N N 225 
SER CB  OG   sing N N 226 
SER CB  HB2  sing N N 227 
SER CB  HB3  sing N N 228 
SER OG  HG   sing N N 229 
SER OXT HXT  sing N N 230 
THR N   CA   sing N N 231 
THR N   H    sing N N 232 
THR N   H2   sing N N 233 
THR CA  C    sing N N 234 
THR CA  CB   sing N N 235 
THR CA  HA   sing N N 236 
THR C   O    doub N N 237 
THR C   OXT  sing N N 238 
THR CB  OG1  sing N N 239 
THR CB  CG2  sing N N 240 
THR CB  HB   sing N N 241 
THR OG1 HG1  sing N N 242 
THR CG2 HG21 sing N N 243 
THR CG2 HG22 sing N N 244 
THR CG2 HG23 sing N N 245 
THR OXT HXT  sing N N 246 
TRP N   CA   sing N N 247 
TRP N   H    sing N N 248 
TRP N   H2   sing N N 249 
TRP CA  C    sing N N 250 
TRP CA  CB   sing N N 251 
TRP CA  HA   sing N N 252 
TRP C   O    doub N N 253 
TRP C   OXT  sing N N 254 
TRP CB  CG   sing N N 255 
TRP CB  HB2  sing N N 256 
TRP CB  HB3  sing N N 257 
TRP CG  CD1  doub Y N 258 
TRP CG  CD2  sing Y N 259 
TRP CD1 NE1  sing Y N 260 
TRP CD1 HD1  sing N N 261 
TRP CD2 CE2  doub Y N 262 
TRP CD2 CE3  sing Y N 263 
TRP NE1 CE2  sing Y N 264 
TRP NE1 HE1  sing N N 265 
TRP CE2 CZ2  sing Y N 266 
TRP CE3 CZ3  doub Y N 267 
TRP CE3 HE3  sing N N 268 
TRP CZ2 CH2  doub Y N 269 
TRP CZ2 HZ2  sing N N 270 
TRP CZ3 CH2  sing Y N 271 
TRP CZ3 HZ3  sing N N 272 
TRP CH2 HH2  sing N N 273 
TRP OXT HXT  sing N N 274 
VAL N   CA   sing N N 275 
VAL N   H    sing N N 276 
VAL N   H2   sing N N 277 
VAL CA  C    sing N N 278 
VAL CA  CB   sing N N 279 
VAL CA  HA   sing N N 280 
VAL C   O    doub N N 281 
VAL C   OXT  sing N N 282 
VAL CB  CG1  sing N N 283 
VAL CB  CG2  sing N N 284 
VAL CB  HB   sing N N 285 
VAL CG1 HG11 sing N N 286 
VAL CG1 HG12 sing N N 287 
VAL CG1 HG13 sing N N 288 
VAL CG2 HG21 sing N N 289 
VAL CG2 HG22 sing N N 290 
VAL CG2 HG23 sing N N 291 
VAL OXT HXT  sing N N 292 
# 
_pdbx_initial_refinement_model.id               1 
_pdbx_initial_refinement_model.entity_id_list   ? 
_pdbx_initial_refinement_model.type             'experimental model' 
_pdbx_initial_refinement_model.source_name      PDB 
_pdbx_initial_refinement_model.accession_code   1BY2 
_pdbx_initial_refinement_model.details          ? 
# 
_atom_sites.entry_id                    5HRJ 
_atom_sites.fract_transf_matrix[1][1]   0.01234691 
_atom_sites.fract_transf_matrix[1][2]   -0.00877464 
_atom_sites.fract_transf_matrix[1][3]   -0.03004463 
_atom_sites.fract_transf_matrix[2][1]   0.00031321 
_atom_sites.fract_transf_matrix[2][2]   -0.01310914 
_atom_sites.fract_transf_matrix[2][3]   0.00395729 
_atom_sites.fract_transf_matrix[3][1]   -0.01064058 
_atom_sites.fract_transf_matrix[3][2]   -0.00144671 
_atom_sites.fract_transf_matrix[3][3]   -0.00395025 
_atom_sites.fract_transf_vector[1]      0.473017 
_atom_sites.fract_transf_vector[2]      0.103478 
_atom_sites.fract_transf_vector[3]      -0.074101 
# 
loop_
_atom_type.symbol 
C 
N 
O 
S 
# 
loop_
_atom_site.group_PDB 
_atom_site.id 
_atom_site.type_symbol 
_atom_site.label_atom_id 
_atom_site.label_alt_id 
_atom_site.label_comp_id 
_atom_site.label_asym_id 
_atom_site.label_entity_id 
_atom_site.label_seq_id 
_atom_site.pdbx_PDB_ins_code 
_atom_site.Cartn_x 
_atom_site.Cartn_y 
_atom_site.Cartn_z 
_atom_site.occupancy 
_atom_site.B_iso_or_equiv 
_atom_site.pdbx_formal_charge 
_atom_site.auth_seq_id 
_atom_site.auth_comp_id 
_atom_site.auth_asym_id 
_atom_site.auth_atom_id 
_atom_site.pdbx_PDB_model_num 
ATOM   1   N N   . PRO A 1 1   ? 7.860   -0.708  4.226   1.00 18.51 ? 477 PRO A N   1 
ATOM   2   C CA  . PRO A 1 1   ? 6.892   -1.371  3.351   1.00 17.32 ? 477 PRO A CA  1 
ATOM   3   C C   . PRO A 1 1   ? 7.561   -2.352  2.408   1.00 16.28 ? 477 PRO A C   1 
ATOM   4   O O   . PRO A 1 1   ? 8.785   -2.337  2.268   1.00 16.35 ? 477 PRO A O   1 
ATOM   5   C CB  . PRO A 1 1   ? 6.296   -0.212  2.567   1.00 18.04 ? 477 PRO A CB  1 
ATOM   6   C CG  . PRO A 1 1   ? 7.401   0.788   2.510   1.00 18.33 ? 477 PRO A CG  1 
ATOM   7   C CD  . PRO A 1 1   ? 8.077   0.693   3.836   1.00 18.40 ? 477 PRO A CD  1 
ATOM   8   N N   . ARG A 1 2   ? 6.762   -3.193  1.758   1.00 14.77 ? 478 ARG A N   1 
ATOM   9   C CA  . ARG A 1 2   ? 7.272   -4.101  0.734   1.00 14.21 ? 478 ARG A CA  1 
ATOM   10  C C   . ARG A 1 2   ? 6.220   -4.295  -0.344  1.00 13.21 ? 478 ARG A C   1 
ATOM   11  O O   . ARG A 1 2   ? 5.031   -4.046  -0.118  1.00 12.65 ? 478 ARG A O   1 
ATOM   12  C CB  . ARG A 1 2   ? 7.698   -5.450  1.333   1.00 15.17 ? 478 ARG A CB  1 
ATOM   13  C CG  . ARG A 1 2   ? 6.568   -6.249  1.956   1.00 16.01 ? 478 ARG A CG  1 
ATOM   14  C CD  . ARG A 1 2   ? 7.086   -7.443  2.732   1.00 17.04 ? 478 ARG A CD  1 
ATOM   15  N NE  . ARG A 1 2   ? 5.980   -8.309  3.135   1.00 18.65 ? 478 ARG A NE  1 
ATOM   16  C CZ  . ARG A 1 2   ? 6.054   -9.297  4.027   1.00 20.19 ? 478 ARG A CZ  1 
ATOM   17  N NH1 . ARG A 1 2   ? 7.197   -9.589  4.651   1.00 21.27 ? 478 ARG A NH1 1 
ATOM   18  N NH2 . ARG A 1 2   ? 4.964   -10.000 4.310   1.00 20.93 ? 478 ARG A NH2 1 
ATOM   19  N N   . LEU A 1 3   ? 6.681   -4.700  -1.520  1.00 12.40 ? 479 LEU A N   1 
ATOM   20  C CA  . LEU A 1 3   ? 5.809   -5.076  -2.614  1.00 11.83 ? 479 LEU A CA  1 
ATOM   21  C C   . LEU A 1 3   ? 6.010   -6.550  -2.868  1.00 11.99 ? 479 LEU A C   1 
ATOM   22  O O   . LEU A 1 3   ? 7.150   -7.019  -2.969  1.00 12.64 ? 479 LEU A O   1 
ATOM   23  C CB  . LEU A 1 3   ? 6.129   -4.268  -3.867  1.00 11.89 ? 479 LEU A CB  1 
ATOM   24  C CG  . LEU A 1 3   ? 5.961   -2.759  -3.726  1.00 11.87 ? 479 LEU A CG  1 
ATOM   25  C CD1 . LEU A 1 3   ? 6.305   -2.080  -5.034  1.00 11.96 ? 479 LEU A CD1 1 
ATOM   26  C CD2 . LEU A 1 3   ? 4.554   -2.410  -3.280  1.00 11.74 ? 479 LEU A CD2 1 
ATOM   27  N N   . VAL A 1 4   ? 4.912   -7.291  -2.954  1.00 11.29 ? 480 VAL A N   1 
ATOM   28  C CA  . VAL A 1 4   ? 4.993   -8.748  -3.035  1.00 11.24 ? 480 VAL A CA  1 
ATOM   29  C C   . VAL A 1 4   ? 4.194   -9.284  -4.219  1.00 10.94 ? 480 VAL A C   1 
ATOM   30  O O   . VAL A 1 4   ? 3.144   -8.738  -4.570  1.00 10.64 ? 480 VAL A O   1 
ATOM   31  C CB  . VAL A 1 4   ? 4.544   -9.415  -1.710  1.00 11.54 ? 480 VAL A CB  1 
ATOM   32  C CG1 . VAL A 1 4   ? 5.364   -8.877  -0.559  1.00 11.72 ? 480 VAL A CG1 1 
ATOM   33  C CG2 . VAL A 1 4   ? 3.090   -9.166  -1.426  1.00 11.78 ? 480 VAL A CG2 1 
ATOM   34  N N   . GLY A 1 5   ? 4.728   -10.325 -4.861  1.00 10.97 ? 481 GLY A N   1 
ATOM   35  C CA  . GLY A 1 5   ? 4.033   -11.006 -5.954  1.00 11.02 ? 481 GLY A CA  1 
ATOM   36  C C   . GLY A 1 5   ? 4.239   -10.452 -7.360  1.00 11.32 ? 481 GLY A C   1 
ATOM   37  O O   . GLY A 1 5   ? 3.663   -10.981 -8.312  1.00 11.18 ? 481 GLY A O   1 
ATOM   38  N N   . GLY A 1 6   ? 5.046   -9.403  -7.511  1.00 11.70 ? 482 GLY A N   1 
ATOM   39  C CA  . GLY A 1 6   ? 5.371   -8.874  -8.840  1.00 11.88 ? 482 GLY A CA  1 
ATOM   40  C C   . GLY A 1 6   ? 6.484   -9.659  -9.502  1.00 12.50 ? 482 GLY A C   1 
ATOM   41  O O   . GLY A 1 6   ? 7.216   -10.400 -8.841  1.00 11.98 ? 482 GLY A O   1 
ATOM   42  N N   . ASP A 1 7   ? 6.623   -9.485  -10.813 1.00 13.20 ? 483 ASP A N   1 
ATOM   43  C CA  . ASP A 1 7   ? 7.723   -10.113 -11.542 1.00 14.22 ? 483 ASP A CA  1 
ATOM   44  C C   . ASP A 1 7   ? 9.027   -9.307  -11.449 1.00 14.55 ? 483 ASP A C   1 
ATOM   45  O O   . ASP A 1 7   ? 10.101  -9.780  -11.845 1.00 15.24 ? 483 ASP A O   1 
ATOM   46  C CB  . ASP A 1 7   ? 7.311   -10.455 -12.992 1.00 14.81 ? 483 ASP A CB  1 
ATOM   47  C CG  . ASP A 1 7   ? 7.031   -9.241  -13.864 1.00 15.22 ? 483 ASP A CG  1 
ATOM   48  O OD1 . ASP A 1 7   ? 7.220   -8.081  -13.422 1.00 15.69 ? 483 ASP A OD1 1 
ATOM   49  O OD2 . ASP A 1 7   ? 6.606   -9.473  -15.030 1.00 15.24 ? 483 ASP A OD2 1 
ATOM   50  N N   . ILE A 1 8   ? 8.932   -8.095  -10.908 1.00 14.62 ? 484 ILE A N   1 
ATOM   51  C CA  . ILE A 1 8   ? 10.090  -7.265  -10.595 1.00 15.12 ? 484 ILE A CA  1 
ATOM   52  C C   . ILE A 1 8   ? 9.888   -6.638  -9.210  1.00 15.45 ? 484 ILE A C   1 
ATOM   53  O O   . ILE A 1 8   ? 8.743   -6.561  -8.741  1.00 14.79 ? 484 ILE A O   1 
ATOM   54  C CB  . ILE A 1 8   ? 10.314  -6.185  -11.679 1.00 15.39 ? 484 ILE A CB  1 
ATOM   55  C CG1 . ILE A 1 8   ? 9.044   -5.353  -11.925 1.00 15.78 ? 484 ILE A CG1 1 
ATOM   56  C CG2 . ILE A 1 8   ? 10.789  -6.847  -12.967 1.00 15.71 ? 484 ILE A CG2 1 
ATOM   57  C CD1 . ILE A 1 8   ? 9.154   -4.342  -13.043 1.00 16.34 ? 484 ILE A CD1 1 
ATOM   58  N N   . PRO A 1 9   ? 10.988  -6.197  -8.545  1.00 16.19 ? 485 PRO A N   1 
ATOM   59  C CA  . PRO A 1 9   ? 10.862  -5.666  -7.169  1.00 16.07 ? 485 PRO A CA  1 
ATOM   60  C C   . PRO A 1 9   ? 9.968   -4.442  -6.990  1.00 15.65 ? 485 PRO A C   1 
ATOM   61  O O   . PRO A 1 9   ? 9.390   -4.257  -5.911  1.00 15.49 ? 485 PRO A O   1 
ATOM   62  C CB  . PRO A 1 9   ? 12.295  -5.270  -6.800  1.00 16.47 ? 485 PRO A CB  1 
ATOM   63  C CG  . PRO A 1 9   ? 13.170  -6.061  -7.692  1.00 16.79 ? 485 PRO A CG  1 
ATOM   64  C CD  . PRO A 1 9   ? 12.402  -6.329  -8.952  1.00 16.45 ? 485 PRO A CD  1 
ATOM   65  N N   . CYS A 1 10  ? 9.868   -3.608  -8.023  1.00 14.92 ? 486 CYS A N   1 
ATOM   66  C CA  . CYS A 1 10  ? 9.170   -2.325  -7.902  1.00 15.16 ? 486 CYS A CA  1 
ATOM   67  C C   . CYS A 1 10  ? 7.697   -2.400  -8.348  1.00 13.72 ? 486 CYS A C   1 
ATOM   68  O O   . CYS A 1 10  ? 7.057   -1.385  -8.617  1.00 13.06 ? 486 CYS A O   1 
ATOM   69  C CB  . CYS A 1 10  ? 9.972   -1.238  -8.631  1.00 15.97 ? 486 CYS A CB  1 
ATOM   70  S SG  . CYS A 1 10  ? 11.562  -0.894  -7.804  1.00 17.79 ? 486 CYS A SG  1 
ATOM   71  N N   . SER A 1 11  ? 7.154   -3.612  -8.398  1.00 12.74 ? 487 SER A N   1 
ATOM   72  C CA  . SER A 1 11  ? 5.728   -3.815  -8.572  1.00 12.20 ? 487 SER A CA  1 
ATOM   73  C C   . SER A 1 11  ? 5.263   -4.921  -7.629  1.00 11.02 ? 487 SER A C   1 
ATOM   74  O O   . SER A 1 11  ? 6.008   -5.875  -7.348  1.00 10.56 ? 487 SER A O   1 
ATOM   75  C CB  . SER A 1 11  ? 5.429   -4.215  -10.018 1.00 13.11 ? 487 SER A CB  1 
ATOM   76  O OG  . SER A 1 11  ? 5.898   -5.531  -10.250 1.00 15.52 ? 487 SER A OG  1 
ATOM   77  N N   . GLY A 1 12  ? 4.035   -4.796  -7.159  1.00 9.74  ? 488 GLY A N   1 
ATOM   78  C CA  . GLY A 1 12  ? 3.417   -5.861  -6.375  1.00 9.17  ? 488 GLY A CA  1 
ATOM   79  C C   . GLY A 1 12  ? 2.334   -5.375  -5.454  1.00 8.80  ? 488 GLY A C   1 
ATOM   80  O O   . GLY A 1 12  ? 1.966   -4.210  -5.455  1.00 8.46  ? 488 GLY A O   1 
ATOM   81  N N   . ARG A 1 13  ? 1.831   -6.307  -4.661  1.00 8.42  ? 489 ARG A N   1 
ATOM   82  C CA  . ARG A 1 13  ? 0.849   -6.021  -3.617  1.00 8.33  ? 489 ARG A CA  1 
ATOM   83  C C   . ARG A 1 13  ? 1.527   -5.267  -2.503  1.00 8.05  ? 489 ARG A C   1 
ATOM   84  O O   . ARG A 1 13  ? 2.563   -5.686  -2.035  1.00 7.83  ? 489 ARG A O   1 
ATOM   85  C CB  . ARG A 1 13  ? 0.277   -7.328  -3.048  1.00 8.42  ? 489 ARG A CB  1 
ATOM   86  C CG  . ARG A 1 13  ? -0.756  -7.143  -1.939  1.00 8.87  ? 489 ARG A CG  1 
ATOM   87  C CD  . ARG A 1 13  ? -1.391  -8.439  -1.461  1.00 9.08  ? 489 ARG A CD  1 
ATOM   88  N NE  . ARG A 1 13  ? -0.451  -9.420  -0.915  1.00 9.39  ? 489 ARG A NE  1 
ATOM   89  C CZ  . ARG A 1 13  ? 0.018   -10.499 -1.551  1.00 9.79  ? 489 ARG A CZ  1 
ATOM   90  N NH1 . ARG A 1 13  ? -0.288  -10.770 -2.818  1.00 9.95  ? 489 ARG A NH1 1 
ATOM   91  N NH2 . ARG A 1 13  ? 0.870   -11.306 -0.920  1.00 10.29 ? 489 ARG A NH2 1 
ATOM   92  N N   . VAL A 1 14  ? 0.895   -4.197  -2.040  1.00 8.14  ? 490 VAL A N   1 
ATOM   93  C CA  . VAL A 1 14  ? 1.413   -3.410  -0.942  1.00 8.31  ? 490 VAL A CA  1 
ATOM   94  C C   . VAL A 1 14  ? 1.260   -4.155  0.396   1.00 8.75  ? 490 VAL A C   1 
ATOM   95  O O   . VAL A 1 14  ? 0.176   -4.616  0.742   1.00 8.12  ? 490 VAL A O   1 
ATOM   96  C CB  . VAL A 1 14  ? 0.687   -2.037  -0.864  1.00 8.37  ? 490 VAL A CB  1 
ATOM   97  C CG1 . VAL A 1 14  ? 1.138   -1.235  0.340   1.00 8.47  ? 490 VAL A CG1 1 
ATOM   98  C CG2 . VAL A 1 14  ? 0.886   -1.243  -2.166  1.00 8.64  ? 490 VAL A CG2 1 
ATOM   99  N N   . GLU A 1 15  ? 2.351   -4.264  1.152   1.00 9.22  ? 491 GLU A N   1 
ATOM   100 C CA  . GLU A 1 15  ? 2.289   -4.757  2.523   1.00 9.98  ? 491 GLU A CA  1 
ATOM   101 C C   . GLU A 1 15  ? 3.119   -3.837  3.397   1.00 10.22 ? 491 GLU A C   1 
ATOM   102 O O   . GLU A 1 15  ? 4.204   -3.431  3.002   1.00 10.44 ? 491 GLU A O   1 
ATOM   103 C CB  . GLU A 1 15  ? 2.789   -6.199  2.611   1.00 10.63 ? 491 GLU A CB  1 
ATOM   104 C CG  . GLU A 1 15  ? 2.097   -7.107  1.611   1.00 11.38 ? 491 GLU A CG  1 
ATOM   105 C CD  . GLU A 1 15  ? 2.181   -8.585  1.933   1.00 12.29 ? 491 GLU A CD  1 
ATOM   106 O OE1 . GLU A 1 15  ? 3.212   -9.040  2.477   1.00 13.39 ? 491 GLU A OE1 1 
ATOM   107 O OE2 . GLU A 1 15  ? 1.201   -9.295  1.604   1.00 12.86 ? 491 GLU A OE2 1 
ATOM   108 N N   . VAL A 1 16  ? 2.578   -3.478  4.556   1.00 10.60 ? 492 VAL A N   1 
ATOM   109 C CA  . VAL A 1 16  ? 3.215   -2.538  5.471   1.00 11.15 ? 492 VAL A CA  1 
ATOM   110 C C   . VAL A 1 16  ? 3.225   -3.129  6.871   1.00 12.02 ? 492 VAL A C   1 
ATOM   111 O O   . VAL A 1 16  ? 2.213   -3.655  7.346   1.00 11.21 ? 492 VAL A O   1 
ATOM   112 C CB  . VAL A 1 16  ? 2.492   -1.172  5.472   1.00 11.39 ? 492 VAL A CB  1 
ATOM   113 C CG1 . VAL A 1 16  ? 3.221   -0.177  6.372   1.00 11.67 ? 492 VAL A CG1 1 
ATOM   114 C CG2 . VAL A 1 16  ? 2.376   -0.639  4.047   1.00 11.26 ? 492 VAL A CG2 1 
ATOM   115 N N   . GLN A 1 17  ? 4.365   -3.004  7.543   1.00 13.32 ? 493 GLN A N   1 
ATOM   116 C CA  . GLN A 1 17  ? 4.584   -3.647  8.831   1.00 15.14 ? 493 GLN A CA  1 
ATOM   117 C C   . GLN A 1 17  ? 4.051   -2.776  9.956   1.00 15.54 ? 493 GLN A C   1 
ATOM   118 O O   . GLN A 1 17  ? 4.224   -1.553  9.941   1.00 15.21 ? 493 GLN A O   1 
ATOM   119 C CB  . GLN A 1 17  ? 6.083   -3.911  9.037   1.00 17.41 ? 493 GLN A CB  1 
ATOM   120 C CG  . GLN A 1 17  ? 6.442   -4.669  10.311  1.00 19.74 ? 493 GLN A CG  1 
ATOM   121 C CD  . GLN A 1 17  ? 7.932   -4.662  10.594  1.00 22.31 ? 493 GLN A CD  1 
ATOM   122 O OE1 . GLN A 1 17  ? 8.750   -4.676  9.680   1.00 26.39 ? 493 GLN A OE1 1 
ATOM   123 N NE2 . GLN A 1 17  ? 8.293   -4.642  11.869  1.00 25.48 ? 493 GLN A NE2 1 
ATOM   124 N N   . HIS A 1 18  ? 3.387   -3.419  10.917  1.00 16.21 ? 494 HIS A N   1 
ATOM   125 C CA  . HIS A 1 18  ? 3.056   -2.796  12.199  1.00 17.21 ? 494 HIS A CA  1 
ATOM   126 C C   . HIS A 1 18  ? 3.487   -3.771  13.293  1.00 18.48 ? 494 HIS A C   1 
ATOM   127 O O   . HIS A 1 18  ? 3.051   -4.919  13.320  1.00 18.47 ? 494 HIS A O   1 
ATOM   128 C CB  . HIS A 1 18  ? 1.569   -2.414  12.314  1.00 17.20 ? 494 HIS A CB  1 
ATOM   129 C CG  . HIS A 1 18  ? 0.607   -3.457  11.820  1.00 17.41 ? 494 HIS A CG  1 
ATOM   130 N ND1 . HIS A 1 18  ? -0.486  -3.142  11.042  1.00 18.01 ? 494 HIS A ND1 1 
ATOM   131 C CD2 . HIS A 1 18  ? 0.551   -4.795  12.013  1.00 17.48 ? 494 HIS A CD2 1 
ATOM   132 C CE1 . HIS A 1 18  ? -1.164  -4.240  10.770  1.00 17.92 ? 494 HIS A CE1 1 
ATOM   133 N NE2 . HIS A 1 18  ? -0.554  -5.259  11.348  1.00 18.43 ? 494 HIS A NE2 1 
ATOM   134 N N   . GLY A 1 19  ? 4.395   -3.340  14.163  1.00 20.66 ? 495 GLY A N   1 
ATOM   135 C CA  . GLY A 1 19  ? 4.957   -4.238  15.175  1.00 22.56 ? 495 GLY A CA  1 
ATOM   136 C C   . GLY A 1 19  ? 5.643   -5.449  14.560  1.00 23.98 ? 495 GLY A C   1 
ATOM   137 O O   . GLY A 1 19  ? 6.536   -5.299  13.726  1.00 25.20 ? 495 GLY A O   1 
ATOM   138 N N   . ASP A 1 20  ? 5.208   -6.644  14.957  1.00 25.99 ? 496 ASP A N   1 
ATOM   139 C CA  . ASP A 1 20  ? 5.788   -7.907  14.474  1.00 28.21 ? 496 ASP A CA  1 
ATOM   140 C C   . ASP A 1 20  ? 5.105   -8.498  13.231  1.00 26.53 ? 496 ASP A C   1 
ATOM   141 O O   . ASP A 1 20  ? 5.650   -9.428  12.622  1.00 28.22 ? 496 ASP A O   1 
ATOM   142 C CB  . ASP A 1 20  ? 5.762   -8.964  15.593  1.00 31.18 ? 496 ASP A CB  1 
ATOM   143 C CG  . ASP A 1 20  ? 6.666   -8.613  16.769  1.00 33.68 ? 496 ASP A CG  1 
ATOM   144 O OD1 . ASP A 1 20  ? 7.335   -7.555  16.745  1.00 37.41 ? 496 ASP A OD1 1 
ATOM   145 O OD2 . ASP A 1 20  ? 6.707   -9.411  17.732  1.00 37.00 ? 496 ASP A OD2 1 
ATOM   146 N N   . THR A 1 21  ? 3.925   -7.979  12.866  1.00 23.95 ? 497 THR A N   1 
ATOM   147 C CA  . THR A 1 21  ? 3.121   -8.525  11.762  1.00 21.74 ? 497 THR A CA  1 
ATOM   148 C C   . THR A 1 21  ? 3.021   -7.544  10.594  1.00 19.52 ? 497 THR A C   1 
ATOM   149 O O   . THR A 1 21  ? 3.254   -6.340  10.750  1.00 18.35 ? 497 THR A O   1 
ATOM   150 C CB  . THR A 1 21  ? 1.690   -8.886  12.223  1.00 22.39 ? 497 THR A CB  1 
ATOM   151 O OG1 . THR A 1 21  ? 1.058   -7.741  12.801  1.00 22.13 ? 497 THR A OG1 1 
ATOM   152 C CG2 . THR A 1 21  ? 1.708   -10.016 13.252  1.00 23.19 ? 497 THR A CG2 1 
ATOM   153 N N   . TRP A 1 22  ? 2.670   -8.085  9.431   1.00 17.30 ? 498 TRP A N   1 
ATOM   154 C CA  . TRP A 1 22  ? 2.469   -7.306  8.210   1.00 16.08 ? 498 TRP A CA  1 
ATOM   155 C C   . TRP A 1 22  ? 0.980   -7.179  7.921   1.00 14.61 ? 498 TRP A C   1 
ATOM   156 O O   . TRP A 1 22  ? 0.201   -8.084  8.230   1.00 15.20 ? 498 TRP A O   1 
ATOM   157 C CB  . TRP A 1 22  ? 3.168   -7.982  7.029   1.00 16.62 ? 498 TRP A CB  1 
ATOM   158 C CG  . TRP A 1 22  ? 4.654   -7.926  7.144   1.00 17.32 ? 498 TRP A CG  1 
ATOM   159 C CD1 . TRP A 1 22  ? 5.457   -8.793  7.826   1.00 17.90 ? 498 TRP A CD1 1 
ATOM   160 C CD2 . TRP A 1 22  ? 5.511   -6.935  6.585   1.00 17.66 ? 498 TRP A CD2 1 
ATOM   161 N NE1 . TRP A 1 22  ? 6.768   -8.406  7.725   1.00 18.34 ? 498 TRP A NE1 1 
ATOM   162 C CE2 . TRP A 1 22  ? 6.835   -7.267  6.965   1.00 18.03 ? 498 TRP A CE2 1 
ATOM   163 C CE3 . TRP A 1 22  ? 5.299   -5.800  5.792   1.00 17.39 ? 498 TRP A CE3 1 
ATOM   164 C CZ2 . TRP A 1 22  ? 7.943   -6.502  6.573   1.00 18.24 ? 498 TRP A CZ2 1 
ATOM   165 C CZ3 . TRP A 1 22  ? 6.403   -5.035  5.409   1.00 17.40 ? 498 TRP A CZ3 1 
ATOM   166 C CH2 . TRP A 1 22  ? 7.704   -5.389  5.806   1.00 18.13 ? 498 TRP A CH2 1 
ATOM   167 N N   . GLY A 1 23  ? 0.586   -6.045  7.352   1.00 12.52 ? 499 GLY A N   1 
ATOM   168 C CA  . GLY A 1 23  ? -0.794  -5.864  6.910   1.00 11.03 ? 499 GLY A CA  1 
ATOM   169 C C   . GLY A 1 23  ? -0.853  -5.437  5.461   1.00 10.03 ? 499 GLY A C   1 
ATOM   170 O O   . GLY A 1 23  ? 0.015   -4.724  4.984   1.00 9.49  ? 499 GLY A O   1 
ATOM   171 N N   . THR A 1 24  ? -1.896  -5.874  4.767   1.00 9.26  ? 500 THR A N   1 
ATOM   172 C CA  . THR A 1 24  ? -2.166  -5.412  3.423   1.00 9.06  ? 500 THR A CA  1 
ATOM   173 C C   . THR A 1 24  ? -2.999  -4.131  3.526   1.00 8.90  ? 500 THR A C   1 
ATOM   174 O O   . THR A 1 24  ? -3.387  -3.703  4.630   1.00 8.53  ? 500 THR A O   1 
ATOM   175 C CB  . THR A 1 24  ? -2.911  -6.482  2.618   1.00 9.04  ? 500 THR A CB  1 
ATOM   176 O OG1 . THR A 1 24  ? -4.161  -6.750  3.264   1.00 9.02  ? 500 THR A OG1 1 
ATOM   177 C CG2 . THR A 1 24  ? -2.082  -7.772  2.543   1.00 9.14  ? 500 THR A CG2 1 
ATOM   178 N N   . VAL A 1 25  ? -3.281  -3.532  2.379   1.00 9.10  ? 501 VAL A N   1 
ATOM   179 C CA  . VAL A 1 25  ? -3.947  -2.228  2.319   1.00 9.50  ? 501 VAL A CA  1 
ATOM   180 C C   . VAL A 1 25  ? -5.133  -2.328  1.371   1.00 9.90  ? 501 VAL A C   1 
ATOM   181 O O   . VAL A 1 25  ? -4.983  -2.763  0.246   1.00 9.69  ? 501 VAL A O   1 
ATOM   182 C CB  . VAL A 1 25  ? -2.963  -1.145  1.848   1.00 9.59  ? 501 VAL A CB  1 
ATOM   183 C CG1 . VAL A 1 25  ? -3.670  0.195   1.687   1.00 9.75  ? 501 VAL A CG1 1 
ATOM   184 C CG2 . VAL A 1 25  ? -1.805  -1.048  2.836   1.00 9.60  ? 501 VAL A CG2 1 
ATOM   185 N N   . CYS A 1 26  ? -6.312  -1.923  1.835   1.00 10.74 ? 502 CYS A N   1 
ATOM   186 C CA  . CYS A 1 26  ? -7.519  -1.987  1.008   1.00 11.97 ? 502 CYS A CA  1 
ATOM   187 C C   . CYS A 1 26  ? -7.442  -0.937  -0.106  1.00 11.33 ? 502 CYS A C   1 
ATOM   188 O O   . CYS A 1 26  ? -7.003  0.186   0.129   1.00 11.27 ? 502 CYS A O   1 
ATOM   189 C CB  . CYS A 1 26  ? -8.763  -1.742  1.869   1.00 13.53 ? 502 CYS A CB  1 
ATOM   190 S SG  . CYS A 1 26  ? -10.331 -1.956  1.006   1.00 16.12 ? 502 CYS A SG  1 
ATOM   191 N N   . ASP A 1 27  ? -7.889  -1.296  -1.304  1.00 10.88 ? 503 ASP A N   1 
ATOM   192 C CA  . ASP A 1 27  ? -7.839  -0.366  -2.444  1.00 10.95 ? 503 ASP A CA  1 
ATOM   193 C C   . ASP A 1 27  ? -8.855  0.787   -2.388  1.00 10.89 ? 503 ASP A C   1 
ATOM   194 O O   . ASP A 1 27  ? -8.795  1.702   -3.215  1.00 10.27 ? 503 ASP A O   1 
ATOM   195 C CB  . ASP A 1 27  ? -7.884  -1.099  -3.799  1.00 11.25 ? 503 ASP A CB  1 
ATOM   196 C CG  . ASP A 1 27  ? -9.199  -1.803  -4.075  1.00 11.33 ? 503 ASP A CG  1 
ATOM   197 O OD1 . ASP A 1 27  ? -10.175 -1.632  -3.327  1.00 11.24 ? 503 ASP A OD1 1 
ATOM   198 O OD2 . ASP A 1 27  ? -9.236  -2.582  -5.056  1.00 12.24 ? 503 ASP A OD2 1 
ATOM   199 N N   . SER A 1 28  ? -9.753  0.767   -1.405  1.00 10.99 ? 504 SER A N   1 
ATOM   200 C CA  . SER A 1 28  ? -10.555 1.947   -1.084  1.00 11.88 ? 504 SER A CA  1 
ATOM   201 C C   . SER A 1 28  ? -9.790  2.988   -0.286  1.00 12.09 ? 504 SER A C   1 
ATOM   202 O O   . SER A 1 28  ? -10.295 4.097   -0.099  1.00 12.50 ? 504 SER A O   1 
ATOM   203 C CB  . SER A 1 28  ? -11.791 1.558   -0.273  1.00 12.59 ? 504 SER A CB  1 
ATOM   204 O OG  . SER A 1 28  ? -12.713 0.866   -1.090  1.00 13.80 ? 504 SER A OG  1 
ATOM   205 N N   . ASP A 1 29  ? -8.599  2.641   0.205   1.00 11.99 ? 505 ASP A N   1 
ATOM   206 C CA  . ASP A 1 29  ? -7.913  3.418   1.257   1.00 12.59 ? 505 ASP A CA  1 
ATOM   207 C C   . ASP A 1 29  ? -6.583  4.038   0.873   1.00 12.40 ? 505 ASP A C   1 
ATOM   208 O O   . ASP A 1 29  ? -5.976  4.708   1.713   1.00 13.21 ? 505 ASP A O   1 
ATOM   209 C CB  . ASP A 1 29  ? -7.643  2.518   2.466   1.00 13.37 ? 505 ASP A CB  1 
ATOM   210 C CG  . ASP A 1 29  ? -8.897  1.941   3.078   1.00 14.21 ? 505 ASP A CG  1 
ATOM   211 O OD1 . ASP A 1 29  ? -10.034 2.318   2.700   1.00 15.63 ? 505 ASP A OD1 1 
ATOM   212 O OD2 . ASP A 1 29  ? -8.738  1.092   3.984   1.00 16.01 ? 505 ASP A OD2 1 
ATOM   213 N N   . PHE A 1 30  ? -6.112  3.827   -0.354  1.00 11.37 ? 506 PHE A N   1 
ATOM   214 C CA  . PHE A 1 30  ? -4.721  4.122   -0.689  1.00 10.61 ? 506 PHE A CA  1 
ATOM   215 C C   . PHE A 1 30  ? -4.679  5.050   -1.891  1.00 10.56 ? 506 PHE A C   1 
ATOM   216 O O   . PHE A 1 30  ? -5.087  4.676   -2.992  1.00 10.72 ? 506 PHE A O   1 
ATOM   217 C CB  . PHE A 1 30  ? -3.998  2.806   -0.994  1.00 10.55 ? 506 PHE A CB  1 
ATOM   218 C CG  . PHE A 1 30  ? -2.498  2.878   -0.894  1.00 10.31 ? 506 PHE A CG  1 
ATOM   219 C CD1 . PHE A 1 30  ? -1.874  3.125   0.325   1.00 10.53 ? 506 PHE A CD1 1 
ATOM   220 C CD2 . PHE A 1 30  ? -1.706  2.618   -2.005  1.00 10.62 ? 506 PHE A CD2 1 
ATOM   221 C CE1 . PHE A 1 30  ? -0.492  3.174   0.426   1.00 10.31 ? 506 PHE A CE1 1 
ATOM   222 C CE2 . PHE A 1 30  ? -0.325  2.655   -1.908  1.00 10.41 ? 506 PHE A CE2 1 
ATOM   223 C CZ  . PHE A 1 30  ? 0.279   2.932   -0.696  1.00 10.54 ? 506 PHE A CZ  1 
ATOM   224 N N   . SER A 1 31  ? -4.204  6.269   -1.678  1.00 10.08 ? 507 SER A N   1 
ATOM   225 C CA  . SER A 1 31  ? -4.154  7.288   -2.729  1.00 10.11 ? 507 SER A CA  1 
ATOM   226 C C   . SER A 1 31  ? -2.898  7.201   -3.575  1.00 10.03 ? 507 SER A C   1 
ATOM   227 O O   . SER A 1 31  ? -1.932  6.531   -3.218  1.00 9.68  ? 507 SER A O   1 
ATOM   228 C CB  . SER A 1 31  ? -4.210  8.680   -2.092  1.00 10.23 ? 507 SER A CB  1 
ATOM   229 O OG  . SER A 1 31  ? -3.009  8.959   -1.402  1.00 10.45 ? 507 SER A OG  1 
ATOM   230 N N   . LEU A 1 32  ? -2.898  7.923   -4.696  1.00 10.22 ? 508 LEU A N   1 
ATOM   231 C CA  . LEU A 1 32  ? -1.682  8.086   -5.493  1.00 10.84 ? 508 LEU A CA  1 
ATOM   232 C C   . LEU A 1 32  ? -0.527  8.709   -4.699  1.00 10.50 ? 508 LEU A C   1 
ATOM   233 O O   . LEU A 1 32  ? 0.630   8.399   -4.956  1.00 9.88  ? 508 LEU A O   1 
ATOM   234 C CB  . LEU A 1 32  ? -1.931  8.984   -6.700  1.00 11.74 ? 508 LEU A CB  1 
ATOM   235 C CG  . LEU A 1 32  ? -2.512  8.458   -7.997  1.00 12.68 ? 508 LEU A CG  1 
ATOM   236 C CD1 . LEU A 1 32  ? -2.427  9.592   -9.013  1.00 13.14 ? 508 LEU A CD1 1 
ATOM   237 C CD2 . LEU A 1 32  ? -1.802  7.208   -8.509  1.00 12.93 ? 508 LEU A CD2 1 
ATOM   238 N N   . GLU A 1 33  ? -0.844  9.608   -3.768  1.00 10.43 ? 509 GLU A N   1 
ATOM   239 C CA  . GLU A 1 33  ? 0.197   10.269  -2.982  1.00 10.65 ? 509 GLU A CA  1 
ATOM   240 C C   . GLU A 1 33  ? 0.841   9.318   -1.987  1.00 9.79  ? 509 GLU A C   1 
ATOM   241 O O   . GLU A 1 33  ? 2.066   9.344   -1.805  1.00 9.23  ? 509 GLU A O   1 
ATOM   242 C CB  . GLU A 1 33  ? -0.344  11.522  -2.297  1.00 11.46 ? 509 GLU A CB  1 
ATOM   243 C CG  . GLU A 1 33  ? -0.782  12.585  -3.290  1.00 12.72 ? 509 GLU A CG  1 
ATOM   244 C CD  . GLU A 1 33  ? 0.359   13.385  -3.923  1.00 13.76 ? 509 GLU A CD  1 
ATOM   245 O OE1 . GLU A 1 33  ? 1.498   12.907  -3.977  1.00 15.20 ? 509 GLU A OE1 1 
ATOM   246 O OE2 . GLU A 1 33  ? 0.111   14.516  -4.398  1.00 15.23 ? 509 GLU A OE2 1 
ATOM   247 N N   . ALA A 1 34  ? 0.036   8.466   -1.364  1.00 9.46  ? 510 ALA A N   1 
ATOM   248 C CA  . ALA A 1 34  ? 0.568   7.397   -0.511  1.00 9.30  ? 510 ALA A CA  1 
ATOM   249 C C   . ALA A 1 34  ? 1.439   6.430   -1.337  1.00 9.08  ? 510 ALA A C   1 
ATOM   250 O O   . ALA A 1 34  ? 2.521   6.029   -0.907  1.00 8.72  ? 510 ALA A O   1 
ATOM   251 C CB  . ALA A 1 34  ? -0.571  6.652   0.182   1.00 9.35  ? 510 ALA A CB  1 
ATOM   252 N N   . ALA A 1 35  ? 0.975   6.081   -2.534  1.00 9.08  ? 511 ALA A N   1 
ATOM   253 C CA  . ALA A 1 35  ? 1.756   5.240   -3.453  1.00 9.23  ? 511 ALA A CA  1 
ATOM   254 C C   . ALA A 1 35  ? 3.100   5.864   -3.845  1.00 9.60  ? 511 ALA A C   1 
ATOM   255 O O   . ALA A 1 35  ? 4.125   5.168   -3.900  1.00 9.58  ? 511 ALA A O   1 
ATOM   256 C CB  . ALA A 1 35  ? 0.939   4.925   -4.687  1.00 9.30  ? 511 ALA A CB  1 
ATOM   257 N N   . SER A 1 36  ? 3.084   7.168   -4.114  1.00 10.02 ? 512 SER A N   1 
ATOM   258 C CA  . SER A 1 36  ? 4.296   7.945   -4.417  1.00 10.53 ? 512 SER A CA  1 
ATOM   259 C C   . SER A 1 36  ? 5.285   7.893   -3.256  1.00 10.47 ? 512 SER A C   1 
ATOM   260 O O   . SER A 1 36  ? 6.483   7.710   -3.467  1.00 10.63 ? 512 SER A O   1 
ATOM   261 C CB  . SER A 1 36  ? 3.941   9.397   -4.730  1.00 11.06 ? 512 SER A CB  1 
ATOM   262 O OG  . SER A 1 36  ? 5.087   10.129  -5.113  1.00 12.33 ? 512 SER A OG  1 
ATOM   263 N N   . VAL A 1 37  ? 4.781   8.030   -2.033  1.00 10.32 ? 513 VAL A N   1 
ATOM   264 C CA  . VAL A 1 37  ? 5.633   7.936   -0.845  1.00 10.58 ? 513 VAL A CA  1 
ATOM   265 C C   . VAL A 1 37  ? 6.233   6.533   -0.732  1.00 10.95 ? 513 VAL A C   1 
ATOM   266 O O   . VAL A 1 37  ? 7.422   6.384   -0.473  1.00 10.89 ? 513 VAL A O   1 
ATOM   267 C CB  . VAL A 1 37  ? 4.861   8.308   0.436   1.00 10.56 ? 513 VAL A CB  1 
ATOM   268 C CG1 . VAL A 1 37  ? 5.697   8.022   1.676   1.00 10.73 ? 513 VAL A CG1 1 
ATOM   269 C CG2 . VAL A 1 37  ? 4.470   9.777   0.407   1.00 10.74 ? 513 VAL A CG2 1 
ATOM   270 N N   . LEU A 1 38  ? 5.407   5.509   -0.937  1.00 11.41 ? 514 LEU A N   1 
ATOM   271 C CA  . LEU A 1 38  ? 5.875   4.119   -0.918  1.00 12.10 ? 514 LEU A CA  1 
ATOM   272 C C   . LEU A 1 38  ? 6.967   3.868   -1.972  1.00 12.02 ? 514 LEU A C   1 
ATOM   273 O O   . LEU A 1 38  ? 8.001   3.259   -1.659  1.00 12.15 ? 514 LEU A O   1 
ATOM   274 C CB  . LEU A 1 38  ? 4.706   3.136   -1.131  1.00 12.66 ? 514 LEU A CB  1 
ATOM   275 C CG  . LEU A 1 38  ? 5.033   1.628   -1.073  1.00 13.18 ? 514 LEU A CG  1 
ATOM   276 C CD1 . LEU A 1 38  ? 3.865   0.805   -0.555  1.00 13.73 ? 514 LEU A CD1 1 
ATOM   277 C CD2 . LEU A 1 38  ? 5.463   1.061   -2.415  1.00 13.48 ? 514 LEU A CD2 1 
ATOM   278 N N   . CYS A 1 39  ? 6.739   4.307   -3.210  1.00 12.15 ? 515 CYS A N   1 
ATOM   279 C CA  . CYS A 1 39  ? 7.719   4.064   -4.285  1.00 12.91 ? 515 CYS A CA  1 
ATOM   280 C C   . CYS A 1 39  ? 9.052   4.748   -4.005  1.00 13.55 ? 515 CYS A C   1 
ATOM   281 O O   . CYS A 1 39  ? 10.100  4.162   -4.246  1.00 14.08 ? 515 CYS A O   1 
ATOM   282 C CB  . CYS A 1 39  ? 7.191   4.479   -5.661  1.00 13.01 ? 515 CYS A CB  1 
ATOM   283 S SG  . CYS A 1 39  ? 5.785   3.500   -6.233  1.00 13.34 ? 515 CYS A SG  1 
ATOM   284 N N   . ARG A 1 40  ? 9.005   5.984   -3.506  1.00 15.27 ? 516 ARG A N   1 
ATOM   285 C CA  . ARG A 1 40  ? 10.217  6.708   -3.080  1.00 16.50 ? 516 ARG A CA  1 
ATOM   286 C C   . ARG A 1 40  ? 10.946  5.972   -1.951  1.00 16.74 ? 516 ARG A C   1 
ATOM   287 O O   . ARG A 1 40  ? 12.168  5.815   -2.002  1.00 16.99 ? 516 ARG A O   1 
ATOM   288 C CB  . ARG A 1 40  ? 9.862   8.139   -2.626  1.00 17.91 ? 516 ARG A CB  1 
ATOM   289 C CG  . ARG A 1 40  ? 11.010  8.945   -1.993  1.00 19.26 ? 516 ARG A CG  1 
ATOM   290 C CD  . ARG A 1 40  ? 10.542  10.290  -1.442  1.00 20.21 ? 516 ARG A CD  1 
ATOM   291 N NE  . ARG A 1 40  ? 9.768   11.016  -2.450  1.00 21.21 ? 516 ARG A NE  1 
ATOM   292 C CZ  . ARG A 1 40  ? 8.481   11.378  -2.371  1.00 21.48 ? 516 ARG A CZ  1 
ATOM   293 N NH1 . ARG A 1 40  ? 7.928   12.009  -3.406  1.00 22.18 ? 516 ARG A NH1 1 
ATOM   294 N NH2 . ARG A 1 40  ? 7.741   11.152  -1.282  1.00 21.41 ? 516 ARG A NH2 1 
ATOM   295 N N   . GLU A 1 41  ? 10.202  5.524   -0.941  1.00 16.55 ? 517 GLU A N   1 
ATOM   296 C CA  . GLU A 1 41  ? 10.777  4.877   0.237   1.00 17.25 ? 517 GLU A CA  1 
ATOM   297 C C   . GLU A 1 41  ? 11.483  3.566   -0.151  1.00 17.05 ? 517 GLU A C   1 
ATOM   298 O O   . GLU A 1 41  ? 12.468  3.205   0.477   1.00 16.45 ? 517 GLU A O   1 
ATOM   299 C CB  . GLU A 1 41  ? 9.689   4.631   1.292   1.00 17.89 ? 517 GLU A CB  1 
ATOM   300 C CG  . GLU A 1 41  ? 10.179  4.039   2.607   1.00 19.10 ? 517 GLU A CG  1 
ATOM   301 C CD  . GLU A 1 41  ? 9.069   3.858   3.627   1.00 19.73 ? 517 GLU A CD  1 
ATOM   302 O OE1 . GLU A 1 41  ? 7.878   4.057   3.292   1.00 20.52 ? 517 GLU A OE1 1 
ATOM   303 O OE2 . GLU A 1 41  ? 9.387   3.511   4.779   1.00 20.98 ? 517 GLU A OE2 1 
ATOM   304 N N   . LEU A 1 42  ? 11.009  2.927   -1.221  1.00 16.44 ? 518 LEU A N   1 
ATOM   305 C CA  . LEU A 1 42  ? 11.594  1.687   -1.693  1.00 17.18 ? 518 LEU A CA  1 
ATOM   306 C C   . LEU A 1 42  ? 12.706  1.878   -2.721  1.00 16.89 ? 518 LEU A C   1 
ATOM   307 O O   . LEU A 1 42  ? 13.236  0.959   -3.211  1.00 16.43 ? 518 LEU A O   1 
ATOM   308 C CB  . LEU A 1 42  ? 10.499  0.760   -2.228  1.00 17.73 ? 518 LEU A CB  1 
ATOM   309 C CG  . LEU A 1 42  ? 9.587   0.126   -1.175  1.00 18.55 ? 518 LEU A CG  1 
ATOM   310 C CD1 . LEU A 1 42  ? 8.559   -0.766  -1.773  1.00 19.28 ? 518 LEU A CD1 1 
ATOM   311 C CD2 . LEU A 1 42  ? 10.350  -0.678  -0.195  1.00 18.83 ? 518 LEU A CD2 1 
ATOM   312 N N   . GLN A 1 43  ? 13.000  3.112   -3.049  1.00 17.25 ? 519 GLN A N   1 
ATOM   313 C CA  . GLN A 1 43  ? 13.886  3.483   -4.121  1.00 18.02 ? 519 GLN A CA  1 
ATOM   314 C C   . GLN A 1 43  ? 13.480  2.996   -5.488  1.00 18.01 ? 519 GLN A C   1 
ATOM   315 O O   . GLN A 1 43  ? 14.307  2.602   -6.283  1.00 18.09 ? 519 GLN A O   1 
ATOM   316 C CB  . GLN A 1 43  ? 15.329  3.123   -3.842  1.00 19.48 ? 519 GLN A CB  1 
ATOM   317 C CG  . GLN A 1 43  ? 15.899  3.978   -2.797  1.00 21.45 ? 519 GLN A CG  1 
ATOM   318 C CD  . GLN A 1 43  ? 15.902  3.210   -1.597  1.00 23.38 ? 519 GLN A CD  1 
ATOM   319 O OE1 . GLN A 1 43  ? 14.851  2.839   -1.156  1.00 26.47 ? 519 GLN A OE1 1 
ATOM   320 N NE2 . GLN A 1 43  ? 17.093  2.787   -1.137  1.00 24.09 ? 519 GLN A NE2 1 
ATOM   321 N N   . CYS A 1 44  ? 12.193  3.023   -5.730  1.00 17.88 ? 520 CYS A N   1 
ATOM   322 C CA  . CYS A 1 44  ? 11.630  2.597   -6.995  1.00 18.64 ? 520 CYS A CA  1 
ATOM   323 C C   . CYS A 1 44  ? 11.199  3.711   -7.933  1.00 19.75 ? 520 CYS A C   1 
ATOM   324 O O   . CYS A 1 44  ? 10.541  3.472   -8.893  1.00 20.62 ? 520 CYS A O   1 
ATOM   325 C CB  . CYS A 1 44  ? 10.483  1.622   -6.767  1.00 18.96 ? 520 CYS A CB  1 
ATOM   326 S SG  . CYS A 1 44  ? 10.984  0.056   -6.040  1.00 19.44 ? 520 CYS A SG  1 
ATOM   327 N N   . GLY A 1 45  ? 11.613  4.899   -7.638  1.00 21.05 ? 521 GLY A N   1 
ATOM   328 C CA  . GLY A 1 45  ? 11.131  6.052   -8.344  1.00 22.98 ? 521 GLY A CA  1 
ATOM   329 C C   . GLY A 1 45  ? 9.791   6.629   -7.920  1.00 24.38 ? 521 GLY A C   1 
ATOM   330 O O   . GLY A 1 45  ? 9.649   7.052   -6.845  1.00 25.83 ? 521 GLY A O   1 
ATOM   331 N N   . THR A 1 46  ? 8.864   6.691   -8.842  1.00 26.87 ? 522 THR A N   1 
ATOM   332 C CA  . THR A 1 46  ? 7.522   7.235   -8.664  1.00 27.49 ? 522 THR A CA  1 
ATOM   333 C C   . THR A 1 46  ? 6.356   6.269   -9.060  1.00 26.59 ? 522 THR A C   1 
ATOM   334 O O   . THR A 1 46  ? 6.468   5.409   -9.938  1.00 24.97 ? 522 THR A O   1 
ATOM   335 C CB  . THR A 1 46  ? 7.352   8.429   -9.566  1.00 28.69 ? 522 THR A CB  1 
ATOM   336 O OG1 . THR A 1 46  ? 7.478   7.962   -10.886 1.00 30.08 ? 522 THR A OG1 1 
ATOM   337 C CG2 . THR A 1 46  ? 8.423   9.435   -9.297  1.00 28.93 ? 522 THR A CG2 1 
ATOM   338 N N   . VAL A 1 47  ? 5.214   6.490   -8.428  1.00 24.99 ? 523 VAL A N   1 
ATOM   339 C CA  . VAL A 1 47  ? 4.068   5.667   -8.755  1.00 24.02 ? 523 VAL A CA  1 
ATOM   340 C C   . VAL A 1 47  ? 3.791   5.870   -10.239 1.00 22.69 ? 523 VAL A C   1 
ATOM   341 O O   . VAL A 1 47  ? 3.730   6.930   -10.672 1.00 21.37 ? 523 VAL A O   1 
ATOM   342 C CB  . VAL A 1 47  ? 2.878   6.016   -7.897  1.00 24.18 ? 523 VAL A CB  1 
ATOM   343 C CG1 . VAL A 1 47  ? 2.291   7.364   -8.204  1.00 24.80 ? 523 VAL A CG1 1 
ATOM   344 C CG2 . VAL A 1 47  ? 1.885   4.931   -7.904  1.00 24.85 ? 523 VAL A CG2 1 
ATOM   345 N N   . VAL A 1 48  ? 3.635   4.793   -10.975 1.00 22.39 ? 524 VAL A N   1 
ATOM   346 C CA  . VAL A 1 48  ? 3.046   4.847   -12.312 1.00 22.23 ? 524 VAL A CA  1 
ATOM   347 C C   . VAL A 1 48  ? 1.557   4.537   -12.181 1.00 21.03 ? 524 VAL A C   1 
ATOM   348 O O   . VAL A 1 48  ? 0.721   5.250   -12.747 1.00 22.01 ? 524 VAL A O   1 
ATOM   349 C CB  . VAL A 1 48  ? 3.733   3.867   -13.296 1.00 22.67 ? 524 VAL A CB  1 
ATOM   350 C CG1 . VAL A 1 48  ? 3.027   3.868   -14.647 1.00 22.95 ? 524 VAL A CG1 1 
ATOM   351 C CG2 . VAL A 1 48  ? 5.199   4.253   -13.471 1.00 23.45 ? 524 VAL A CG2 1 
ATOM   352 N N   . SER A 1 49  ? 1.223   3.485   -11.430 1.00 18.45 ? 525 SER A N   1 
ATOM   353 C CA  . SER A 1 49  ? -0.142  2.990   -11.399 1.00 17.12 ? 525 SER A CA  1 
ATOM   354 C C   . SER A 1 49  ? -0.489  2.345   -10.069 1.00 15.34 ? 525 SER A C   1 
ATOM   355 O O   . SER A 1 49  ? 0.335   1.634   -9.507  1.00 13.65 ? 525 SER A O   1 
ATOM   356 C CB  . SER A 1 49  ? -0.326  1.931   -12.489 1.00 17.93 ? 525 SER A CB  1 
ATOM   357 O OG  . SER A 1 49  ? -0.112  2.461   -13.790 1.00 19.88 ? 525 SER A OG  1 
ATOM   358 N N   . LEU A 1 50  ? -1.708  2.601   -9.593  1.00 14.04 ? 526 LEU A N   1 
ATOM   359 C CA  . LEU A 1 50  ? -2.360  1.744   -8.605  1.00 14.10 ? 526 LEU A CA  1 
ATOM   360 C C   . LEU A 1 50  ? -3.118  0.656   -9.345  1.00 13.86 ? 526 LEU A C   1 
ATOM   361 O O   . LEU A 1 50  ? -3.760  0.933   -10.356 1.00 13.76 ? 526 LEU A O   1 
ATOM   362 C CB  . LEU A 1 50  ? -3.363  2.542   -7.790  1.00 14.47 ? 526 LEU A CB  1 
ATOM   363 C CG  . LEU A 1 50  ? -2.810  3.627   -6.881  1.00 15.48 ? 526 LEU A CG  1 
ATOM   364 C CD1 . LEU A 1 50  ? -3.896  4.633   -6.554  1.00 15.94 ? 526 LEU A CD1 1 
ATOM   365 C CD2 . LEU A 1 50  ? -2.241  3.030   -5.614  1.00 15.90 ? 526 LEU A CD2 1 
ATOM   366 N N   . LEU A 1 51  ? -3.085  -0.566  -8.831  1.00 13.52 ? 527 LEU A N   1 
ATOM   367 C CA  . LEU A 1 51  ? -3.837  -1.675  -9.412  1.00 13.75 ? 527 LEU A CA  1 
ATOM   368 C C   . LEU A 1 51  ? -4.773  -2.237  -8.360  1.00 14.25 ? 527 LEU A C   1 
ATOM   369 O O   . LEU A 1 51  ? -4.349  -2.536  -7.253  1.00 14.11 ? 527 LEU A O   1 
ATOM   370 C CB  . LEU A 1 51  ? -2.902  -2.778  -9.911  1.00 13.80 ? 527 LEU A CB  1 
ATOM   371 C CG  . LEU A 1 51  ? -1.950  -2.343  -11.036 1.00 14.66 ? 527 LEU A CG  1 
ATOM   372 C CD1 . LEU A 1 51  ? -1.007  -3.464  -11.440 1.00 14.87 ? 527 LEU A CD1 1 
ATOM   373 C CD2 . LEU A 1 51  ? -2.717  -1.838  -12.241 1.00 14.90 ? 527 LEU A CD2 1 
ATOM   374 N N   . GLY A 1 52  ? -6.036  -2.378  -8.734  1.00 15.33 ? 528 GLY A N   1 
ATOM   375 C CA  . GLY A 1 52  ? -7.067  -2.851  -7.839  1.00 16.59 ? 528 GLY A CA  1 
ATOM   376 C C   . GLY A 1 52  ? -7.347  -4.320  -8.027  1.00 17.63 ? 528 GLY A C   1 
ATOM   377 O O   . GLY A 1 52  ? -6.756  -4.990  -8.899  1.00 17.11 ? 528 GLY A O   1 
ATOM   378 N N   . GLY A 1 53  ? -8.240  -4.813  -7.171  1.00 18.83 ? 529 GLY A N   1 
ATOM   379 C CA  . GLY A 1 53  ? -8.812  -6.134  -7.293  1.00 18.87 ? 529 GLY A CA  1 
ATOM   380 C C   . GLY A 1 53  ? -7.794  -7.243  -7.234  1.00 17.24 ? 529 GLY A C   1 
ATOM   381 O O   . GLY A 1 53  ? -7.770  -8.107  -8.116  1.00 17.77 ? 529 GLY A O   1 
ATOM   382 N N   . ALA A 1 54  ? -6.928  -7.183  -6.220  1.00 16.63 ? 530 ALA A N   1 
ATOM   383 C CA  . ALA A 1 54  ? -5.974  -8.236  -5.936  1.00 15.38 ? 530 ALA A CA  1 
ATOM   384 C C   . ALA A 1 54  ? -5.209  -8.662  -7.207  1.00 14.47 ? 530 ALA A C   1 
ATOM   385 O O   . ALA A 1 54  ? -5.052  -9.853  -7.485  1.00 13.64 ? 530 ALA A O   1 
ATOM   386 C CB  . ALA A 1 54  ? -6.700  -9.412  -5.299  1.00 15.37 ? 530 ALA A CB  1 
ATOM   387 N N   . HIS A 1 55  ? -4.734  -7.670  -7.965  1.00 13.62 ? 531 HIS A N   1 
ATOM   388 C CA  . HIS A 1 55  ? -4.069  -7.907  -9.251  1.00 13.69 ? 531 HIS A CA  1 
ATOM   389 C C   . HIS A 1 55  ? -2.871  -8.867  -9.177  1.00 12.44 ? 531 HIS A C   1 
ATOM   390 O O   . HIS A 1 55  ? -2.681  -9.712  -10.061 1.00 11.82 ? 531 HIS A O   1 
ATOM   391 C CB  . HIS A 1 55  ? -3.609  -6.585  -9.861  1.00 14.70 ? 531 HIS A CB  1 
ATOM   392 C CG  . HIS A 1 55  ? -2.961  -6.744  -11.197 1.00 16.09 ? 531 HIS A CG  1 
ATOM   393 N ND1 . HIS A 1 55  ? -1.596  -6.840  -11.357 1.00 17.24 ? 531 HIS A ND1 1 
ATOM   394 C CD2 . HIS A 1 55  ? -3.495  -6.870  -12.432 1.00 16.82 ? 531 HIS A CD2 1 
ATOM   395 C CE1 . HIS A 1 55  ? -1.316  -7.002  -12.640 1.00 17.39 ? 531 HIS A CE1 1 
ATOM   396 N NE2 . HIS A 1 55  ? -2.453  -7.025  -13.313 1.00 17.74 ? 531 HIS A NE2 1 
ATOM   397 N N   . PHE A 1 56  ? -2.075  -8.730  -8.121  1.00 11.20 ? 532 PHE A N   1 
ATOM   398 C CA  . PHE A 1 56  ? -0.934  -9.619  -7.865  1.00 10.87 ? 532 PHE A CA  1 
ATOM   399 C C   . PHE A 1 56  ? -1.285  -10.812 -6.971  1.00 11.10 ? 532 PHE A C   1 
ATOM   400 O O   . PHE A 1 56  ? -0.395  -11.484 -6.442  1.00 11.53 ? 532 PHE A O   1 
ATOM   401 C CB  . PHE A 1 56  ? 0.200   -8.802  -7.220  1.00 10.59 ? 532 PHE A CB  1 
ATOM   402 C CG  . PHE A 1 56  ? 0.652   -7.638  -8.045  1.00 10.29 ? 532 PHE A CG  1 
ATOM   403 C CD1 . PHE A 1 56  ? 1.560   -7.811  -9.083  1.00 10.18 ? 532 PHE A CD1 1 
ATOM   404 C CD2 . PHE A 1 56  ? 0.178   -6.350  -7.783  1.00 10.09 ? 532 PHE A CD2 1 
ATOM   405 C CE1 . PHE A 1 56  ? 1.983   -6.727  -9.841  1.00 10.08 ? 532 PHE A CE1 1 
ATOM   406 C CE2 . PHE A 1 56  ? 0.597   -5.272  -8.545  1.00 10.13 ? 532 PHE A CE2 1 
ATOM   407 C CZ  . PHE A 1 56  ? 1.498   -5.462  -9.577  1.00 10.15 ? 532 PHE A CZ  1 
ATOM   408 N N   . GLY A 1 57  ? -2.573  -11.111 -6.837  1.00 10.96 ? 533 GLY A N   1 
ATOM   409 C CA  . GLY A 1 57  ? -3.049  -12.029 -5.832  1.00 11.53 ? 533 GLY A CA  1 
ATOM   410 C C   . GLY A 1 57  ? -3.462  -11.288 -4.584  1.00 11.77 ? 533 GLY A C   1 
ATOM   411 O O   . GLY A 1 57  ? -2.917  -10.241 -4.256  1.00 11.84 ? 533 GLY A O   1 
ATOM   412 N N   . GLU A 1 58  ? -4.450  -11.842 -3.898  1.00 12.88 ? 534 GLU A N   1 
ATOM   413 C CA  . GLU A 1 58  ? -4.840  -11.357 -2.585  1.00 13.22 ? 534 GLU A CA  1 
ATOM   414 C C   . GLU A 1 58  ? -3.790  -11.778 -1.528  1.00 13.08 ? 534 GLU A C   1 
ATOM   415 O O   . GLU A 1 58  ? -3.118  -12.809 -1.669  1.00 12.85 ? 534 GLU A O   1 
ATOM   416 C CB  . GLU A 1 58  ? -6.244  -11.884 -2.238  1.00 13.89 ? 534 GLU A CB  1 
ATOM   417 C CG  . GLU A 1 58  ? -6.361  -13.329 -1.772  1.00 14.55 ? 534 GLU A CG  1 
ATOM   418 C CD  . GLU A 1 58  ? -6.339  -14.379 -2.867  1.00 15.17 ? 534 GLU A CD  1 
ATOM   419 O OE1 . GLU A 1 58  ? -6.084  -14.068 -4.063  1.00 15.14 ? 534 GLU A OE1 1 
ATOM   420 O OE2 . GLU A 1 58  ? -6.584  -15.551 -2.506  1.00 16.20 ? 534 GLU A OE2 1 
ATOM   421 N N   . GLY A 1 59  ? -3.666  -10.985 -0.475  1.00 12.79 ? 535 GLY A N   1 
ATOM   422 C CA  . GLY A 1 59  ? -2.873  -11.357 0.676   1.00 12.70 ? 535 GLY A CA  1 
ATOM   423 C C   . GLY A 1 59  ? -3.677  -12.185 1.663   1.00 12.51 ? 535 GLY A C   1 
ATOM   424 O O   . GLY A 1 59  ? -4.786  -12.662 1.370   1.00 12.35 ? 535 GLY A O   1 
ATOM   425 N N   . SER A 1 60  ? -3.110  -12.337 2.848   1.00 12.21 ? 536 SER A N   1 
ATOM   426 C CA  . SER A 1 60  ? -3.795  -12.965 3.979   1.00 12.05 ? 536 SER A CA  1 
ATOM   427 C C   . SER A 1 60  ? -3.425  -12.204 5.246   1.00 11.61 ? 536 SER A C   1 
ATOM   428 O O   . SER A 1 60  ? -2.570  -11.336 5.210   1.00 11.51 ? 536 SER A O   1 
ATOM   429 C CB  . SER A 1 60  ? -3.382  -14.433 4.090   1.00 12.20 ? 536 SER A CB  1 
ATOM   430 O OG  . SER A 1 60  ? -2.011  -14.548 4.433   1.00 12.85 ? 536 SER A OG  1 
ATOM   431 N N   . GLY A 1 61  ? -4.067  -12.485 6.347   1.00 11.02 ? 537 GLY A N   1 
ATOM   432 C CA  . GLY A 1 61  ? -3.724  -11.780 7.557   1.00 10.82 ? 537 GLY A CA  1 
ATOM   433 C C   . GLY A 1 61  ? -4.424  -10.424 7.720   1.00 10.62 ? 537 GLY A C   1 
ATOM   434 O O   . GLY A 1 61  ? -5.441  -10.232 7.240   1.00 9.76  ? 537 GLY A O   1 
ATOM   435 N N   . GLN A 1 62  ? -3.816  -9.554  8.494   1.00 11.07 ? 538 GLN A N   1 
ATOM   436 C CA  . GLN A 1 62  ? -4.387  -8.289  8.792   1.00 11.85 ? 538 GLN A CA  1 
ATOM   437 C C   . GLN A 1 62  ? -4.489  -7.423  7.599   1.00 10.81 ? 538 GLN A C   1 
ATOM   438 O O   . GLN A 1 62  ? -3.693  -7.510  6.732   1.00 10.38 ? 538 GLN A O   1 
ATOM   439 C CB  . GLN A 1 62  ? -3.432  -7.499  9.626   1.00 13.59 ? 538 GLN A CB  1 
ATOM   440 C CG  . GLN A 1 62  ? -2.865  -8.247  10.728  1.00 15.75 ? 538 GLN A CG  1 
ATOM   441 C CD  . GLN A 1 62  ? -3.750  -8.129  11.865  1.00 17.31 ? 538 GLN A CD  1 
ATOM   442 O OE1 . GLN A 1 62  ? -4.848  -8.600  11.796  1.00 20.52 ? 538 GLN A OE1 1 
ATOM   443 N NE2 . GLN A 1 62  ? -3.327  -7.419  12.877  1.00 18.20 ? 538 GLN A NE2 1 
ATOM   444 N N   . ILE A 1 63  ? -5.435  -6.533  7.666   1.00 10.34 ? 539 ILE A N   1 
ATOM   445 C CA  . ILE A 1 63  ? -5.563  -5.487  6.698   1.00 10.10 ? 539 ILE A CA  1 
ATOM   446 C C   . ILE A 1 63  ? -5.572  -4.165  7.459   1.00 10.19 ? 539 ILE A C   1 
ATOM   447 O O   . ILE A 1 63  ? -6.262  -4.046  8.377   1.00 10.67 ? 539 ILE A O   1 
ATOM   448 C CB  . ILE A 1 63  ? -6.894  -5.617  5.901   1.00 9.98  ? 539 ILE A CB  1 
ATOM   449 C CG1 . ILE A 1 63  ? -6.923  -6.902  5.149   1.00 9.83  ? 539 ILE A CG1 1 
ATOM   450 C CG2 . ILE A 1 63  ? -7.079  -4.508  4.929   1.00 10.11 ? 539 ILE A CG2 1 
ATOM   451 C CD1 . ILE A 1 63  ? -8.286  -7.179  4.601   1.00 9.75  ? 539 ILE A CD1 1 
ATOM   452 N N   . TRP A 1 64  ? -4.757  -3.214  7.060   1.00 9.99  ? 540 TRP A N   1 
ATOM   453 C CA  . TRP A 1 64  ? -4.659  -1.944  7.796   1.00 10.37 ? 540 TRP A CA  1 
ATOM   454 C C   . TRP A 1 64  ? -6.026  -1.306  8.065   1.00 10.62 ? 540 TRP A C   1 
ATOM   455 O O   . TRP A 1 64  ? -6.849  -1.189  7.161   1.00 10.61 ? 540 TRP A O   1 
ATOM   456 C CB  . TRP A 1 64  ? -3.756  -0.959  7.067   1.00 10.23 ? 540 TRP A CB  1 
ATOM   457 C CG  . TRP A 1 64  ? -2.346  -1.214  7.355   1.00 10.19 ? 540 TRP A CG  1 
ATOM   458 C CD1 . TRP A 1 64  ? -1.553  -2.150  6.784   1.00 10.01 ? 540 TRP A CD1 1 
ATOM   459 C CD2 . TRP A 1 64  ? -1.547  -0.551  8.337   1.00 10.22 ? 540 TRP A CD2 1 
ATOM   460 N NE1 . TRP A 1 64  ? -0.293  -2.101  7.328   1.00 10.13 ? 540 TRP A NE1 1 
ATOM   461 C CE2 . TRP A 1 64  ? -0.264  -1.121  8.280   1.00 10.40 ? 540 TRP A CE2 1 
ATOM   462 C CE3 . TRP A 1 64  ? -1.785  0.498   9.240   1.00 10.72 ? 540 TRP A CE3 1 
ATOM   463 C CZ2 . TRP A 1 64  ? 0.783   -0.689  9.099   1.00 10.57 ? 540 TRP A CZ2 1 
ATOM   464 C CZ3 . TRP A 1 64  ? -0.749  0.918   10.064  1.00 10.88 ? 540 TRP A CZ3 1 
ATOM   465 C CH2 . TRP A 1 64  ? 0.515   0.324   9.986   1.00 10.84 ? 540 TRP A CH2 1 
ATOM   466 N N   . ALA A 1 65  ? -6.247  -0.930  9.327   1.00 11.25 ? 541 ALA A N   1 
ATOM   467 C CA  . ALA A 1 65  ? -7.495  -0.331  9.801   1.00 11.88 ? 541 ALA A CA  1 
ATOM   468 C C   . ALA A 1 65  ? -7.474  1.200   9.725   1.00 12.74 ? 541 ALA A C   1 
ATOM   469 O O   . ALA A 1 65  ? -8.496  1.847   9.958   1.00 13.63 ? 541 ALA A O   1 
ATOM   470 C CB  . ALA A 1 65  ? -7.766  -0.771  11.241  1.00 12.09 ? 541 ALA A CB  1 
ATOM   471 N N   . GLU A 1 66  ? -6.304  1.765   9.435   1.00 13.57 ? 542 GLU A N   1 
ATOM   472 C CA  . GLU A 1 66  ? -6.145  3.194   9.218   1.00 14.11 ? 542 GLU A CA  1 
ATOM   473 C C   . GLU A 1 66  ? -5.696  3.426   7.801   1.00 14.44 ? 542 GLU A C   1 
ATOM   474 O O   . GLU A 1 66  ? -5.050  2.562   7.211   1.00 13.70 ? 542 GLU A O   1 
ATOM   475 C CB  . GLU A 1 66  ? -5.079  3.781   10.138  1.00 14.97 ? 542 GLU A CB  1 
ATOM   476 C CG  . GLU A 1 66  ? -5.366  3.655   11.619  1.00 15.43 ? 542 GLU A CG  1 
ATOM   477 C CD  . GLU A 1 66  ? -5.103  2.266   12.161  1.00 16.34 ? 542 GLU A CD  1 
ATOM   478 O OE1 . GLU A 1 66  ? -4.130  1.605   11.718  1.00 15.82 ? 542 GLU A OE1 1 
ATOM   479 O OE2 . GLU A 1 66  ? -5.879  1.846   13.040  1.00 17.76 ? 542 GLU A OE2 1 
ATOM   480 N N   . GLU A 1 67  ? -5.986  4.621   7.291   1.00 14.58 ? 543 GLU A N   1 
ATOM   481 C CA  . GLU A 1 67  ? -5.546  5.062   5.971   1.00 15.69 ? 543 GLU A CA  1 
ATOM   482 C C   . GLU A 1 67  ? -4.303  5.927   6.091   1.00 14.89 ? 543 GLU A C   1 
ATOM   483 O O   . GLU A 1 67  ? -4.194  6.713   7.015   1.00 14.71 ? 543 GLU A O   1 
ATOM   484 C CB  . GLU A 1 67  ? -6.628  5.898   5.301   1.00 17.26 ? 543 GLU A CB  1 
ATOM   485 C CG  . GLU A 1 67  ? -7.976  5.218   5.210   1.00 19.48 ? 543 GLU A CG  1 
ATOM   486 C CD  . GLU A 1 67  ? -8.961  5.968   4.331   1.00 21.10 ? 543 GLU A CD  1 
ATOM   487 O OE1 . GLU A 1 67  ? -8.751  7.178   4.087   1.00 22.79 ? 543 GLU A OE1 1 
ATOM   488 O OE2 . GLU A 1 67  ? -9.955  5.343   3.891   1.00 24.88 ? 543 GLU A OE2 1 
ATOM   489 N N   . PHE A 1 68  ? -3.383  5.786   5.142   1.00 14.54 ? 544 PHE A N   1 
ATOM   490 C CA  . PHE A 1 68  ? -2.160  6.598   5.112   1.00 14.49 ? 544 PHE A CA  1 
ATOM   491 C C   . PHE A 1 68  ? -2.442  7.878   4.349   1.00 14.43 ? 544 PHE A C   1 
ATOM   492 O O   . PHE A 1 68  ? -2.404  7.882   3.116   1.00 14.37 ? 544 PHE A O   1 
ATOM   493 C CB  . PHE A 1 68  ? -1.021  5.831   4.435   1.00 14.53 ? 544 PHE A CB  1 
ATOM   494 C CG  . PHE A 1 68  ? -0.587  4.620   5.191   1.00 14.76 ? 544 PHE A CG  1 
ATOM   495 C CD1 . PHE A 1 68  ? 0.129   4.753   6.374   1.00 15.00 ? 544 PHE A CD1 1 
ATOM   496 C CD2 . PHE A 1 68  ? -0.880  3.352   4.728   1.00 14.70 ? 544 PHE A CD2 1 
ATOM   497 C CE1 . PHE A 1 68  ? 0.524   3.634   7.093   1.00 15.29 ? 544 PHE A CE1 1 
ATOM   498 C CE2 . PHE A 1 68  ? -0.481  2.232   5.436   1.00 14.99 ? 544 PHE A CE2 1 
ATOM   499 C CZ  . PHE A 1 68  ? 0.222   2.371   6.618   1.00 15.20 ? 544 PHE A CZ  1 
ATOM   500 N N   . GLN A 1 69  ? -2.725  8.964   5.065   1.00 14.41 ? 545 GLN A N   1 
ATOM   501 C CA  . GLN A 1 69  ? -3.176  10.203  4.418   1.00 15.15 ? 545 GLN A CA  1 
ATOM   502 C C   . GLN A 1 69  ? -2.009  11.108  4.032   1.00 15.19 ? 545 GLN A C   1 
ATOM   503 O O   . GLN A 1 69  ? -1.871  12.228  4.523   1.00 15.77 ? 545 GLN A O   1 
ATOM   504 C CB  . GLN A 1 69  ? -4.208  10.911  5.288   1.00 15.61 ? 545 GLN A CB  1 
ATOM   505 C CG  . GLN A 1 69  ? -5.463  10.069  5.441   1.00 16.46 ? 545 GLN A CG  1 
ATOM   506 C CD  . GLN A 1 69  ? -6.653  10.835  5.984   1.00 17.32 ? 545 GLN A CD  1 
ATOM   507 O OE1 . GLN A 1 69  ? -6.507  11.717  6.808   1.00 17.64 ? 545 GLN A OE1 1 
ATOM   508 N NE2 . GLN A 1 69  ? -7.849  10.472  5.529   1.00 18.87 ? 545 GLN A NE2 1 
ATOM   509 N N   . CYS A 1 70  ? -1.188  10.573  3.163   1.00 14.94 ? 546 CYS A N   1 
ATOM   510 C CA  . CYS A 1 70  ? 0.044   11.229  2.758   1.00 14.90 ? 546 CYS A CA  1 
ATOM   511 C C   . CYS A 1 70  ? -0.198  12.463  1.919   1.00 15.76 ? 546 CYS A C   1 
ATOM   512 O O   . CYS A 1 70  ? -1.009  12.446  1.079   1.00 15.41 ? 546 CYS A O   1 
ATOM   513 C CB  . CYS A 1 70  ? 0.940   10.296  1.964   1.00 14.87 ? 546 CYS A CB  1 
ATOM   514 S SG  . CYS A 1 70  ? 1.408   8.749   2.737   1.00 14.85 ? 546 CYS A SG  1 
ATOM   515 N N   . GLU A 1 71  ? 0.568   13.502  2.173   1.00 16.91 ? 547 GLU A N   1 
ATOM   516 C CA  . GLU A 1 71  ? 0.656   14.693  1.323   1.00 18.76 ? 547 GLU A CA  1 
ATOM   517 C C   . GLU A 1 71  ? 1.333   14.411  -0.047  1.00 18.33 ? 547 GLU A C   1 
ATOM   518 O O   . GLU A 1 71  ? 0.958   14.888  -1.046  1.00 17.24 ? 547 GLU A O   1 
ATOM   519 C CB  . GLU A 1 71  ? 1.517   15.669  2.029   1.00 20.92 ? 547 GLU A CB  1 
ATOM   520 C CG  . GLU A 1 71  ? 1.155   17.059  1.903   1.00 24.37 ? 547 GLU A CG  1 
ATOM   521 C CD  . GLU A 1 71  ? 2.000   17.841  0.952   1.00 26.44 ? 547 GLU A CD  1 
ATOM   522 O OE1 . GLU A 1 71  ? 2.772   17.257  0.243   1.00 29.86 ? 547 GLU A OE1 1 
ATOM   523 O OE2 . GLU A 1 71  ? 1.889   19.071  0.916   1.00 28.82 ? 547 GLU A OE2 1 
ATOM   524 N N   . GLY A 1 72  ? 2.380   13.621  -0.001  1.00 17.81 ? 548 GLY A N   1 
ATOM   525 C CA  . GLY A 1 72  ? 3.066   13.206  -1.172  1.00 17.94 ? 548 GLY A CA  1 
ATOM   526 C C   . GLY A 1 72  ? 4.584   13.194  -1.051  1.00 18.66 ? 548 GLY A C   1 
ATOM   527 O O   . GLY A 1 72  ? 5.229   12.405  -1.654  1.00 19.50 ? 548 GLY A O   1 
ATOM   528 N N   . HIS A 1 73  ? 5.110   14.156  -0.328  1.00 18.90 ? 549 HIS A N   1 
ATOM   529 C CA  . HIS A 1 73  ? 6.549   14.421  -0.236  1.00 20.18 ? 549 HIS A CA  1 
ATOM   530 C C   . HIS A 1 73  ? 7.223   13.825  1.006   1.00 19.05 ? 549 HIS A C   1 
ATOM   531 O O   . HIS A 1 73  ? 8.409   14.090  1.250   1.00 18.74 ? 549 HIS A O   1 
ATOM   532 C CB  . HIS A 1 73  ? 6.802   15.933  -0.338  1.00 22.22 ? 549 HIS A CB  1 
ATOM   533 C CG  . HIS A 1 73  ? 6.440   16.501  -1.676  1.00 24.72 ? 549 HIS A CG  1 
ATOM   534 N ND1 . HIS A 1 73  ? 5.422   17.415  -1.853  1.00 26.22 ? 549 HIS A ND1 1 
ATOM   535 C CD2 . HIS A 1 73  ? 6.931   16.242  -2.913  1.00 26.39 ? 549 HIS A CD2 1 
ATOM   536 C CE1 . HIS A 1 73  ? 5.318   17.714  -3.136  1.00 26.52 ? 549 HIS A CE1 1 
ATOM   537 N NE2 . HIS A 1 73  ? 6.224   17.017  -3.801  1.00 26.95 ? 549 HIS A NE2 1 
ATOM   538 N N   . GLU A 1 74  ? 6.498   12.993  1.763   1.00 17.52 ? 550 GLU A N   1 
ATOM   539 C CA  . GLU A 1 74  ? 7.073   12.293  2.918   1.00 16.80 ? 550 GLU A CA  1 
ATOM   540 C C   . GLU A 1 74  ? 8.159   11.329  2.444   1.00 16.11 ? 550 GLU A C   1 
ATOM   541 O O   . GLU A 1 74  ? 8.047   10.747  1.366   1.00 15.11 ? 550 GLU A O   1 
ATOM   542 C CB  . GLU A 1 74  ? 6.006   11.508  3.707   1.00 16.76 ? 550 GLU A CB  1 
ATOM   543 C CG  . GLU A 1 74  ? 4.948   12.353  4.404   1.00 16.88 ? 550 GLU A CG  1 
ATOM   544 C CD  . GLU A 1 74  ? 3.746   12.708  3.535   1.00 16.85 ? 550 GLU A CD  1 
ATOM   545 O OE1 . GLU A 1 74  ? 3.795   12.520  2.296   1.00 16.57 ? 550 GLU A OE1 1 
ATOM   546 O OE2 . GLU A 1 74  ? 2.735   13.195  4.092   1.00 16.96 ? 550 GLU A OE2 1 
ATOM   547 N N   . SER A 1 75  ? 9.222   11.180  3.239   1.00 16.04 ? 551 SER A N   1 
ATOM   548 C CA  . SER A 1 75  ? 10.286  10.222  2.907   1.00 16.39 ? 551 SER A CA  1 
ATOM   549 C C   . SER A 1 75  ? 9.931   8.789   3.318   1.00 16.05 ? 551 SER A C   1 
ATOM   550 O O   . SER A 1 75  ? 10.498  7.835   2.779   1.00 16.34 ? 551 SER A O   1 
ATOM   551 C CB  . SER A 1 75  ? 11.602  10.642  3.559   1.00 16.72 ? 551 SER A CB  1 
ATOM   552 O OG  . SER A 1 75  ? 11.458  10.665  4.961   1.00 17.53 ? 551 SER A OG  1 
ATOM   553 N N   . HIS A 1 76  ? 9.022   8.639   4.285   1.00 15.97 ? 552 HIS A N   1 
ATOM   554 C CA  . HIS A 1 76  ? 8.549   7.328   4.747   1.00 16.25 ? 552 HIS A CA  1 
ATOM   555 C C   . HIS A 1 76  ? 7.049   7.346   5.001   1.00 15.87 ? 552 HIS A C   1 
ATOM   556 O O   . HIS A 1 76  ? 6.509   8.365   5.424   1.00 14.38 ? 552 HIS A O   1 
ATOM   557 C CB  . HIS A 1 76  ? 9.268   6.938   6.039   1.00 17.02 ? 552 HIS A CB  1 
ATOM   558 C CG  . HIS A 1 76  ? 10.746  6.775   5.876   1.00 17.50 ? 552 HIS A CG  1 
ATOM   559 N ND1 . HIS A 1 76  ? 11.619  7.840   5.891   1.00 18.33 ? 552 HIS A ND1 1 
ATOM   560 C CD2 . HIS A 1 76  ? 11.504  5.673   5.670   1.00 17.78 ? 552 HIS A CD2 1 
ATOM   561 C CE1 . HIS A 1 76  ? 12.851  7.399   5.711   1.00 17.89 ? 552 HIS A CE1 1 
ATOM   562 N NE2 . HIS A 1 76  ? 12.808  6.088   5.576   1.00 18.27 ? 552 HIS A NE2 1 
ATOM   563 N N   . LEU A 1 77  ? 6.385   6.214   4.756   1.00 16.00 ? 553 LEU A N   1 
ATOM   564 C CA  . LEU A 1 77  ? 4.961   6.058   5.087   1.00 16.86 ? 553 LEU A CA  1 
ATOM   565 C C   . LEU A 1 77  ? 4.705   6.318   6.567   1.00 17.86 ? 553 LEU A C   1 
ATOM   566 O O   . LEU A 1 77  ? 3.625   6.774   6.929   1.00 16.80 ? 553 LEU A O   1 
ATOM   567 C CB  . LEU A 1 77  ? 4.436   4.661   4.725   1.00 17.03 ? 553 LEU A CB  1 
ATOM   568 C CG  . LEU A 1 77  ? 4.069   4.366   3.271   1.00 16.87 ? 553 LEU A CG  1 
ATOM   569 C CD1 . LEU A 1 77  ? 3.670   2.902   3.117   1.00 17.22 ? 553 LEU A CD1 1 
ATOM   570 C CD2 . LEU A 1 77  ? 2.957   5.279   2.760   1.00 16.67 ? 553 LEU A CD2 1 
ATOM   571 N N   . SER A 1 78  ? 5.709   6.055   7.409   1.00 19.11 ? 554 SER A N   1 
ATOM   572 C CA  . SER A 1 78  ? 5.608   6.312   8.853   1.00 20.79 ? 554 SER A CA  1 
ATOM   573 C C   . SER A 1 78  ? 5.421   7.788   9.240   1.00 20.83 ? 554 SER A C   1 
ATOM   574 O O   . SER A 1 78  ? 4.932   8.064   10.338  1.00 22.44 ? 554 SER A O   1 
ATOM   575 C CB  . SER A 1 78  ? 6.826   5.725   9.588   1.00 21.27 ? 554 SER A CB  1 
ATOM   576 O OG  . SER A 1 78  ? 7.998   6.483   9.350   1.00 22.94 ? 554 SER A OG  1 
ATOM   577 N N   . LEU A 1 79  ? 5.813   8.712   8.358   1.00 20.20 ? 555 LEU A N   1 
ATOM   578 C CA  . LEU A 1 79  ? 5.651   10.156  8.567   1.00 20.43 ? 555 LEU A CA  1 
ATOM   579 C C   . LEU A 1 79  ? 4.327   10.718  8.032   1.00 18.53 ? 555 LEU A C   1 
ATOM   580 O O   . LEU A 1 79  ? 4.031   11.892  8.241   1.00 19.70 ? 555 LEU A O   1 
ATOM   581 C CB  . LEU A 1 79  ? 6.805   10.913  7.909   1.00 21.55 ? 555 LEU A CB  1 
ATOM   582 C CG  . LEU A 1 79  ? 8.213   10.477  8.340   1.00 22.78 ? 555 LEU A CG  1 
ATOM   583 C CD1 . LEU A 1 79  ? 9.251   11.168  7.479   1.00 23.60 ? 555 LEU A CD1 1 
ATOM   584 C CD2 . LEU A 1 79  ? 8.439   10.773  9.819   1.00 23.63 ? 555 LEU A CD2 1 
ATOM   585 N N   . CYS A 1 80  ? 3.545   9.901   7.329   1.00 17.06 ? 556 CYS A N   1 
ATOM   586 C CA  . CYS A 1 80  ? 2.242   10.330  6.835   1.00 15.53 ? 556 CYS A CA  1 
ATOM   587 C C   . CYS A 1 80  ? 1.239   10.359  7.985   1.00 15.20 ? 556 CYS A C   1 
ATOM   588 O O   . CYS A 1 80  ? 1.267   9.474   8.851   1.00 14.15 ? 556 CYS A O   1 
ATOM   589 C CB  . CYS A 1 80  ? 1.723   9.384   5.750   1.00 15.37 ? 556 CYS A CB  1 
ATOM   590 S SG  . CYS A 1 80  ? 2.747   9.370   4.269   1.00 15.15 ? 556 CYS A SG  1 
ATOM   591 N N   . PRO A 1 81  ? 0.351   11.369  7.996   1.00 14.60 ? 557 PRO A N   1 
ATOM   592 C CA  . PRO A 1 81  ? -0.773  11.342  8.926   1.00 14.31 ? 557 PRO A CA  1 
ATOM   593 C C   . PRO A 1 81  ? -1.696  10.168  8.629   1.00 13.78 ? 557 PRO A C   1 
ATOM   594 O O   . PRO A 1 81  ? -1.780  9.706   7.499   1.00 12.72 ? 557 PRO A O   1 
ATOM   595 C CB  . PRO A 1 81  ? -1.512  12.660  8.676   1.00 14.71 ? 557 PRO A CB  1 
ATOM   596 C CG  . PRO A 1 81  ? -0.803  13.379  7.606   1.00 14.76 ? 557 PRO A CG  1 
ATOM   597 C CD  . PRO A 1 81  ? 0.379   12.585  7.161   1.00 14.61 ? 557 PRO A CD  1 
ATOM   598 N N   . VAL A 1 82  ? -2.397  9.733   9.662   1.00 14.28 ? 558 VAL A N   1 
ATOM   599 C CA  . VAL A 1 82  ? -3.204  8.531   9.636   1.00 14.77 ? 558 VAL A CA  1 
ATOM   600 C C   . VAL A 1 82  ? -4.645  8.918   9.994   1.00 14.41 ? 558 VAL A C   1 
ATOM   601 O O   . VAL A 1 82  ? -4.868  9.916   10.676  1.00 14.03 ? 558 VAL A O   1 
ATOM   602 C CB  . VAL A 1 82  ? -2.510  7.511   10.591  1.00 16.19 ? 558 VAL A CB  1 
ATOM   603 C CG1 . VAL A 1 82  ? -3.421  6.913   11.649  1.00 16.83 ? 558 VAL A CG1 1 
ATOM   604 C CG2 . VAL A 1 82  ? -1.732  6.473   9.786   1.00 16.61 ? 558 VAL A CG2 1 
ATOM   605 N N   . ALA A 1 83  ? -5.615  8.150   9.497   1.00 14.20 ? 559 ALA A N   1 
ATOM   606 C CA  . ALA A 1 83  ? -7.035  8.327   9.838   1.00 14.15 ? 559 ALA A CA  1 
ATOM   607 C C   . ALA A 1 83  ? -7.744  6.986   9.780   1.00 14.34 ? 559 ALA A C   1 
ATOM   608 O O   . ALA A 1 83  ? -7.268  6.078   9.105   1.00 13.83 ? 559 ALA A O   1 
ATOM   609 C CB  . ALA A 1 83  ? -7.707  9.292   8.877   1.00 14.43 ? 559 ALA A CB  1 
ATOM   610 N N   . PRO A 1 84  ? -8.907  6.858   10.445  1.00 14.75 ? 560 PRO A N   1 
ATOM   611 C CA  . PRO A 1 84  ? -9.600  5.574   10.322  1.00 15.60 ? 560 PRO A CA  1 
ATOM   612 C C   . PRO A 1 84  ? -10.154 5.361   8.913   1.00 16.56 ? 560 PRO A C   1 
ATOM   613 O O   . PRO A 1 84  ? -10.589 6.315   8.267   1.00 17.16 ? 560 PRO A O   1 
ATOM   614 C CB  . PRO A 1 84  ? -10.737 5.658   11.353  1.00 15.55 ? 560 PRO A CB  1 
ATOM   615 C CG  . PRO A 1 84  ? -10.823 7.072   11.781  1.00 15.30 ? 560 PRO A CG  1 
ATOM   616 C CD  . PRO A 1 84  ? -9.574  7.791   11.373  1.00 14.96 ? 560 PRO A CD  1 
ATOM   617 N N   . ARG A 1 85  ? -10.139 4.118   8.452   1.00 18.37 ? 561 ARG A N   1 
ATOM   618 C CA  . ARG A 1 85  ? -10.791 3.753   7.189   1.00 19.96 ? 561 ARG A CA  1 
ATOM   619 C C   . ARG A 1 85  ? -12.329 3.828   7.365   1.00 21.89 ? 561 ARG A C   1 
ATOM   620 O O   . ARG A 1 85  ? -12.796 3.949   8.499   1.00 21.86 ? 561 ARG A O   1 
ATOM   621 C CB  . ARG A 1 85  ? -10.272 2.385   6.715   1.00 20.09 ? 561 ARG A CB  1 
ATOM   622 C CG  . ARG A 1 85  ? -10.863 1.152   7.398   1.00 19.97 ? 561 ARG A CG  1 
ATOM   623 C CD  . ARG A 1 85  ? -10.498 -0.105  6.627   1.00 20.08 ? 561 ARG A CD  1 
ATOM   624 N NE  . ARG A 1 85  ? -10.844 0.074   5.216   1.00 20.30 ? 561 ARG A NE  1 
ATOM   625 C CZ  . ARG A 1 85  ? -12.073 -0.028  4.702   1.00 20.73 ? 561 ARG A CZ  1 
ATOM   626 N NH1 . ARG A 1 85  ? -13.125 -0.383  5.441   1.00 20.39 ? 561 ARG A NH1 1 
ATOM   627 N NH2 . ARG A 1 85  ? -12.244 0.208   3.404   1.00 20.99 ? 561 ARG A NH2 1 
ATOM   628 N N   . PRO A 1 86  ? -13.100 3.774   6.298   1.00 24.79 ? 562 PRO A N   1 
ATOM   629 C CA  . PRO A 1 86  ? -14.532 3.962   6.466   1.00 28.97 ? 562 PRO A CA  1 
ATOM   630 C C   . PRO A 1 86  ? -15.060 2.784   7.200   1.00 33.08 ? 562 PRO A C   1 
ATOM   631 O O   . PRO A 1 86  ? -14.407 1.779   7.370   1.00 39.18 ? 562 PRO A O   1 
ATOM   632 C CB  . PRO A 1 86  ? -15.083 3.951   5.006   1.00 27.49 ? 562 PRO A CB  1 
ATOM   633 C CG  . PRO A 1 86  ? -14.011 3.382   4.204   1.00 26.34 ? 562 PRO A CG  1 
ATOM   634 C CD  . PRO A 1 86  ? -12.750 3.808   4.889   1.00 25.60 ? 562 PRO A CD  1 
ATOM   635 N N   . ASP A 1 87  ? -16.279 2.923   7.599   1.00 38.09 ? 563 ASP A N   1 
ATOM   636 C CA  . ASP A 1 87  ? -17.054 1.961   8.326   1.00 39.86 ? 563 ASP A CA  1 
ATOM   637 C C   . ASP A 1 87  ? -16.955 0.595   7.716   1.00 38.84 ? 563 ASP A C   1 
ATOM   638 O O   . ASP A 1 87  ? -17.226 0.492   6.561   1.00 43.23 ? 563 ASP A O   1 
ATOM   639 C CB  . ASP A 1 87  ? -18.503 2.487   8.073   1.00 42.96 ? 563 ASP A CB  1 
ATOM   640 C CG  . ASP A 1 87  ? -19.596 1.469   8.350   1.00 45.08 ? 563 ASP A CG  1 
ATOM   641 O OD1 . ASP A 1 87  ? -19.975 1.446   9.501   1.00 46.20 ? 563 ASP A OD1 1 
ATOM   642 O OD2 . ASP A 1 87  ? -20.127 0.749   7.428   1.00 48.05 ? 563 ASP A OD2 1 
ATOM   643 N N   . GLY A 1 88  ? -16.590 -0.419  8.507   1.00 36.00 ? 564 GLY A N   1 
ATOM   644 C CA  . GLY A 1 88  ? -16.322 -1.805  8.130   1.00 34.24 ? 564 GLY A CA  1 
ATOM   645 C C   . GLY A 1 88  ? -14.891 -2.318  7.837   1.00 31.84 ? 564 GLY A C   1 
ATOM   646 O O   . GLY A 1 88  ? -14.022 -1.534  7.925   1.00 29.94 ? 564 GLY A O   1 
ATOM   647 N N   . THR A 1 89  ? -14.670 -3.636  7.543   1.00 29.25 ? 565 THR A N   1 
ATOM   648 C CA  . THR A 1 89  ? -13.426 -4.144  6.957   1.00 27.37 ? 565 THR A CA  1 
ATOM   649 C C   . THR A 1 89  ? -13.630 -4.490  5.478   1.00 24.28 ? 565 THR A C   1 
ATOM   650 O O   . THR A 1 89  ? -14.761 -4.652  5.006   1.00 23.80 ? 565 THR A O   1 
ATOM   651 C CB  . THR A 1 89  ? -12.913 -5.393  7.729   1.00 28.87 ? 565 THR A CB  1 
ATOM   652 O OG1 . THR A 1 89  ? -13.118 -5.213  9.138   1.00 29.93 ? 565 THR A OG1 1 
ATOM   653 C CG2 . THR A 1 89  ? -11.405 -5.641  7.478   1.00 29.66 ? 565 THR A CG2 1 
ATOM   654 N N   . CYS A 1 90  ? -12.526 -4.530  4.744   1.00 21.53 ? 566 CYS A N   1 
ATOM   655 C CA  . CYS A 1 90  ? -12.495 -5.039  3.385   1.00 19.70 ? 566 CYS A CA  1 
ATOM   656 C C   . CYS A 1 90  ? -12.127 -6.507  3.401   1.00 17.76 ? 566 CYS A C   1 
ATOM   657 O O   . CYS A 1 90  ? -11.593 -7.012  4.381   1.00 18.10 ? 566 CYS A O   1 
ATOM   658 C CB  . CYS A 1 90  ? -11.426 -4.304  2.563   1.00 19.96 ? 566 CYS A CB  1 
ATOM   659 S SG  . CYS A 1 90  ? -11.610 -2.511  2.493   1.00 21.38 ? 566 CYS A SG  1 
ATOM   660 N N   . SER A 1 91  ? -12.386 -7.168  2.288   1.00 15.55 ? 567 SER A N   1 
ATOM   661 C CA  . SER A 1 91  ? -11.851 -8.499  2.017   1.00 14.03 ? 567 SER A CA  1 
ATOM   662 C C   . SER A 1 91  ? -10.448 -8.349  1.435   1.00 12.36 ? 567 SER A C   1 
ATOM   663 O O   . SER A 1 91  ? -10.123 -7.319  0.849   1.00 11.56 ? 567 SER A O   1 
ATOM   664 C CB  . SER A 1 91  ? -12.739 -9.198  0.990   1.00 14.74 ? 567 SER A CB  1 
ATOM   665 O OG  . SER A 1 91  ? -12.093 -10.286 0.374   1.00 16.61 ? 567 SER A OG  1 
ATOM   666 N N   . HIS A 1 92  ? -9.650  -9.405  1.525   1.00 11.02 ? 568 HIS A N   1 
ATOM   667 C CA  . HIS A 1 92  ? -8.372  -9.447  0.820   1.00 10.53 ? 568 HIS A CA  1 
ATOM   668 C C   . HIS A 1 92  ? -8.505  -9.404  -0.708  1.00 10.58 ? 568 HIS A C   1 
ATOM   669 O O   . HIS A 1 92  ? -7.536  -9.102  -1.395  1.00 10.10 ? 568 HIS A O   1 
ATOM   670 C CB  . HIS A 1 92  ? -7.547  -10.661 1.246   1.00 10.41 ? 568 HIS A CB  1 
ATOM   671 C CG  . HIS A 1 92  ? -6.847  -10.456 2.544   1.00 10.57 ? 568 HIS A CG  1 
ATOM   672 N ND1 . HIS A 1 92  ? -7.214  -11.110 3.699   1.00 10.48 ? 568 HIS A ND1 1 
ATOM   673 C CD2 . HIS A 1 92  ? -5.810  -9.651  2.880   1.00 10.08 ? 568 HIS A CD2 1 
ATOM   674 C CE1 . HIS A 1 92  ? -6.428  -10.724 4.686   1.00 10.05 ? 568 HIS A CE1 1 
ATOM   675 N NE2 . HIS A 1 92  ? -5.581  -9.828  4.222   1.00 10.41 ? 568 HIS A NE2 1 
ATOM   676 N N   . SER A 1 93  ? -9.695  -9.694  -1.232  1.00 10.57 ? 569 SER A N   1 
ATOM   677 C CA  . SER A 1 93  ? -9.972  -9.529  -2.662  1.00 11.21 ? 569 SER A CA  1 
ATOM   678 C C   . SER A 1 93  ? -9.763  -8.077  -3.156  1.00 11.17 ? 569 SER A C   1 
ATOM   679 O O   . SER A 1 93  ? -9.668  -7.846  -4.361  1.00 11.43 ? 569 SER A O   1 
ATOM   680 C CB  . SER A 1 93  ? -11.411 -9.962  -2.965  1.00 11.36 ? 569 SER A CB  1 
ATOM   681 O OG  . SER A 1 93  ? -12.320 -9.042  -2.385  1.00 12.13 ? 569 SER A OG  1 
ATOM   682 N N   . ARG A 1 94  ? -9.736  -7.125  -2.223  1.00 11.74 ? 570 ARG A N   1 
ATOM   683 C CA  . ARG A 1 94  ? -9.560  -5.706  -2.521  1.00 12.84 ? 570 ARG A CA  1 
ATOM   684 C C   . ARG A 1 94  ? -8.147  -5.187  -2.195  1.00 11.56 ? 570 ARG A C   1 
ATOM   685 O O   . ARG A 1 94  ? -7.917  -3.971  -2.215  1.00 11.62 ? 570 ARG A O   1 
ATOM   686 C CB  . ARG A 1 94  ? -10.595 -4.908  -1.714  1.00 15.04 ? 570 ARG A CB  1 
ATOM   687 C CG  . ARG A 1 94  ? -12.018 -5.455  -1.834  1.00 17.28 ? 570 ARG A CG  1 
ATOM   688 C CD  . ARG A 1 94  ? -13.036 -4.593  -1.105  1.00 20.33 ? 570 ARG A CD  1 
ATOM   689 N NE  . ARG A 1 94  ? -13.004 -3.238  -1.618  1.00 22.50 ? 570 ARG A NE  1 
ATOM   690 C CZ  . ARG A 1 94  ? -13.522 -2.169  -1.023  1.00 24.20 ? 570 ARG A CZ  1 
ATOM   691 N NH1 . ARG A 1 94  ? -14.160 -2.220  0.146   1.00 25.07 ? 570 ARG A NH1 1 
ATOM   692 N NH2 . ARG A 1 94  ? -13.390 -1.018  -1.635  1.00 26.30 ? 570 ARG A NH2 1 
ATOM   693 N N   . ASP A 1 95  ? -7.209  -6.077  -1.875  1.00 10.48 ? 571 ASP A N   1 
ATOM   694 C CA  . ASP A 1 95  ? -5.835  -5.643  -1.547  1.00 9.90  ? 571 ASP A CA  1 
ATOM   695 C C   . ASP A 1 95  ? -5.223  -4.868  -2.720  1.00 9.42  ? 571 ASP A C   1 
ATOM   696 O O   . ASP A 1 95  ? -5.324  -5.302  -3.870  1.00 9.14  ? 571 ASP A O   1 
ATOM   697 C CB  . ASP A 1 95  ? -4.935  -6.832  -1.219  1.00 10.01 ? 571 ASP A CB  1 
ATOM   698 C CG  . ASP A 1 95  ? -5.206  -7.433  0.149   1.00 10.29 ? 571 ASP A CG  1 
ATOM   699 O OD1 . ASP A 1 95  ? -5.844  -6.798  1.026   1.00 10.98 ? 571 ASP A OD1 1 
ATOM   700 O OD2 . ASP A 1 95  ? -4.736  -8.571  0.343   1.00 10.34 ? 571 ASP A OD2 1 
ATOM   701 N N   . VAL A 1 96  ? -4.623  -3.722  -2.420  1.00 8.70  ? 572 VAL A N   1 
ATOM   702 C CA  . VAL A 1 96  ? -4.091  -2.823  -3.441  1.00 8.70  ? 572 VAL A CA  1 
ATOM   703 C C   . VAL A 1 96  ? -2.676  -3.212  -3.851  1.00 8.69  ? 572 VAL A C   1 
ATOM   704 O O   . VAL A 1 96  ? -1.903  -3.784  -3.063  1.00 8.38  ? 572 VAL A O   1 
ATOM   705 C CB  . VAL A 1 96  ? -4.103  -1.351  -2.962  1.00 8.59  ? 572 VAL A CB  1 
ATOM   706 C CG1 . VAL A 1 96  ? -2.987  -1.074  -1.968  1.00 8.60  ? 572 VAL A CG1 1 
ATOM   707 C CG2 . VAL A 1 96  ? -4.047  -0.382  -4.151  1.00 8.74  ? 572 VAL A CG2 1 
ATOM   708 N N   . GLY A 1 97  ? -2.350  -2.876  -5.091  1.00 9.20  ? 573 GLY A N   1 
ATOM   709 C CA  . GLY A 1 97  ? -1.027  -3.101  -5.654  1.00 9.47  ? 573 GLY A CA  1 
ATOM   710 C C   . GLY A 1 97  ? -0.567  -1.864  -6.385  1.00 9.75  ? 573 GLY A C   1 
ATOM   711 O O   . GLY A 1 97  ? -1.355  -0.976  -6.677  1.00 9.66  ? 573 GLY A O   1 
ATOM   712 N N   . VAL A 1 98  ? 0.724   -1.816  -6.661  1.00 10.57 ? 574 VAL A N   1 
ATOM   713 C CA  . VAL A 1 98  ? 1.354   -0.670  -7.318  1.00 11.13 ? 574 VAL A CA  1 
ATOM   714 C C   . VAL A 1 98  ? 2.379   -1.138  -8.341  1.00 11.06 ? 574 VAL A C   1 
ATOM   715 O O   . VAL A 1 98  ? 2.966   -2.204  -8.195  1.00 10.82 ? 574 VAL A O   1 
ATOM   716 C CB  . VAL A 1 98  ? 2.041   0.274   -6.299  1.00 11.64 ? 574 VAL A CB  1 
ATOM   717 C CG1 . VAL A 1 98  ? 1.037   0.781   -5.277  1.00 11.98 ? 574 VAL A CG1 1 
ATOM   718 C CG2 . VAL A 1 98  ? 3.212   -0.406  -5.605  1.00 12.02 ? 574 VAL A CG2 1 
ATOM   719 N N   . VAL A 1 99  ? 2.564   -0.334  -9.385  1.00 11.32 ? 575 VAL A N   1 
ATOM   720 C CA  . VAL A 1 99  ? 3.712   -0.428  -10.289 1.00 11.70 ? 575 VAL A CA  1 
ATOM   721 C C   . VAL A 1 99  ? 4.453   0.906   -10.161 1.00 12.10 ? 575 VAL A C   1 
ATOM   722 O O   . VAL A 1 99  ? 3.892   1.954   -10.468 1.00 12.05 ? 575 VAL A O   1 
ATOM   723 C CB  . VAL A 1 99  ? 3.274   -0.676  -11.757 1.00 11.88 ? 575 VAL A CB  1 
ATOM   724 C CG1 . VAL A 1 99  ? 4.451   -0.524  -12.726 1.00 11.98 ? 575 VAL A CG1 1 
ATOM   725 C CG2 . VAL A 1 99  ? 2.628   -2.053  -11.891 1.00 12.21 ? 575 VAL A CG2 1 
ATOM   726 N N   . CYS A 1 100 ? 5.692   0.873   -9.675  1.00 12.30 ? 576 CYS A N   1 
ATOM   727 C CA  . CYS A 1 100 ? 6.547   2.049   -9.587  1.00 13.50 ? 576 CYS A CA  1 
ATOM   728 C C   . CYS A 1 100 ? 7.424   2.098   -10.829 1.00 14.74 ? 576 CYS A C   1 
ATOM   729 O O   . CYS A 1 100 ? 7.695   1.124   -11.372 1.00 15.33 ? 576 CYS A O   1 
ATOM   730 C CB  . CYS A 1 100 ? 7.453   2.025   -8.374  1.00 13.20 ? 576 CYS A CB  1 
ATOM   731 S SG  . CYS A 1 100 ? 6.600   1.791   -6.798  1.00 12.83 ? 576 CYS A SG  1 
ATOM   732 N N   . SER A 1 101 ? 7.886   3.278   -11.196 1.00 16.77 ? 577 SER A N   1 
ATOM   733 C CA  . SER A 1 101 ? 8.521   3.506   -12.493 1.00 18.90 ? 577 SER A CA  1 
ATOM   734 C C   . SER A 1 101 ? 9.685   2.617   -12.880 1.00 20.70 ? 577 SER A C   1 
ATOM   735 O O   . SER A 1 101 ? 10.144  2.638   -14.052 1.00 22.24 ? 577 SER A O   1 
ATOM   736 C CB  . SER A 1 101 ? 9.041   4.956   -12.563 1.00 19.43 ? 577 SER A CB  1 
ATOM   737 O OG  . SER A 1 101 ? 9.630   5.297   -11.394 1.00 19.80 ? 577 SER A OG  1 
HETATM 738 O O   . HOH B 2 .   ? -3.056  10.279  0.746   1.00 17.10 ? 601 HOH A O   1 
HETATM 739 O O   . HOH B 2 .   ? -11.120 -12.553 -0.536  1.00 35.45 ? 602 HOH A O   1 
HETATM 740 O O   . HOH B 2 .   ? 6.814   -1.786  6.410   1.00 21.61 ? 603 HOH A O   1 
HETATM 741 O O   . HOH B 2 .   ? -11.994 -9.082  6.000   1.00 21.83 ? 604 HOH A O   1 
HETATM 742 O O   . HOH B 2 .   ? -2.279  -4.720  -0.276  1.00 9.58  ? 605 HOH A O   1 
HETATM 743 O O   . HOH B 2 .   ? 7.031   -7.912  -5.937  1.00 14.04 ? 606 HOH A O   1 
HETATM 744 O O   . HOH B 2 .   ? -6.348  -0.215  14.692  1.00 26.37 ? 607 HOH A O   1 
HETATM 745 O O   . HOH B 2 .   ? -4.543  1.620   4.744   1.00 16.13 ? 608 HOH A O   1 
HETATM 746 O O   . HOH B 2 .   ? -15.752 -0.351  4.435   1.00 30.47 ? 609 HOH A O   1 
HETATM 747 O O   . HOH B 2 .   ? -3.785  3.858   3.101   1.00 15.33 ? 610 HOH A O   1 
HETATM 748 O O   . HOH B 2 .   ? 6.788   -12.068 -15.861 1.00 16.83 ? 611 HOH A O   1 
HETATM 749 O O   . HOH B 2 .   ? -10.354 -11.356 3.304   1.00 14.54 ? 612 HOH A O   1 
HETATM 750 O O   . HOH B 2 .   ? -4.254  -5.336  -6.393  1.00 14.14 ? 613 HOH A O   1 
HETATM 751 O O   . HOH B 2 .   ? -0.447  -11.051 2.913   1.00 24.08 ? 614 HOH A O   1 
HETATM 752 O O   . HOH B 2 .   ? 2.379   -10.827 9.417   1.00 26.54 ? 615 HOH A O   1 
HETATM 753 O O   . HOH B 2 .   ? -6.751  3.052   -4.484  1.00 13.65 ? 616 HOH A O   1 
HETATM 754 O O   . HOH B 2 .   ? -14.519 0.084   1.845   1.00 25.74 ? 617 HOH A O   1 
HETATM 755 O O   . HOH B 2 .   ? 9.634   -6.381  -4.160  1.00 26.70 ? 618 HOH A O   1 
HETATM 756 O O   . HOH B 2 .   ? 3.053   -11.736 1.892   1.00 25.47 ? 619 HOH A O   1 
HETATM 757 O O   . HOH B 2 .   ? 2.758   15.125  6.076   1.00 30.25 ? 620 HOH A O   1 
HETATM 758 O O   . HOH B 2 .   ? -8.153  -5.240  1.406   1.00 13.98 ? 621 HOH A O   1 
HETATM 759 O O   . HOH B 2 .   ? 1.640   6.599   8.938   1.00 24.22 ? 622 HOH A O   1 
HETATM 760 O O   . HOH B 2 .   ? 13.157  7.313   1.950   1.00 24.65 ? 623 HOH A O   1 
HETATM 761 O O   . HOH B 2 .   ? 7.895   8.968   -5.582  1.00 23.96 ? 624 HOH A O   1 
HETATM 762 O O   . HOH B 2 .   ? -6.354  -0.624  4.372   1.00 11.85 ? 625 HOH A O   1 
HETATM 763 O O   . HOH B 2 .   ? -4.278  7.074   1.114   1.00 14.52 ? 626 HOH A O   1 
HETATM 764 O O   . HOH B 2 .   ? 11.258  1.573   5.760   1.00 35.68 ? 627 HOH A O   1 
HETATM 765 O O   . HOH B 2 .   ? 13.941  7.340   -3.687  1.00 35.36 ? 628 HOH A O   1 
HETATM 766 O O   . HOH B 2 .   ? 10.664  -3.202  -3.541  1.00 38.90 ? 629 HOH A O   1 
HETATM 767 O O   . HOH B 2 .   ? 11.143  -4.571  12.397  1.00 41.02 ? 630 HOH A O   1 
HETATM 768 O O   . HOH B 2 .   ? -2.331  -7.481  -5.512  1.00 17.97 ? 631 HOH A O   1 
HETATM 769 O O   . HOH B 2 .   ? -1.059  -10.414 9.419   1.00 19.07 ? 632 HOH A O   1 
HETATM 770 O O   . HOH B 2 .   ? -6.825  -1.875  -11.497 1.00 21.12 ? 633 HOH A O   1 
HETATM 771 O O   . HOH B 2 .   ? 12.680  1.727   -12.906 1.00 33.82 ? 634 HOH A O   1 
HETATM 772 O O   . HOH B 2 .   ? 9.683   13.427  5.102   1.00 23.87 ? 635 HOH A O   1 
HETATM 773 O O   . HOH B 2 .   ? -3.356  4.302   -11.363 0.50 46.34 ? 636 HOH A O   1 
HETATM 774 O O   . HOH B 2 .   ? 7.400   -11.238 -3.977  1.00 21.77 ? 637 HOH A O   1 
HETATM 775 O O   . HOH B 2 .   ? 12.385  4.674   -12.345 1.00 38.95 ? 638 HOH A O   1 
HETATM 776 O O   . HOH B 2 .   ? 9.662   -5.001  -1.468  1.00 20.03 ? 639 HOH A O   1 
HETATM 777 O O   . HOH B 2 .   ? 5.029   7.694   -13.265 1.00 39.01 ? 640 HOH A O   1 
HETATM 778 O O   . HOH B 2 .   ? 13.516  4.559   2.941   1.00 34.09 ? 641 HOH A O   1 
HETATM 779 O O   . HOH B 2 .   ? 13.192  -2.010  -3.650  1.00 33.87 ? 642 HOH A O   1 
HETATM 780 O O   . HOH B 2 .   ? -5.640  -15.486 0.807   1.00 30.67 ? 643 HOH A O   1 
HETATM 781 O O   . HOH B 2 .   ? 8.247   -1.829  -11.416 1.00 25.41 ? 644 HOH A O   1 
HETATM 782 O O   . HOH B 2 .   ? -14.858 -6.400  0.724   1.00 29.37 ? 645 HOH A O   1 
HETATM 783 O O   . HOH B 2 .   ? 11.020  -3.686  0.681   1.00 24.28 ? 646 HOH A O   1 
HETATM 784 O O   . HOH B 2 .   ? 5.367   13.361  -4.586  1.00 33.68 ? 647 HOH A O   1 
HETATM 785 O O   . HOH B 2 .   ? 0.831   -9.191  4.707   1.00 33.59 ? 648 HOH A O   1 
HETATM 786 O O   . HOH B 2 .   ? 0.363   -13.768 2.528   1.00 38.16 ? 649 HOH A O   1 
HETATM 787 O O   . HOH B 2 .   ? 9.983   -8.130  4.458   1.00 31.02 ? 650 HOH A O   1 
HETATM 788 O O   . HOH B 2 .   ? -0.171  -10.114 -11.924 1.00 36.06 ? 651 HOH A O   1 
HETATM 789 O O   . HOH B 2 .   ? 12.015  -3.252  -10.321 1.00 21.76 ? 652 HOH A O   1 
HETATM 790 O O   . HOH B 2 .   ? 2.752   -12.982 -2.843  1.00 41.03 ? 653 HOH A O   1 
HETATM 791 O O   . HOH B 2 .   ? -17.663 -4.917  6.256   1.00 35.48 ? 654 HOH A O   1 
HETATM 792 O O   . HOH B 2 .   ? 11.446  -4.188  8.062   1.00 41.15 ? 655 HOH A O   1 
HETATM 793 O O   . HOH B 2 .   ? 9.958   11.102  -5.829  1.00 36.55 ? 656 HOH A O   1 
HETATM 794 O O   . HOH B 2 .   ? 3.869   10.811  -8.203  1.00 40.20 ? 657 HOH A O   1 
HETATM 795 O O   . HOH B 2 .   ? 9.516   -2.143  7.461   1.00 32.05 ? 658 HOH A O   1 
HETATM 796 O O   . HOH B 2 .   ? 10.060  -6.813  13.979  1.00 39.19 ? 659 HOH A O   1 
HETATM 797 O O   . HOH B 2 .   ? 11.290  -7.126  8.700   1.00 38.80 ? 660 HOH A O   1 
HETATM 798 O O   . HOH B 2 .   ? -2.830  -6.086  16.254  1.00 31.19 ? 661 HOH A O   1 
HETATM 799 O O   . HOH B 2 .   ? -16.009 -8.700  2.865   1.00 42.32 ? 662 HOH A O   1 
HETATM 800 O O   . HOH B 2 .   ? -7.800  7.552   -0.513  0.50 57.31 ? 663 HOH A O   1 
HETATM 801 O O   . HOH B 2 .   ? 3.841   2.903   9.333   1.00 39.96 ? 664 HOH A O   1 
HETATM 802 O O   . HOH B 2 .   ? 11.029  -1.419  -12.403 1.00 43.32 ? 665 HOH A O   1 
HETATM 803 O O   . HOH B 2 .   ? 5.058   11.672  -10.857 1.00 34.16 ? 666 HOH A O   1 
HETATM 804 O O   . HOH B 2 .   ? 11.777  -7.573  16.292  1.00 43.82 ? 667 HOH A O   1 
HETATM 805 O O   . HOH B 2 .   ? 14.597  -2.739  -6.090  1.00 35.87 ? 668 HOH A O   1 
HETATM 806 O O   . HOH B 2 .   ? 1.757   4.377   10.751  1.00 38.62 ? 669 HOH A O   1 
HETATM 807 O O   . HOH B 2 .   ? 11.370  -6.520  1.757   1.00 38.04 ? 670 HOH A O   1 
HETATM 808 O O   . HOH B 2 .   ? 4.370   18.034  6.231   1.00 35.92 ? 671 HOH A O   1 
HETATM 809 O O   . HOH B 2 .   ? 13.362  -3.659  -12.971 1.00 39.73 ? 672 HOH A O   1 
# 
